data_5CDR
#
_entry.id   5CDR
#
_cell.length_a   93.395
_cell.length_b   93.395
_cell.length_c   410.583
_cell.angle_alpha   90.000
_cell.angle_beta   90.000
_cell.angle_gamma   120.000
#
_symmetry.space_group_name_H-M   'P 61'
#
loop_
_entity.id
_entity.type
_entity.pdbx_description
1 polymer 'DNA gyrase subunit A'
2 polymer 'DNA gyrase subunit B,DNA gyrase subunit B'
3 polymer "DNA (5'-D(*AP*GP*CP*CP*GP*TP*AP*)-3')"
4 polymer "DNA (5'-D(*GP*GP*TP*AP*CP*CP*TP*AP*CP*GP*GP*CP*T)-3')"
5 polymer "DNA (5'-D(*AP*GP*CP*CP*GP*TP*AP*GP*GP*TP*AP*CP*CP*TP*AP*CP*GP*GP*CP*T)-3')"
6 non-polymer 'MANGANESE (II) ION'
7 non-polymer GLYCEROL
8 water water
#
loop_
_entity_poly.entity_id
_entity_poly.type
_entity_poly.pdbx_seq_one_letter_code
_entity_poly.pdbx_strand_id
1 'polypeptide(L)'
;INERNITSEMRESFLDYAMSVIVARALPDVRDGLKPVHRRILYGLNEQGMTPDKSYKKSARIVGDVMGKYHPHGDSSIYE
AMVRMAQDFSYRYPLVDGQGNFGSMDGDGAAAMRFTEARMTKITLELLRDINKDTIDFIDNYDGNEREPSVLPARFPNLL
ANGASGIAVGMATNIPPHNLTELINGVLSLSKNPDISIAELMEDIEGPDFPTAGLILGKSGIRRAYETGRGSIQMRSRAV
IEERGGGRQRIVVTEIPFQVNKARMIEKIAELVRDKKIDGITDLRDETSLRTGVRVVIDVRKDANASVILNNLYKQTPLQ
TSFGVNMIALVNGRPKLINLKEALVHYLEHQKTVVRRRTQYNLRKAKDRAHILEGLRIALDHIDEIISTIRESDTDKVAM
ESLQQRFKLSEKQAQAILDMRLRRLTGLERDKIEAEYNELLNYISELETILADEEVLLQLVRDELTEIRDRFGDDRRTEI
QLG
;
A,C
2 'polypeptide(L)'
;KLADCSSKSPEECEIFLVEGDSAGGSTKSGRDSRTQAILPLRGKILNVEKARLDRILNNNEIRQMITAFGTGIGGDFDLA
KARYHKIVIMTDADVDGAHIRTLLLTFFYRFMRPLIEAGYVYIAQPPTGYKGLGEMNADQLWETTMNPEHRALLQVKLED
AIEADQTFEMLMGDVVENRRQFIEDNAVYA
;
B,D
3 'polydeoxyribonucleotide' (DA)(DG)(DC)(DC)(DG)(DT)(DA)(DG) E
4 'polydeoxyribonucleotide' (DG)(DG)(DT)(DA)(DC)(DC)(DT)(DA)(DC)(DG)(DG)(DC)(DT) G
5 'polydeoxyribonucleotide' (DA)(DG)(DC)(DC)(DG)(DT)(DA)(DG)(DG)(DT)(DA)(DC)(DC)(DT)(DA)(DC)(DG)(DG)(DC)(DT) F
#
loop_
_chem_comp.id
_chem_comp.type
_chem_comp.name
_chem_comp.formula
DA DNA linking 2'-DEOXYADENOSINE-5'-MONOPHOSPHATE 'C10 H14 N5 O6 P'
DC DNA linking 2'-DEOXYCYTIDINE-5'-MONOPHOSPHATE 'C9 H14 N3 O7 P'
DG DNA linking 2'-DEOXYGUANOSINE-5'-MONOPHOSPHATE 'C10 H14 N5 O7 P'
DT DNA linking THYMIDINE-5'-MONOPHOSPHATE 'C10 H15 N2 O8 P'
GOL non-polymer GLYCEROL 'C3 H8 O3'
MN non-polymer 'MANGANESE (II) ION' 'Mn 2'
#
# COMPACT_ATOMS: atom_id res chain seq x y z
N ILE A 1 23.03 -1.40 -33.31
CA ILE A 1 22.88 0.05 -33.38
C ILE A 1 21.48 0.41 -33.89
N ASN A 2 21.20 0.14 -35.17
CA ASN A 2 19.92 0.38 -35.84
C ASN A 2 19.15 -0.94 -35.97
N GLU A 3 19.88 -2.05 -36.11
CA GLU A 3 19.34 -3.39 -36.32
C GLU A 3 19.66 -4.36 -35.20
N ARG A 4 18.88 -5.45 -35.12
CA ARG A 4 19.03 -6.52 -34.14
C ARG A 4 18.54 -7.84 -34.73
N ASN A 5 19.40 -8.87 -34.71
CA ASN A 5 19.09 -10.22 -35.20
C ASN A 5 18.15 -10.90 -34.18
N ILE A 6 16.99 -11.40 -34.65
CA ILE A 6 15.95 -12.04 -33.84
C ILE A 6 16.48 -13.21 -32.98
N THR A 7 17.39 -14.05 -33.54
CA THR A 7 18.01 -15.19 -32.84
C THR A 7 18.85 -14.71 -31.64
N SER A 8 19.71 -13.69 -31.84
CA SER A 8 20.56 -13.10 -30.80
C SER A 8 19.71 -12.41 -29.74
N GLU A 9 18.64 -11.70 -30.17
CA GLU A 9 17.70 -10.99 -29.31
C GLU A 9 16.95 -11.97 -28.41
N MET A 10 16.47 -13.09 -28.99
CA MET A 10 15.75 -14.13 -28.24
C MET A 10 16.64 -14.80 -27.21
N ARG A 11 17.84 -15.25 -27.63
CA ARG A 11 18.83 -15.92 -26.78
C ARG A 11 19.26 -15.06 -25.58
N GLU A 12 19.55 -13.76 -25.83
CA GLU A 12 19.98 -12.83 -24.77
C GLU A 12 18.86 -12.47 -23.81
N SER A 13 17.68 -12.08 -24.32
CA SER A 13 16.52 -11.69 -23.52
C SER A 13 15.95 -12.82 -22.68
N PHE A 14 15.85 -14.04 -23.25
CA PHE A 14 15.33 -15.19 -22.52
C PHE A 14 16.31 -15.65 -21.45
N LEU A 15 17.63 -15.66 -21.76
CA LEU A 15 18.67 -16.03 -20.79
C LEU A 15 18.67 -15.06 -19.60
N ASP A 16 18.55 -13.73 -19.87
N ASP A 16 18.55 -13.74 -19.88
CA ASP A 16 18.50 -12.67 -18.85
CA ASP A 16 18.51 -12.68 -18.85
C ASP A 16 17.33 -12.86 -17.89
C ASP A 16 17.33 -12.87 -17.89
N TYR A 17 16.16 -13.27 -18.42
CA TYR A 17 14.96 -13.52 -17.63
C TYR A 17 15.11 -14.83 -16.84
N ALA A 18 15.46 -15.93 -17.53
CA ALA A 18 15.69 -17.26 -16.94
C ALA A 18 16.62 -17.18 -15.74
N MET A 19 17.80 -16.55 -15.91
N MET A 19 17.79 -16.54 -15.90
CA MET A 19 18.81 -16.38 -14.85
CA MET A 19 18.81 -16.36 -14.86
C MET A 19 18.29 -15.62 -13.64
C MET A 19 18.29 -15.60 -13.65
N SER A 20 17.49 -14.55 -13.89
CA SER A 20 16.91 -13.71 -12.84
C SER A 20 15.88 -14.46 -12.00
N VAL A 21 15.05 -15.33 -12.63
CA VAL A 21 14.04 -16.12 -11.93
C VAL A 21 14.73 -17.17 -11.04
N ILE A 22 15.84 -17.74 -11.54
CA ILE A 22 16.65 -18.76 -10.88
C ILE A 22 17.40 -18.21 -9.64
N VAL A 23 18.18 -17.12 -9.80
CA VAL A 23 19.02 -16.59 -8.72
C VAL A 23 18.36 -15.45 -7.91
N ALA A 24 17.28 -14.85 -8.42
CA ALA A 24 16.65 -13.73 -7.74
C ALA A 24 15.11 -13.76 -7.73
N ARG A 25 14.48 -14.95 -7.61
CA ARG A 25 13.01 -15.03 -7.54
C ARG A 25 12.45 -16.33 -6.94
N ALA A 26 12.50 -17.44 -7.72
CA ALA A 26 11.87 -18.72 -7.41
C ALA A 26 12.67 -19.73 -6.59
N LEU A 27 14.00 -19.58 -6.50
CA LEU A 27 14.80 -20.55 -5.76
C LEU A 27 15.33 -20.01 -4.44
N PRO A 28 15.25 -20.82 -3.35
CA PRO A 28 15.77 -20.36 -2.06
C PRO A 28 17.28 -20.54 -1.92
N ASP A 29 17.89 -19.80 -0.98
CA ASP A 29 19.31 -19.93 -0.71
C ASP A 29 19.49 -21.06 0.30
N VAL A 30 20.53 -21.91 0.10
CA VAL A 30 20.82 -23.06 0.96
C VAL A 30 21.12 -22.66 2.43
N ARG A 31 21.65 -21.44 2.65
CA ARG A 31 22.07 -20.92 3.95
C ARG A 31 20.92 -20.46 4.86
N ASP A 32 19.97 -19.66 4.36
CA ASP A 32 18.86 -19.15 5.18
C ASP A 32 17.48 -19.71 4.78
N GLY A 33 17.43 -20.44 3.67
CA GLY A 33 16.21 -21.05 3.15
C GLY A 33 15.17 -20.08 2.64
N LEU A 34 15.61 -18.86 2.27
CA LEU A 34 14.72 -17.81 1.80
C LEU A 34 14.95 -17.40 0.35
N LYS A 35 13.86 -16.96 -0.29
CA LYS A 35 13.82 -16.42 -1.65
C LYS A 35 13.96 -14.90 -1.44
N PRO A 36 14.39 -14.10 -2.45
CA PRO A 36 14.54 -12.64 -2.22
C PRO A 36 13.34 -11.93 -1.59
N VAL A 37 12.09 -12.28 -1.98
CA VAL A 37 10.89 -11.64 -1.43
C VAL A 37 10.75 -11.87 0.09
N HIS A 38 10.95 -13.12 0.58
CA HIS A 38 10.85 -13.49 2.00
C HIS A 38 11.92 -12.82 2.84
N ARG A 39 13.17 -12.80 2.35
CA ARG A 39 14.32 -12.17 3.02
C ARG A 39 14.10 -10.66 3.18
N ARG A 40 13.51 -10.01 2.14
CA ARG A 40 13.21 -8.58 2.13
C ARG A 40 12.07 -8.23 3.08
N ILE A 41 11.13 -9.17 3.29
CA ILE A 41 10.01 -8.98 4.23
C ILE A 41 10.55 -9.01 5.65
N LEU A 42 11.31 -10.09 6.00
CA LEU A 42 11.90 -10.28 7.32
C LEU A 42 12.90 -9.21 7.68
N TYR A 43 13.74 -8.76 6.71
CA TYR A 43 14.69 -7.67 6.93
C TYR A 43 13.94 -6.36 7.11
N GLY A 44 12.87 -6.18 6.32
CA GLY A 44 11.97 -5.02 6.39
C GLY A 44 11.37 -4.91 7.77
N LEU A 45 10.85 -6.03 8.31
CA LEU A 45 10.29 -6.11 9.66
C LEU A 45 11.35 -5.75 10.71
N ASN A 46 12.61 -6.17 10.50
CA ASN A 46 13.72 -5.89 11.40
C ASN A 46 14.11 -4.42 11.43
N GLU A 47 14.14 -3.77 10.25
CA GLU A 47 14.49 -2.35 10.11
C GLU A 47 13.36 -1.47 10.64
N GLN A 48 12.10 -1.92 10.48
CA GLN A 48 10.89 -1.25 10.93
C GLN A 48 10.66 -1.43 12.45
N GLY A 49 11.51 -2.25 13.09
CA GLY A 49 11.45 -2.56 14.52
C GLY A 49 10.22 -3.36 14.91
N MET A 50 9.80 -4.28 14.02
CA MET A 50 8.61 -5.13 14.18
C MET A 50 8.86 -6.43 14.95
N THR A 51 9.58 -6.32 16.08
CA THR A 51 9.91 -7.44 16.97
C THR A 51 8.66 -7.95 17.73
N PRO A 52 8.65 -9.19 18.30
CA PRO A 52 7.44 -9.69 18.98
C PRO A 52 6.95 -8.91 20.20
N ASP A 53 7.85 -8.19 20.90
CA ASP A 53 7.51 -7.39 22.09
C ASP A 53 6.75 -6.09 21.74
N LYS A 54 6.87 -5.64 20.47
CA LYS A 54 6.23 -4.42 19.96
C LYS A 54 4.83 -4.72 19.43
N SER A 55 3.98 -3.69 19.34
CA SER A 55 2.60 -3.80 18.85
C SER A 55 2.56 -4.08 17.35
N TYR A 56 1.50 -4.76 16.87
CA TYR A 56 1.28 -5.08 15.44
C TYR A 56 1.14 -3.80 14.62
N LYS A 57 1.57 -3.83 13.35
CA LYS A 57 1.54 -2.72 12.39
C LYS A 57 0.76 -3.17 11.15
N LYS A 58 -0.01 -2.23 10.53
CA LYS A 58 -0.80 -2.48 9.32
C LYS A 58 0.08 -3.14 8.27
N SER A 59 -0.43 -4.24 7.69
CA SER A 59 0.27 -5.01 6.65
C SER A 59 0.62 -4.14 5.45
N ALA A 60 -0.29 -3.22 5.07
CA ALA A 60 -0.11 -2.28 3.96
C ALA A 60 1.11 -1.38 4.13
N ARG A 61 1.40 -1.01 5.39
CA ARG A 61 2.54 -0.17 5.75
C ARG A 61 3.84 -0.97 5.65
N ILE A 62 3.81 -2.25 6.08
CA ILE A 62 4.95 -3.18 6.01
C ILE A 62 5.29 -3.46 4.54
N VAL A 63 4.27 -3.88 3.75
CA VAL A 63 4.38 -4.20 2.32
C VAL A 63 4.91 -3.00 1.52
N GLY A 64 4.33 -1.83 1.74
CA GLY A 64 4.72 -0.58 1.08
C GLY A 64 6.17 -0.20 1.32
N ASP A 65 6.64 -0.39 2.57
CA ASP A 65 8.01 -0.12 2.98
C ASP A 65 8.99 -1.06 2.27
N VAL A 66 8.67 -2.38 2.23
CA VAL A 66 9.46 -3.42 1.58
C VAL A 66 9.54 -3.17 0.07
N MET A 67 8.40 -2.81 -0.55
CA MET A 67 8.23 -2.50 -1.97
C MET A 67 9.08 -1.34 -2.46
N GLY A 68 9.05 -0.22 -1.73
CA GLY A 68 9.79 0.99 -2.07
C GLY A 68 11.27 0.90 -1.79
N LYS A 69 11.65 0.24 -0.67
CA LYS A 69 13.03 0.12 -0.23
C LYS A 69 13.81 -1.04 -0.84
N TYR A 70 13.19 -2.22 -1.04
CA TYR A 70 13.96 -3.38 -1.51
C TYR A 70 13.34 -4.21 -2.64
N HIS A 71 12.00 -4.33 -2.70
CA HIS A 71 11.31 -5.19 -3.68
C HIS A 71 10.48 -4.41 -4.72
N PRO A 72 11.06 -4.04 -5.89
CA PRO A 72 10.30 -3.26 -6.88
C PRO A 72 9.36 -4.09 -7.75
N HIS A 73 8.42 -4.81 -7.11
CA HIS A 73 7.44 -5.66 -7.77
C HIS A 73 6.06 -5.43 -7.16
N GLY A 74 5.03 -6.12 -7.68
CA GLY A 74 3.65 -6.01 -7.22
C GLY A 74 3.43 -6.26 -5.75
N ASP A 75 2.52 -5.47 -5.13
CA ASP A 75 2.18 -5.55 -3.70
C ASP A 75 1.58 -6.88 -3.32
N SER A 76 0.77 -7.47 -4.23
CA SER A 76 0.14 -8.77 -4.05
C SER A 76 1.19 -9.88 -3.86
N SER A 77 2.32 -9.79 -4.59
CA SER A 77 3.44 -10.75 -4.51
C SER A 77 4.09 -10.72 -3.12
N ILE A 78 4.32 -9.50 -2.58
CA ILE A 78 4.92 -9.28 -1.26
C ILE A 78 3.95 -9.67 -0.15
N TYR A 79 2.68 -9.19 -0.23
CA TYR A 79 1.66 -9.48 0.79
C TYR A 79 1.32 -10.97 0.89
N GLU A 80 1.09 -11.65 -0.26
CA GLU A 80 0.76 -13.08 -0.26
C GLU A 80 1.90 -13.95 0.25
N ALA A 81 3.15 -13.49 0.08
CA ALA A 81 4.35 -14.18 0.59
C ALA A 81 4.41 -14.02 2.12
N MET A 82 4.06 -12.81 2.62
CA MET A 82 4.02 -12.50 4.06
C MET A 82 2.88 -13.27 4.74
N VAL A 83 1.75 -13.42 4.02
CA VAL A 83 0.56 -14.16 4.47
C VAL A 83 0.91 -15.64 4.74
N ARG A 84 1.56 -16.31 3.77
CA ARG A 84 1.96 -17.72 3.89
C ARG A 84 2.85 -17.95 5.11
N MET A 85 3.80 -17.04 5.36
CA MET A 85 4.72 -17.10 6.51
C MET A 85 4.00 -17.00 7.87
N ALA A 86 2.73 -16.54 7.87
CA ALA A 86 1.89 -16.39 9.05
C ALA A 86 0.90 -17.54 9.26
N GLN A 87 0.72 -18.39 8.23
CA GLN A 87 -0.20 -19.53 8.25
C GLN A 87 0.46 -20.74 8.89
N ASP A 88 -0.14 -21.26 9.98
CA ASP A 88 0.39 -22.42 10.70
C ASP A 88 0.14 -23.74 9.97
N PHE A 89 -0.61 -23.72 8.84
CA PHE A 89 -0.88 -24.88 8.01
C PHE A 89 0.06 -24.90 6.79
N SER A 90 0.76 -23.77 6.54
CA SER A 90 1.72 -23.60 5.45
C SER A 90 3.15 -23.68 5.97
N TYR A 91 3.43 -23.00 7.09
CA TYR A 91 4.74 -22.95 7.71
C TYR A 91 4.81 -23.79 8.99
N ARG A 92 5.75 -24.75 9.01
CA ARG A 92 6.01 -25.66 10.13
C ARG A 92 6.46 -24.86 11.35
N TYR A 93 7.18 -23.75 11.11
CA TYR A 93 7.65 -22.79 12.10
C TYR A 93 7.36 -21.39 11.53
N PRO A 94 6.13 -20.86 11.79
CA PRO A 94 5.76 -19.55 11.21
C PRO A 94 6.73 -18.42 11.50
N LEU A 95 7.02 -17.61 10.47
CA LEU A 95 7.97 -16.50 10.54
C LEU A 95 7.31 -15.13 10.76
N VAL A 96 6.00 -15.04 10.51
CA VAL A 96 5.22 -13.81 10.67
C VAL A 96 4.08 -14.05 11.65
N ASP A 97 3.94 -13.16 12.63
CA ASP A 97 2.85 -13.18 13.60
C ASP A 97 1.83 -12.18 13.05
N GLY A 98 0.71 -12.72 12.55
CA GLY A 98 -0.34 -11.92 11.94
C GLY A 98 -1.60 -11.74 12.76
N GLN A 99 -2.21 -10.56 12.65
CA GLN A 99 -3.45 -10.17 13.33
C GLN A 99 -4.55 -9.91 12.28
N GLY A 100 -5.66 -10.63 12.42
CA GLY A 100 -6.80 -10.58 11.50
C GLY A 100 -6.94 -11.86 10.71
N ASN A 101 -7.80 -11.84 9.67
CA ASN A 101 -8.01 -13.00 8.82
C ASN A 101 -6.80 -13.23 7.93
N PHE A 102 -6.02 -14.28 8.22
CA PHE A 102 -4.83 -14.63 7.45
C PHE A 102 -5.03 -15.89 6.61
N GLY A 103 -6.29 -16.27 6.42
CA GLY A 103 -6.69 -17.42 5.62
C GLY A 103 -6.95 -18.70 6.40
N SER A 104 -7.44 -19.72 5.68
CA SER A 104 -7.72 -21.05 6.24
C SER A 104 -7.31 -22.17 5.27
N MET A 105 -7.52 -23.44 5.67
CA MET A 105 -7.14 -24.63 4.92
C MET A 105 -8.01 -24.91 3.67
N ASP A 106 -9.17 -24.21 3.55
CA ASP A 106 -10.12 -24.32 2.44
C ASP A 106 -9.72 -23.52 1.19
N GLY A 107 -8.55 -22.87 1.25
CA GLY A 107 -8.05 -22.03 0.17
C GLY A 107 -8.54 -20.62 0.34
N ASP A 108 -9.19 -20.35 1.48
CA ASP A 108 -9.71 -19.05 1.90
C ASP A 108 -8.50 -18.14 2.02
N GLY A 109 -8.51 -17.05 1.27
CA GLY A 109 -7.41 -16.09 1.30
C GLY A 109 -7.46 -15.22 2.53
N ALA A 110 -6.39 -14.44 2.75
CA ALA A 110 -6.32 -13.51 3.87
C ALA A 110 -7.16 -12.29 3.53
N ALA A 111 -7.51 -11.48 4.54
CA ALA A 111 -8.24 -10.23 4.35
C ALA A 111 -7.32 -9.25 3.60
N ALA A 112 -7.86 -8.16 3.02
CA ALA A 112 -7.05 -7.17 2.30
C ALA A 112 -5.97 -6.58 3.24
N MET A 113 -4.75 -6.30 2.72
CA MET A 113 -3.64 -5.81 3.55
C MET A 113 -3.98 -4.54 4.38
N ARG A 114 -5.06 -3.82 4.00
CA ARG A 114 -5.53 -2.64 4.72
C ARG A 114 -6.26 -3.00 6.04
N PHE A 115 -6.72 -4.24 6.17
CA PHE A 115 -7.39 -4.72 7.39
C PHE A 115 -6.46 -5.48 8.32
N THR A 116 -5.54 -6.29 7.77
CA THR A 116 -4.62 -7.11 8.55
C THR A 116 -3.44 -6.31 9.11
N GLU A 117 -2.84 -6.85 10.17
CA GLU A 117 -1.67 -6.31 10.85
C GLU A 117 -0.66 -7.44 11.04
N ALA A 118 0.65 -7.11 11.18
CA ALA A 118 1.69 -8.13 11.33
C ALA A 118 2.91 -7.66 12.13
N ARG A 119 3.75 -8.63 12.54
CA ARG A 119 5.02 -8.48 13.26
C ARG A 119 5.82 -9.80 13.18
N MET A 120 7.04 -9.83 13.73
CA MET A 120 7.89 -11.02 13.76
C MET A 120 7.37 -12.01 14.79
N THR A 121 7.70 -13.29 14.59
CA THR A 121 7.45 -14.35 15.57
C THR A 121 8.76 -14.43 16.36
N LYS A 122 8.75 -15.09 17.55
CA LYS A 122 9.96 -15.24 18.37
C LYS A 122 11.08 -16.02 17.65
N ILE A 123 10.73 -16.98 16.79
CA ILE A 123 11.69 -17.78 16.04
C ILE A 123 12.40 -16.96 14.93
N THR A 124 11.75 -15.91 14.40
CA THR A 124 12.29 -15.02 13.36
C THR A 124 13.45 -14.18 13.91
N LEU A 125 13.44 -13.91 15.24
CA LEU A 125 14.53 -13.19 15.91
C LEU A 125 15.83 -13.98 15.74
N GLU A 126 15.72 -15.33 15.68
CA GLU A 126 16.85 -16.23 15.46
C GLU A 126 17.34 -16.19 14.02
N LEU A 127 16.47 -15.81 13.06
CA LEU A 127 16.88 -15.68 11.66
C LEU A 127 17.68 -14.38 11.47
N LEU A 128 17.32 -13.33 12.22
CA LEU A 128 17.93 -11.99 12.15
C LEU A 128 18.98 -11.71 13.22
N ARG A 129 19.20 -12.68 14.14
CA ARG A 129 20.16 -12.57 15.24
C ARG A 129 21.57 -12.29 14.71
N ASP A 130 22.21 -11.20 15.22
CA ASP A 130 23.57 -10.73 14.90
C ASP A 130 23.73 -10.18 13.47
N ILE A 131 22.62 -9.76 12.81
CA ILE A 131 22.65 -9.19 11.45
C ILE A 131 23.49 -7.90 11.39
N ASN A 132 23.48 -7.09 12.47
CA ASN A 132 24.21 -5.83 12.56
C ASN A 132 25.55 -5.98 13.32
N LYS A 133 26.14 -7.19 13.23
CA LYS A 133 27.42 -7.55 13.84
C LYS A 133 28.39 -8.11 12.78
N ASP A 134 28.30 -7.57 11.54
CA ASP A 134 29.12 -7.93 10.36
C ASP A 134 29.25 -9.46 10.15
N THR A 135 28.13 -10.18 10.30
CA THR A 135 28.06 -11.63 10.14
C THR A 135 27.77 -12.04 8.70
N ILE A 136 27.03 -11.17 7.99
CA ILE A 136 26.62 -11.39 6.60
C ILE A 136 26.97 -10.18 5.74
N ASP A 137 27.18 -10.39 4.44
CA ASP A 137 27.50 -9.30 3.53
C ASP A 137 26.26 -8.54 3.09
N PHE A 138 26.33 -7.20 3.16
CA PHE A 138 25.26 -6.32 2.73
C PHE A 138 25.53 -5.89 1.30
N ILE A 139 24.47 -5.72 0.52
CA ILE A 139 24.56 -5.30 -0.88
C ILE A 139 23.68 -4.06 -1.11
N ASP A 140 23.97 -3.31 -2.18
CA ASP A 140 23.19 -2.14 -2.57
C ASP A 140 21.82 -2.61 -3.06
N ASN A 141 20.77 -1.82 -2.78
CA ASN A 141 19.42 -2.15 -3.24
C ASN A 141 19.27 -1.84 -4.76
N TYR A 142 18.08 -2.12 -5.33
CA TYR A 142 17.78 -1.94 -6.76
C TYR A 142 18.08 -0.52 -7.31
N ASP A 143 17.89 0.54 -6.49
CA ASP A 143 18.12 1.93 -6.91
C ASP A 143 19.38 2.58 -6.30
N GLY A 144 20.05 1.87 -5.40
CA GLY A 144 21.26 2.34 -4.75
C GLY A 144 21.05 3.32 -3.60
N ASN A 145 19.78 3.49 -3.15
CA ASN A 145 19.42 4.39 -2.06
C ASN A 145 19.35 3.68 -0.70
N GLU A 146 19.39 2.34 -0.71
CA GLU A 146 19.32 1.52 0.50
C GLU A 146 20.34 0.39 0.47
N ARG A 147 20.55 -0.26 1.62
CA ARG A 147 21.41 -1.42 1.78
C ARG A 147 20.54 -2.60 2.24
N GLU A 148 20.75 -3.78 1.65
CA GLU A 148 19.98 -4.97 1.97
C GLU A 148 20.87 -6.20 2.21
N PRO A 149 20.44 -7.21 2.99
CA PRO A 149 21.28 -8.39 3.20
C PRO A 149 21.24 -9.37 2.03
N SER A 150 22.41 -9.94 1.68
CA SER A 150 22.54 -10.93 0.61
C SER A 150 22.02 -12.28 1.11
N VAL A 151 22.06 -12.48 2.45
CA VAL A 151 21.66 -13.69 3.19
C VAL A 151 21.45 -13.32 4.67
N LEU A 152 20.51 -13.98 5.36
CA LEU A 152 20.27 -13.72 6.80
C LEU A 152 21.17 -14.66 7.62
N PRO A 153 21.59 -14.28 8.86
CA PRO A 153 22.44 -15.19 9.65
C PRO A 153 21.86 -16.58 9.89
N ALA A 154 20.51 -16.69 9.99
CA ALA A 154 19.74 -17.93 10.16
C ALA A 154 20.31 -18.90 11.20
N ARG A 155 20.09 -18.59 12.49
CA ARG A 155 20.64 -19.37 13.60
C ARG A 155 19.96 -20.74 13.81
N PHE A 156 18.96 -21.10 12.97
CA PHE A 156 18.29 -22.42 12.93
C PHE A 156 18.19 -22.88 11.45
N PRO A 157 18.29 -24.19 11.11
CA PRO A 157 18.25 -24.59 9.69
C PRO A 157 16.86 -24.45 9.04
N ASN A 158 16.55 -23.21 8.61
CA ASN A 158 15.27 -22.79 8.03
C ASN A 158 14.92 -23.43 6.68
N LEU A 159 15.92 -23.73 5.82
CA LEU A 159 15.65 -24.35 4.52
C LEU A 159 14.90 -25.67 4.68
N LEU A 160 15.43 -26.56 5.52
CA LEU A 160 14.81 -27.84 5.77
C LEU A 160 13.62 -27.74 6.74
N ALA A 161 13.69 -26.85 7.74
CA ALA A 161 12.62 -26.66 8.74
C ALA A 161 11.27 -26.26 8.15
N ASN A 162 11.25 -25.18 7.35
CA ASN A 162 10.02 -24.68 6.74
C ASN A 162 9.79 -25.16 5.31
N GLY A 163 10.81 -25.77 4.71
CA GLY A 163 10.75 -26.27 3.34
C GLY A 163 10.72 -25.17 2.30
N ALA A 164 10.49 -25.54 1.04
CA ALA A 164 10.41 -24.61 -0.09
C ALA A 164 9.70 -25.22 -1.30
N SER A 165 9.06 -24.37 -2.09
CA SER A 165 8.41 -24.73 -3.36
C SER A 165 8.43 -23.52 -4.29
N GLY A 166 9.12 -23.67 -5.40
CA GLY A 166 9.28 -22.60 -6.38
C GLY A 166 9.41 -23.11 -7.80
N ILE A 167 8.66 -22.49 -8.72
CA ILE A 167 8.69 -22.82 -10.15
C ILE A 167 9.56 -21.74 -10.82
N ALA A 168 10.75 -22.14 -11.31
CA ALA A 168 11.67 -21.22 -11.98
C ALA A 168 11.59 -21.41 -13.51
N VAL A 169 12.73 -21.25 -14.22
CA VAL A 169 12.83 -21.45 -15.65
C VAL A 169 13.88 -22.56 -15.85
N GLY A 170 13.49 -23.61 -16.58
CA GLY A 170 14.33 -24.78 -16.85
C GLY A 170 14.41 -25.75 -15.69
N MET A 171 13.94 -25.33 -14.50
CA MET A 171 13.97 -26.12 -13.26
C MET A 171 12.92 -25.64 -12.26
N ALA A 172 12.71 -26.44 -11.20
CA ALA A 172 11.78 -26.13 -10.11
C ALA A 172 12.36 -26.68 -8.80
N THR A 173 11.73 -26.35 -7.67
CA THR A 173 12.18 -26.85 -6.36
C THR A 173 11.00 -27.29 -5.50
N ASN A 174 11.20 -28.38 -4.76
CA ASN A 174 10.20 -28.91 -3.85
C ASN A 174 10.88 -29.61 -2.67
N ILE A 175 11.14 -28.83 -1.62
CA ILE A 175 11.78 -29.26 -0.38
C ILE A 175 10.69 -29.32 0.70
N PRO A 176 10.48 -30.48 1.37
CA PRO A 176 9.43 -30.54 2.39
C PRO A 176 9.85 -29.98 3.75
N PRO A 177 8.89 -29.58 4.62
CA PRO A 177 9.29 -29.11 5.96
C PRO A 177 9.78 -30.26 6.86
N HIS A 178 10.56 -29.93 7.91
CA HIS A 178 11.13 -30.91 8.84
C HIS A 178 10.97 -30.49 10.30
N ASN A 179 11.20 -31.43 11.23
CA ASN A 179 11.15 -31.18 12.66
C ASN A 179 12.47 -30.53 13.11
N LEU A 180 12.37 -29.42 13.87
CA LEU A 180 13.51 -28.64 14.34
C LEU A 180 14.43 -29.38 15.32
N THR A 181 13.85 -30.18 16.24
CA THR A 181 14.64 -30.97 17.20
C THR A 181 15.51 -31.97 16.43
N GLU A 182 14.89 -32.65 15.44
CA GLU A 182 15.53 -33.63 14.57
C GLU A 182 16.65 -33.01 13.73
N LEU A 183 16.40 -31.83 13.12
CA LEU A 183 17.36 -31.13 12.28
C LEU A 183 18.60 -30.67 13.04
N ILE A 184 18.41 -29.96 14.18
CA ILE A 184 19.52 -29.48 15.00
C ILE A 184 20.36 -30.66 15.50
N ASN A 185 19.71 -31.77 15.93
CA ASN A 185 20.40 -33.00 16.34
C ASN A 185 21.22 -33.59 15.19
N GLY A 186 20.70 -33.46 13.96
CA GLY A 186 21.38 -33.90 12.74
C GLY A 186 22.61 -33.06 12.45
N VAL A 187 22.50 -31.72 12.64
CA VAL A 187 23.59 -30.75 12.46
C VAL A 187 24.68 -31.04 13.51
N LEU A 188 24.28 -31.28 14.78
CA LEU A 188 25.17 -31.60 15.90
C LEU A 188 25.95 -32.89 15.66
N SER A 189 25.30 -33.91 15.05
CA SER A 189 25.91 -35.20 14.71
C SER A 189 26.93 -35.00 13.59
N LEU A 190 26.59 -34.17 12.58
CA LEU A 190 27.46 -33.82 11.45
C LEU A 190 28.69 -33.03 11.93
N SER A 191 28.50 -32.09 12.89
CA SER A 191 29.58 -31.28 13.45
C SER A 191 30.64 -32.12 14.19
N LYS A 192 30.23 -33.30 14.69
CA LYS A 192 31.09 -34.24 15.41
C LYS A 192 31.71 -35.29 14.49
N ASN A 193 31.15 -35.46 13.27
CA ASN A 193 31.63 -36.42 12.28
C ASN A 193 31.40 -35.88 10.85
N PRO A 194 32.43 -35.31 10.18
CA PRO A 194 32.23 -34.82 8.80
C PRO A 194 31.98 -35.92 7.78
N ASP A 195 32.33 -37.18 8.14
CA ASP A 195 32.18 -38.36 7.28
C ASP A 195 30.88 -39.15 7.57
N ILE A 196 29.91 -38.51 8.24
CA ILE A 196 28.61 -39.11 8.60
C ILE A 196 27.80 -39.46 7.33
N SER A 197 27.19 -40.66 7.31
CA SER A 197 26.40 -41.10 6.16
C SER A 197 24.94 -40.62 6.28
N ILE A 198 24.20 -40.64 5.15
CA ILE A 198 22.78 -40.27 5.07
C ILE A 198 21.99 -41.17 6.04
N ALA A 199 22.31 -42.48 6.06
CA ALA A 199 21.69 -43.49 6.93
C ALA A 199 21.86 -43.12 8.42
N GLU A 200 23.07 -42.69 8.82
CA GLU A 200 23.35 -42.26 10.20
C GLU A 200 22.60 -40.96 10.52
N LEU A 201 22.56 -40.00 9.56
CA LEU A 201 21.86 -38.73 9.72
C LEU A 201 20.37 -38.95 9.90
N MET A 202 19.85 -40.02 9.26
CA MET A 202 18.45 -40.42 9.31
C MET A 202 18.02 -40.99 10.66
N GLU A 203 18.99 -41.28 11.55
CA GLU A 203 18.71 -41.73 12.92
C GLU A 203 18.22 -40.53 13.74
N ASP A 204 18.59 -39.31 13.32
CA ASP A 204 18.16 -38.04 13.91
C ASP A 204 16.95 -37.51 13.13
N ILE A 205 17.10 -37.34 11.79
CA ILE A 205 16.06 -36.84 10.88
C ILE A 205 15.33 -38.06 10.29
N GLU A 206 14.18 -38.43 10.90
N GLU A 206 14.19 -38.45 10.90
CA GLU A 206 13.34 -39.57 10.51
CA GLU A 206 13.39 -39.60 10.45
C GLU A 206 12.72 -39.39 9.12
C GLU A 206 12.77 -39.39 9.07
N GLY A 207 12.38 -38.15 8.78
CA GLY A 207 11.78 -37.77 7.51
C GLY A 207 11.13 -36.41 7.59
N PRO A 208 10.31 -36.01 6.60
CA PRO A 208 9.66 -34.69 6.68
C PRO A 208 8.63 -34.62 7.81
N ASP A 209 8.38 -33.40 8.31
CA ASP A 209 7.41 -33.16 9.38
C ASP A 209 6.54 -32.00 8.93
N PHE A 210 5.36 -32.32 8.40
CA PHE A 210 4.42 -31.34 7.87
C PHE A 210 3.63 -30.61 8.97
N PRO A 211 3.35 -29.30 8.80
CA PRO A 211 2.57 -28.58 9.84
C PRO A 211 1.14 -29.10 10.00
N THR A 212 0.61 -29.70 8.91
CA THR A 212 -0.72 -30.29 8.80
C THR A 212 -0.75 -31.75 9.34
N ALA A 213 0.39 -32.22 9.90
CA ALA A 213 0.62 -33.56 10.46
C ALA A 213 0.41 -34.69 9.43
N GLY A 214 -0.62 -35.52 9.60
CA GLY A 214 -0.92 -36.62 8.70
C GLY A 214 0.02 -37.81 8.86
N LEU A 215 0.06 -38.65 7.82
CA LEU A 215 0.87 -39.88 7.78
C LEU A 215 1.78 -39.92 6.56
N ILE A 216 2.90 -40.67 6.67
CA ILE A 216 3.84 -40.94 5.58
C ILE A 216 3.91 -42.46 5.44
N LEU A 217 3.74 -42.98 4.21
CA LEU A 217 3.80 -44.41 3.94
C LEU A 217 5.20 -44.85 3.53
N GLY A 218 5.85 -45.60 4.41
CA GLY A 218 7.18 -46.14 4.18
C GLY A 218 8.34 -45.17 4.32
N LYS A 219 9.57 -45.72 4.29
N LYS A 219 9.57 -45.72 4.29
CA LYS A 219 10.82 -44.96 4.41
CA LYS A 219 10.83 -44.97 4.40
C LYS A 219 11.62 -44.91 3.09
C LYS A 219 11.62 -44.91 3.09
N SER A 220 11.29 -45.78 2.11
CA SER A 220 11.99 -45.87 0.80
C SER A 220 12.00 -44.57 -0.01
N GLY A 221 10.87 -43.85 -0.03
CA GLY A 221 10.75 -42.56 -0.71
C GLY A 221 11.55 -41.49 -0.01
N ILE A 222 11.49 -41.47 1.34
CA ILE A 222 12.24 -40.57 2.22
C ILE A 222 13.75 -40.81 1.96
N ARG A 223 14.18 -42.09 1.95
N ARG A 223 14.18 -42.09 1.94
CA ARG A 223 15.55 -42.55 1.74
CA ARG A 223 15.55 -42.52 1.71
C ARG A 223 16.12 -42.05 0.42
C ARG A 223 16.09 -42.07 0.34
N ARG A 224 15.41 -42.29 -0.70
N ARG A 224 15.29 -42.30 -0.73
CA ARG A 224 15.82 -41.88 -2.05
CA ARG A 224 15.62 -41.92 -2.10
C ARG A 224 15.97 -40.36 -2.13
C ARG A 224 15.86 -40.41 -2.22
N ALA A 225 15.03 -39.60 -1.54
CA ALA A 225 15.06 -38.13 -1.51
C ALA A 225 16.27 -37.60 -0.73
N TYR A 226 16.60 -38.23 0.40
CA TYR A 226 17.74 -37.81 1.21
C TYR A 226 19.09 -38.19 0.62
N GLU A 227 19.13 -39.26 -0.20
N GLU A 227 19.14 -39.26 -0.19
CA GLU A 227 20.35 -39.76 -0.85
CA GLU A 227 20.35 -39.76 -0.84
C GLU A 227 20.65 -39.05 -2.16
C GLU A 227 20.66 -39.06 -2.17
N THR A 228 19.61 -38.78 -2.98
CA THR A 228 19.76 -38.18 -4.30
C THR A 228 19.22 -36.75 -4.47
N GLY A 229 18.36 -36.33 -3.55
CA GLY A 229 17.72 -35.02 -3.61
C GLY A 229 16.37 -35.09 -4.30
N ARG A 230 16.04 -36.27 -4.86
CA ARG A 230 14.80 -36.56 -5.58
C ARG A 230 14.16 -37.85 -5.07
N GLY A 231 12.85 -37.81 -4.87
CA GLY A 231 12.09 -38.96 -4.38
C GLY A 231 10.61 -38.67 -4.20
N SER A 232 9.79 -39.72 -4.26
CA SER A 232 8.34 -39.62 -4.10
C SER A 232 7.93 -40.08 -2.70
N ILE A 233 7.29 -39.18 -1.94
CA ILE A 233 6.83 -39.46 -0.57
C ILE A 233 5.31 -39.50 -0.54
N GLN A 234 4.75 -40.67 -0.20
CA GLN A 234 3.30 -40.85 -0.12
C GLN A 234 2.77 -40.31 1.20
N MET A 235 1.93 -39.27 1.13
CA MET A 235 1.31 -38.66 2.31
C MET A 235 -0.11 -39.17 2.41
N ARG A 236 -0.55 -39.50 3.62
CA ARG A 236 -1.90 -39.97 3.86
C ARG A 236 -2.58 -39.15 4.94
N SER A 237 -3.91 -39.01 4.80
CA SER A 237 -4.75 -38.31 5.74
C SER A 237 -4.89 -39.16 7.00
N ARG A 238 -5.12 -38.55 8.17
CA ARG A 238 -5.35 -39.34 9.38
C ARG A 238 -6.85 -39.62 9.40
N ALA A 239 -7.21 -40.87 9.06
CA ALA A 239 -8.60 -41.30 9.00
C ALA A 239 -8.84 -42.55 9.86
N VAL A 240 -10.01 -42.59 10.51
CA VAL A 240 -10.43 -43.71 11.37
C VAL A 240 -11.85 -44.13 10.98
N ILE A 241 -12.20 -45.39 11.26
CA ILE A 241 -13.52 -45.94 11.02
C ILE A 241 -14.19 -46.09 12.39
N GLU A 242 -15.38 -45.50 12.55
CA GLU A 242 -16.13 -45.56 13.80
C GLU A 242 -17.63 -45.71 13.58
N GLU A 243 -18.33 -46.24 14.60
CA GLU A 243 -19.77 -46.44 14.60
C GLU A 243 -20.51 -45.11 14.74
N ARG A 244 -21.70 -45.01 14.13
CA ARG A 244 -22.55 -43.82 14.19
C ARG A 244 -23.97 -44.13 14.69
N GLY A 245 -24.19 -45.37 15.11
CA GLY A 245 -25.46 -45.85 15.64
C GLY A 245 -26.27 -46.65 14.63
N GLY A 246 -27.05 -47.59 15.16
CA GLY A 246 -27.92 -48.47 14.38
C GLY A 246 -27.19 -49.43 13.46
N GLY A 247 -26.02 -49.89 13.89
CA GLY A 247 -25.17 -50.80 13.13
C GLY A 247 -24.48 -50.18 11.93
N ARG A 248 -24.52 -48.83 11.85
CA ARG A 248 -23.92 -48.05 10.77
C ARG A 248 -22.55 -47.49 11.17
N GLN A 249 -21.68 -47.25 10.17
CA GLN A 249 -20.33 -46.74 10.35
C GLN A 249 -20.04 -45.47 9.55
N ARG A 250 -18.91 -44.82 9.86
CA ARG A 250 -18.44 -43.60 9.19
C ARG A 250 -16.91 -43.50 9.19
N ILE A 251 -16.37 -42.79 8.19
CA ILE A 251 -14.93 -42.51 8.09
C ILE A 251 -14.75 -41.07 8.58
N VAL A 252 -13.89 -40.89 9.59
CA VAL A 252 -13.61 -39.56 10.16
C VAL A 252 -12.15 -39.17 9.88
N VAL A 253 -11.97 -38.13 9.05
CA VAL A 253 -10.66 -37.59 8.68
C VAL A 253 -10.37 -36.38 9.58
N THR A 254 -9.26 -36.43 10.34
CA THR A 254 -8.89 -35.35 11.27
C THR A 254 -7.65 -34.57 10.86
N GLU A 255 -6.85 -35.15 9.94
CA GLU A 255 -5.63 -34.54 9.39
C GLU A 255 -5.60 -34.83 7.91
N ILE A 256 -5.25 -33.85 7.09
CA ILE A 256 -5.19 -34.00 5.63
C ILE A 256 -3.73 -33.82 5.13
N PRO A 257 -3.34 -34.26 3.91
CA PRO A 257 -1.95 -34.07 3.47
C PRO A 257 -1.56 -32.60 3.28
N PHE A 258 -0.25 -32.33 3.36
CA PHE A 258 0.34 -30.99 3.21
C PHE A 258 0.03 -30.39 1.85
N GLN A 259 -0.38 -29.10 1.83
CA GLN A 259 -0.73 -28.28 0.66
C GLN A 259 -2.02 -28.72 -0.06
N VAL A 260 -2.78 -29.66 0.52
CA VAL A 260 -4.05 -30.13 -0.03
C VAL A 260 -5.16 -29.19 0.47
N ASN A 261 -5.95 -28.66 -0.46
CA ASN A 261 -7.08 -27.78 -0.15
C ASN A 261 -8.23 -28.66 0.35
N LYS A 262 -8.65 -28.45 1.60
CA LYS A 262 -9.72 -29.21 2.27
C LYS A 262 -11.05 -29.16 1.50
N ALA A 263 -11.51 -27.95 1.12
CA ALA A 263 -12.75 -27.73 0.37
C ALA A 263 -12.73 -28.42 -1.00
N ARG A 264 -11.59 -28.31 -1.72
CA ARG A 264 -11.37 -28.92 -3.03
C ARG A 264 -11.34 -30.45 -2.94
N MET A 265 -10.78 -30.99 -1.84
CA MET A 265 -10.73 -32.43 -1.59
C MET A 265 -12.14 -32.97 -1.36
N ILE A 266 -12.96 -32.23 -0.56
CA ILE A 266 -14.36 -32.56 -0.26
C ILE A 266 -15.19 -32.56 -1.56
N GLU A 267 -14.98 -31.56 -2.44
N GLU A 267 -14.95 -31.56 -2.44
CA GLU A 267 -15.68 -31.44 -3.72
CA GLU A 267 -15.61 -31.40 -3.74
C GLU A 267 -15.36 -32.63 -4.66
C GLU A 267 -15.35 -32.60 -4.65
N LYS A 268 -14.10 -33.11 -4.64
CA LYS A 268 -13.64 -34.26 -5.44
C LYS A 268 -14.32 -35.57 -4.95
N ILE A 269 -14.55 -35.69 -3.62
CA ILE A 269 -15.25 -36.85 -3.03
C ILE A 269 -16.72 -36.78 -3.47
N ALA A 270 -17.33 -35.57 -3.37
CA ALA A 270 -18.70 -35.30 -3.78
C ALA A 270 -18.92 -35.60 -5.28
N GLU A 271 -17.94 -35.27 -6.14
N GLU A 271 -17.94 -35.27 -6.14
CA GLU A 271 -17.95 -35.49 -7.58
CA GLU A 271 -17.96 -35.49 -7.59
C GLU A 271 -17.96 -36.99 -7.91
C GLU A 271 -17.93 -36.98 -7.93
N LEU A 272 -17.15 -37.79 -7.18
CA LEU A 272 -17.04 -39.25 -7.35
C LEU A 272 -18.36 -39.96 -7.01
N VAL A 273 -19.04 -39.50 -5.94
CA VAL A 273 -20.31 -40.03 -5.45
C VAL A 273 -21.39 -39.75 -6.52
N ARG A 274 -21.45 -38.48 -6.97
CA ARG A 274 -22.38 -37.98 -7.98
C ARG A 274 -22.22 -38.74 -9.31
N ASP A 275 -20.98 -38.89 -9.80
CA ASP A 275 -20.67 -39.60 -11.05
C ASP A 275 -20.65 -41.14 -10.89
N LYS A 276 -20.97 -41.62 -9.66
CA LYS A 276 -21.06 -43.04 -9.27
C LYS A 276 -19.76 -43.84 -9.54
N LYS A 277 -18.60 -43.17 -9.35
CA LYS A 277 -17.27 -43.76 -9.53
C LYS A 277 -16.78 -44.43 -8.23
N ILE A 278 -17.55 -44.24 -7.13
CA ILE A 278 -17.30 -44.81 -5.80
C ILE A 278 -18.64 -45.29 -5.20
N ASP A 279 -18.64 -46.48 -4.57
CA ASP A 279 -19.83 -47.07 -3.96
C ASP A 279 -19.73 -47.17 -2.43
N GLY A 280 -20.86 -46.94 -1.75
CA GLY A 280 -20.99 -47.06 -0.30
C GLY A 280 -21.08 -45.79 0.52
N ILE A 281 -21.10 -44.60 -0.13
CA ILE A 281 -21.17 -43.33 0.59
C ILE A 281 -22.60 -42.79 0.61
N THR A 282 -23.14 -42.56 1.83
CA THR A 282 -24.49 -42.03 2.06
C THR A 282 -24.49 -40.53 2.35
N ASP A 283 -23.43 -40.02 3.00
CA ASP A 283 -23.29 -38.60 3.33
C ASP A 283 -21.83 -38.14 3.40
N LEU A 284 -21.61 -36.83 3.18
CA LEU A 284 -20.30 -36.17 3.21
C LEU A 284 -20.48 -34.77 3.80
N ARG A 285 -19.95 -34.57 5.02
CA ARG A 285 -20.06 -33.30 5.74
C ARG A 285 -18.69 -32.81 6.24
N ASP A 286 -18.53 -31.48 6.27
CA ASP A 286 -17.32 -30.88 6.82
C ASP A 286 -17.70 -30.32 8.19
N GLU A 287 -17.40 -31.11 9.24
CA GLU A 287 -17.70 -30.79 10.63
C GLU A 287 -16.55 -30.03 11.32
N THR A 288 -15.60 -29.50 10.50
CA THR A 288 -14.45 -28.73 10.95
C THR A 288 -14.92 -27.43 11.63
N SER A 289 -14.33 -27.13 12.79
CA SER A 289 -14.60 -25.93 13.56
C SER A 289 -13.32 -25.52 14.25
N LEU A 290 -13.22 -24.23 14.65
CA LEU A 290 -12.06 -23.69 15.36
C LEU A 290 -11.90 -24.33 16.75
N ARG A 291 -13.00 -24.89 17.30
CA ARG A 291 -13.06 -25.54 18.61
C ARG A 291 -12.69 -27.02 18.56
N THR A 292 -13.24 -27.78 17.60
CA THR A 292 -13.02 -29.23 17.46
C THR A 292 -11.84 -29.60 16.55
N GLY A 293 -11.41 -28.65 15.71
CA GLY A 293 -10.33 -28.87 14.75
C GLY A 293 -10.87 -29.44 13.45
N VAL A 294 -9.99 -29.98 12.60
CA VAL A 294 -10.37 -30.57 11.31
C VAL A 294 -11.15 -31.88 11.54
N ARG A 295 -12.35 -31.97 10.95
CA ARG A 295 -13.22 -33.15 11.04
C ARG A 295 -14.07 -33.29 9.77
N VAL A 296 -13.67 -34.23 8.90
CA VAL A 296 -14.40 -34.52 7.67
C VAL A 296 -15.04 -35.88 7.86
N VAL A 297 -16.38 -35.93 7.79
CA VAL A 297 -17.16 -37.14 8.00
C VAL A 297 -17.73 -37.69 6.68
N ILE A 298 -17.45 -38.96 6.41
CA ILE A 298 -17.92 -39.70 5.23
C ILE A 298 -18.79 -40.86 5.77
N ASP A 299 -20.13 -40.69 5.72
CA ASP A 299 -21.06 -41.72 6.19
C ASP A 299 -21.10 -42.91 5.23
N VAL A 300 -20.92 -44.10 5.78
CA VAL A 300 -20.89 -45.37 5.06
C VAL A 300 -22.25 -46.09 5.12
N ARG A 301 -22.72 -46.61 3.96
CA ARG A 301 -23.97 -47.36 3.82
C ARG A 301 -23.93 -48.61 4.69
N LYS A 302 -25.03 -48.91 5.39
CA LYS A 302 -25.16 -50.07 6.28
C LYS A 302 -24.74 -51.37 5.59
N ASP A 303 -23.89 -52.16 6.29
CA ASP A 303 -23.33 -53.47 5.89
C ASP A 303 -22.22 -53.37 4.80
N ALA A 304 -21.91 -52.16 4.30
CA ALA A 304 -20.83 -51.97 3.32
C ALA A 304 -19.50 -51.88 4.07
N ASN A 305 -18.40 -52.39 3.46
CA ASN A 305 -17.08 -52.37 4.07
C ASN A 305 -16.47 -50.97 3.98
N ALA A 306 -16.34 -50.30 5.15
CA ALA A 306 -15.81 -48.93 5.27
C ALA A 306 -14.31 -48.86 4.95
N SER A 307 -13.56 -49.93 5.27
CA SER A 307 -12.11 -50.02 5.01
C SER A 307 -11.82 -50.07 3.51
N VAL A 308 -12.73 -50.70 2.72
CA VAL A 308 -12.67 -50.80 1.27
C VAL A 308 -12.92 -49.40 0.68
N ILE A 309 -13.96 -48.69 1.17
CA ILE A 309 -14.32 -47.33 0.75
C ILE A 309 -13.16 -46.36 1.02
N LEU A 310 -12.54 -46.46 2.21
CA LEU A 310 -11.41 -45.64 2.62
C LEU A 310 -10.22 -45.86 1.68
N ASN A 311 -9.92 -47.15 1.38
CA ASN A 311 -8.84 -47.55 0.48
C ASN A 311 -9.05 -47.02 -0.94
N ASN A 312 -10.32 -47.00 -1.41
CA ASN A 312 -10.68 -46.47 -2.73
C ASN A 312 -10.58 -44.94 -2.73
N LEU A 313 -10.94 -44.28 -1.60
CA LEU A 313 -10.84 -42.82 -1.44
C LEU A 313 -9.38 -42.38 -1.51
N TYR A 314 -8.46 -43.19 -0.95
CA TYR A 314 -7.02 -42.94 -1.01
C TYR A 314 -6.49 -42.99 -2.44
N LYS A 315 -7.00 -43.93 -3.24
N LYS A 315 -7.01 -43.94 -3.24
CA LYS A 315 -6.61 -44.13 -4.64
CA LYS A 315 -6.64 -44.17 -4.63
C LYS A 315 -7.19 -43.07 -5.59
C LYS A 315 -7.21 -43.11 -5.60
N GLN A 316 -8.47 -42.70 -5.38
CA GLN A 316 -9.20 -41.77 -6.26
C GLN A 316 -9.25 -40.28 -5.87
N THR A 317 -9.00 -39.93 -4.60
CA THR A 317 -9.08 -38.52 -4.16
C THR A 317 -7.75 -38.02 -3.57
N PRO A 318 -7.55 -36.68 -3.32
CA PRO A 318 -6.30 -36.24 -2.69
C PRO A 318 -6.16 -36.61 -1.20
N LEU A 319 -6.99 -37.57 -0.70
CA LEU A 319 -6.93 -38.10 0.68
C LEU A 319 -5.55 -38.73 0.89
N GLN A 320 -4.95 -39.19 -0.22
CA GLN A 320 -3.59 -39.66 -0.33
C GLN A 320 -2.97 -38.83 -1.46
N THR A 321 -1.93 -38.08 -1.14
CA THR A 321 -1.25 -37.21 -2.10
C THR A 321 0.23 -37.46 -1.95
N SER A 322 0.96 -37.47 -3.07
CA SER A 322 2.39 -37.65 -3.01
C SER A 322 3.08 -36.30 -2.99
N PHE A 323 4.28 -36.26 -2.40
CA PHE A 323 5.12 -35.07 -2.35
C PHE A 323 6.34 -35.42 -3.19
N GLY A 324 6.44 -34.76 -4.35
CA GLY A 324 7.55 -34.96 -5.26
C GLY A 324 8.73 -34.14 -4.84
N VAL A 325 9.66 -34.75 -4.09
CA VAL A 325 10.86 -34.09 -3.59
C VAL A 325 11.83 -33.83 -4.76
N ASN A 326 12.30 -32.58 -4.86
CA ASN A 326 13.26 -32.09 -5.84
C ASN A 326 13.99 -30.94 -5.14
N MET A 327 15.04 -31.30 -4.36
CA MET A 327 15.78 -30.35 -3.52
C MET A 327 16.79 -29.50 -4.30
N ILE A 328 16.30 -28.42 -4.95
CA ILE A 328 17.14 -27.48 -5.69
C ILE A 328 17.22 -26.17 -4.90
N ALA A 329 18.43 -25.78 -4.51
CA ALA A 329 18.67 -24.55 -3.75
C ALA A 329 19.86 -23.81 -4.34
N LEU A 330 19.97 -22.50 -4.06
CA LEU A 330 21.09 -21.70 -4.54
C LEU A 330 22.32 -21.94 -3.67
N VAL A 331 23.30 -22.63 -4.25
CA VAL A 331 24.59 -22.95 -3.59
C VAL A 331 25.61 -22.09 -4.31
N ASN A 332 26.25 -21.17 -3.55
N ASN A 332 26.25 -21.16 -3.56
CA ASN A 332 27.27 -20.22 -4.04
CA ASN A 332 27.26 -20.21 -4.04
C ASN A 332 26.74 -19.38 -5.23
C ASN A 332 26.72 -19.38 -5.24
N GLY A 333 25.47 -18.97 -5.13
CA GLY A 333 24.77 -18.18 -6.14
C GLY A 333 24.32 -18.92 -7.39
N ARG A 334 24.43 -20.27 -7.40
CA ARG A 334 24.05 -21.09 -8.55
C ARG A 334 23.10 -22.23 -8.16
N PRO A 335 22.13 -22.64 -9.03
CA PRO A 335 21.21 -23.72 -8.66
C PRO A 335 21.89 -25.09 -8.59
N LYS A 336 21.54 -25.88 -7.59
CA LYS A 336 22.12 -27.20 -7.42
C LYS A 336 21.15 -28.16 -6.77
N LEU A 337 21.05 -29.38 -7.33
CA LEU A 337 20.25 -30.46 -6.75
C LEU A 337 21.12 -30.99 -5.61
N ILE A 338 20.62 -30.89 -4.38
CA ILE A 338 21.35 -31.27 -3.18
C ILE A 338 20.68 -32.39 -2.38
N ASN A 339 21.48 -33.25 -1.76
CA ASN A 339 20.99 -34.33 -0.90
C ASN A 339 20.90 -33.80 0.54
N LEU A 340 20.38 -34.60 1.50
CA LEU A 340 20.24 -34.20 2.90
C LEU A 340 21.57 -33.75 3.54
N LYS A 341 22.66 -34.51 3.31
CA LYS A 341 23.98 -34.18 3.86
C LYS A 341 24.50 -32.84 3.33
N GLU A 342 24.41 -32.59 2.00
N GLU A 342 24.41 -32.60 2.01
CA GLU A 342 24.87 -31.33 1.38
CA GLU A 342 24.86 -31.36 1.37
C GLU A 342 24.15 -30.13 1.95
C GLU A 342 24.14 -30.14 1.94
N ALA A 343 22.82 -30.25 2.20
CA ALA A 343 21.99 -29.18 2.77
C ALA A 343 22.45 -28.84 4.19
N LEU A 344 22.81 -29.86 4.99
CA LEU A 344 23.30 -29.69 6.36
C LEU A 344 24.74 -29.19 6.39
N VAL A 345 25.59 -29.64 5.44
CA VAL A 345 27.01 -29.26 5.32
C VAL A 345 27.12 -27.76 5.01
N HIS A 346 26.38 -27.28 3.99
CA HIS A 346 26.37 -25.88 3.61
C HIS A 346 25.80 -24.99 4.71
N TYR A 347 24.80 -25.50 5.46
CA TYR A 347 24.21 -24.77 6.57
C TYR A 347 25.19 -24.61 7.74
N LEU A 348 25.85 -25.71 8.14
CA LEU A 348 26.84 -25.71 9.23
C LEU A 348 28.01 -24.78 8.93
N GLU A 349 28.43 -24.70 7.65
CA GLU A 349 29.50 -23.82 7.18
C GLU A 349 29.12 -22.34 7.28
N HIS A 350 27.82 -22.04 7.06
CA HIS A 350 27.26 -20.69 7.17
C HIS A 350 27.27 -20.26 8.63
N GLN A 351 26.92 -21.18 9.55
CA GLN A 351 26.93 -20.94 11.00
C GLN A 351 28.30 -20.67 11.56
N LYS A 352 29.30 -21.45 11.10
CA LYS A 352 30.70 -21.32 11.50
C LYS A 352 31.20 -19.93 11.09
N THR A 353 30.86 -19.49 9.87
CA THR A 353 31.20 -18.18 9.30
C THR A 353 30.53 -17.05 10.11
N VAL A 354 29.21 -17.18 10.40
CA VAL A 354 28.43 -16.20 11.17
C VAL A 354 29.05 -15.97 12.57
N VAL A 355 29.27 -17.05 13.34
CA VAL A 355 29.85 -17.01 14.69
C VAL A 355 31.28 -16.44 14.67
N ARG A 356 32.11 -16.83 13.66
CA ARG A 356 33.48 -16.34 13.49
C ARG A 356 33.47 -14.82 13.25
N ARG A 357 32.67 -14.38 12.25
CA ARG A 357 32.51 -12.96 11.88
C ARG A 357 31.92 -12.11 13.02
N ARG A 358 31.07 -12.72 13.88
CA ARG A 358 30.48 -12.03 15.04
C ARG A 358 31.55 -11.80 16.12
N THR A 359 32.38 -12.83 16.38
CA THR A 359 33.48 -12.80 17.34
C THR A 359 34.55 -11.78 16.90
N GLN A 360 34.83 -11.72 15.58
CA GLN A 360 35.78 -10.78 14.97
C GLN A 360 35.28 -9.34 15.13
N TYR A 361 33.96 -9.11 14.92
CA TYR A 361 33.31 -7.80 15.06
C TYR A 361 33.36 -7.35 16.52
N ASN A 362 32.95 -8.23 17.46
CA ASN A 362 32.95 -7.96 18.90
C ASN A 362 34.34 -7.64 19.43
N LEU A 363 35.40 -8.22 18.81
CA LEU A 363 36.79 -7.95 19.17
C LEU A 363 37.20 -6.55 18.71
N ARG A 364 36.88 -6.18 17.44
CA ARG A 364 37.19 -4.86 16.89
C ARG A 364 36.49 -3.76 17.71
N LYS A 365 35.22 -3.99 18.05
CA LYS A 365 34.36 -3.11 18.84
C LYS A 365 34.93 -2.90 20.26
N ALA A 366 35.39 -3.99 20.90
CA ALA A 366 35.98 -4.00 22.25
C ALA A 366 37.33 -3.28 22.29
N LYS A 367 38.19 -3.55 21.28
CA LYS A 367 39.50 -2.93 21.13
C LYS A 367 39.38 -1.41 20.92
N ASP A 368 38.36 -0.98 20.15
CA ASP A 368 38.07 0.42 19.90
C ASP A 368 37.59 1.11 21.18
N ARG A 369 36.68 0.47 21.94
CA ARG A 369 36.14 0.98 23.21
C ARG A 369 37.24 1.08 24.28
N ALA A 370 38.17 0.09 24.30
CA ALA A 370 39.30 0.08 25.23
C ALA A 370 40.23 1.26 24.96
N HIS A 371 40.42 1.57 23.67
CA HIS A 371 41.23 2.70 23.19
C HIS A 371 40.60 4.03 23.61
N ILE A 372 39.25 4.14 23.53
CA ILE A 372 38.49 5.32 23.92
C ILE A 372 38.57 5.53 25.44
N LEU A 373 38.42 4.44 26.22
CA LEU A 373 38.52 4.48 27.68
C LEU A 373 39.91 4.90 28.16
N GLU A 374 40.96 4.50 27.41
CA GLU A 374 42.35 4.86 27.69
C GLU A 374 42.52 6.40 27.61
N GLY A 375 41.89 7.00 26.60
CA GLY A 375 41.89 8.44 26.38
C GLY A 375 41.11 9.20 27.43
N LEU A 376 39.95 8.63 27.86
CA LEU A 376 39.09 9.21 28.89
C LEU A 376 39.78 9.15 30.25
N ARG A 377 40.57 8.08 30.49
CA ARG A 377 41.37 7.83 31.71
C ARG A 377 42.38 8.96 31.88
N ILE A 378 43.11 9.28 30.79
CA ILE A 378 44.11 10.34 30.72
C ILE A 378 43.44 11.70 31.00
N ALA A 379 42.28 11.93 30.36
CA ALA A 379 41.48 13.14 30.52
C ALA A 379 41.03 13.41 31.95
N LEU A 380 40.61 12.37 32.70
CA LEU A 380 40.19 12.55 34.09
C LEU A 380 41.36 12.75 35.04
N ASP A 381 42.52 12.11 34.76
CA ASP A 381 43.74 12.22 35.56
C ASP A 381 44.40 13.58 35.43
N HIS A 382 44.11 14.30 34.33
CA HIS A 382 44.68 15.62 34.02
C HIS A 382 43.56 16.60 33.61
N ILE A 383 42.36 16.46 34.20
CA ILE A 383 41.17 17.26 33.86
C ILE A 383 41.41 18.78 33.92
N ASP A 384 42.12 19.29 34.95
CA ASP A 384 42.42 20.73 35.05
C ASP A 384 43.23 21.22 33.87
N GLU A 385 44.20 20.41 33.40
CA GLU A 385 45.02 20.73 32.23
C GLU A 385 44.22 20.54 30.94
N ILE A 386 43.31 19.54 30.89
CA ILE A 386 42.43 19.25 29.75
C ILE A 386 41.51 20.47 29.50
N ILE A 387 40.81 20.95 30.57
CA ILE A 387 39.90 22.11 30.54
C ILE A 387 40.61 23.36 30.01
N SER A 388 41.78 23.69 30.59
CA SER A 388 42.58 24.85 30.19
C SER A 388 43.05 24.80 28.73
N THR A 389 43.41 23.59 28.23
CA THR A 389 43.83 23.34 26.85
C THR A 389 42.67 23.63 25.89
N ILE A 390 41.44 23.23 26.27
CA ILE A 390 40.23 23.46 25.47
C ILE A 390 39.86 24.96 25.50
N ARG A 391 39.87 25.58 26.70
CA ARG A 391 39.55 26.99 26.93
C ARG A 391 40.46 27.96 26.19
N GLU A 392 41.77 27.68 26.12
CA GLU A 392 42.74 28.55 25.45
C GLU A 392 42.64 28.43 23.91
N SER A 393 41.96 27.37 23.41
CA SER A 393 41.77 27.11 21.98
C SER A 393 40.57 27.86 21.42
N ASP A 394 40.78 28.57 20.30
CA ASP A 394 39.75 29.36 19.61
C ASP A 394 38.74 28.48 18.88
N THR A 395 39.22 27.44 18.17
CA THR A 395 38.38 26.52 17.39
C THR A 395 38.48 25.08 17.91
N ASP A 396 37.60 24.21 17.40
CA ASP A 396 37.53 22.79 17.71
C ASP A 396 38.77 22.07 17.20
N LYS A 397 39.22 22.44 15.97
CA LYS A 397 40.41 21.90 15.29
C LYS A 397 41.67 22.16 16.11
N VAL A 398 41.81 23.40 16.66
CA VAL A 398 42.95 23.80 17.49
C VAL A 398 42.93 23.00 18.80
N ALA A 399 41.74 22.83 19.42
CA ALA A 399 41.56 22.05 20.65
C ALA A 399 41.95 20.58 20.43
N MET A 400 41.55 20.01 19.27
CA MET A 400 41.86 18.64 18.84
C MET A 400 43.37 18.39 18.77
N GLU A 401 44.11 19.22 18.00
N GLU A 401 44.10 19.25 18.00
CA GLU A 401 45.57 19.10 17.83
CA GLU A 401 45.54 19.22 17.77
C GLU A 401 46.34 19.30 19.13
C GLU A 401 46.34 19.36 19.07
N SER A 402 45.95 20.32 19.94
CA SER A 402 46.59 20.62 21.22
C SER A 402 46.46 19.45 22.21
N LEU A 403 45.28 18.81 22.28
CA LEU A 403 45.02 17.65 23.15
C LEU A 403 45.87 16.45 22.73
N GLN A 404 45.95 16.20 21.40
CA GLN A 404 46.71 15.12 20.78
C GLN A 404 48.22 15.23 21.08
N GLN A 405 48.79 16.45 20.99
CA GLN A 405 50.21 16.65 21.24
C GLN A 405 50.60 16.63 22.71
N ARG A 406 49.86 17.36 23.55
CA ARG A 406 50.13 17.48 24.98
C ARG A 406 49.95 16.17 25.75
N PHE A 407 48.86 15.43 25.47
CA PHE A 407 48.53 14.23 26.24
C PHE A 407 48.71 12.91 25.47
N LYS A 408 49.46 12.93 24.34
CA LYS A 408 49.77 11.74 23.51
C LYS A 408 48.48 10.96 23.14
N LEU A 409 47.46 11.67 22.65
CA LEU A 409 46.18 11.10 22.29
C LEU A 409 46.00 10.98 20.78
N SER A 410 45.12 10.05 20.35
CA SER A 410 44.77 9.86 18.93
C SER A 410 43.62 10.80 18.59
N GLU A 411 43.28 10.92 17.28
CA GLU A 411 42.16 11.75 16.83
C GLU A 411 40.86 11.30 17.49
N LYS A 412 40.61 9.98 17.55
CA LYS A 412 39.42 9.37 18.17
C LYS A 412 39.35 9.65 19.68
N GLN A 413 40.49 9.56 20.39
CA GLN A 413 40.59 9.81 21.83
C GLN A 413 40.29 11.28 22.15
N ALA A 414 40.91 12.24 21.42
CA ALA A 414 40.71 13.67 21.58
C ALA A 414 39.27 14.09 21.30
N GLN A 415 38.65 13.49 20.26
CA GLN A 415 37.26 13.70 19.83
C GLN A 415 36.30 13.27 20.94
N ALA A 416 36.58 12.10 21.57
CA ALA A 416 35.78 11.52 22.68
C ALA A 416 35.82 12.39 23.92
N ILE A 417 36.96 13.06 24.18
CA ILE A 417 37.16 13.97 25.31
C ILE A 417 36.37 15.26 25.08
N LEU A 418 36.38 15.79 23.84
CA LEU A 418 35.61 16.99 23.50
C LEU A 418 34.10 16.75 23.52
N ASP A 419 33.68 15.50 23.27
CA ASP A 419 32.28 15.06 23.27
C ASP A 419 31.76 14.76 24.69
N MET A 420 32.70 14.61 25.65
CA MET A 420 32.40 14.31 27.05
C MET A 420 31.58 15.44 27.68
N ARG A 421 30.44 15.08 28.30
CA ARG A 421 29.57 16.04 28.97
C ARG A 421 30.13 16.33 30.35
N LEU A 422 29.77 17.51 30.94
CA LEU A 422 30.26 17.91 32.27
C LEU A 422 29.89 16.93 33.38
N ARG A 423 28.74 16.22 33.26
CA ARG A 423 28.27 15.22 34.22
C ARG A 423 29.21 13.99 34.34
N ARG A 424 30.09 13.79 33.35
CA ARG A 424 31.05 12.69 33.33
C ARG A 424 32.26 13.01 34.21
N LEU A 425 32.29 14.23 34.78
CA LEU A 425 33.37 14.71 35.65
C LEU A 425 33.06 14.45 37.13
N THR A 426 31.91 13.78 37.43
CA THR A 426 31.50 13.42 38.79
C THR A 426 32.47 12.42 39.42
N GLY A 427 32.61 12.49 40.74
CA GLY A 427 33.51 11.70 41.57
C GLY A 427 33.73 10.23 41.28
N LEU A 428 32.64 9.46 41.08
CA LEU A 428 32.75 8.00 40.86
C LEU A 428 32.96 7.59 39.39
N GLU A 429 33.03 8.54 38.44
CA GLU A 429 33.23 8.26 37.02
C GLU A 429 34.60 7.68 36.69
N ARG A 430 35.66 8.11 37.40
CA ARG A 430 37.01 7.58 37.19
C ARG A 430 37.07 6.11 37.58
N ASP A 431 36.27 5.69 38.60
CA ASP A 431 36.23 4.28 38.98
C ASP A 431 35.44 3.45 37.97
N LYS A 432 34.35 4.03 37.42
CA LYS A 432 33.48 3.40 36.42
C LYS A 432 34.25 3.13 35.11
N ILE A 433 35.11 4.09 34.70
CA ILE A 433 35.94 4.01 33.51
C ILE A 433 37.02 2.93 33.70
N GLU A 434 37.62 2.86 34.91
CA GLU A 434 38.62 1.85 35.27
C GLU A 434 37.98 0.45 35.33
N ALA A 435 36.77 0.34 35.92
CA ALA A 435 36.04 -0.93 36.03
C ALA A 435 35.64 -1.49 34.66
N GLU A 436 35.18 -0.62 33.73
CA GLU A 436 34.78 -1.00 32.37
C GLU A 436 35.99 -1.47 31.56
N TYR A 437 37.15 -0.81 31.73
CA TYR A 437 38.40 -1.13 31.05
C TYR A 437 38.90 -2.54 31.42
N ASN A 438 38.97 -2.84 32.73
CA ASN A 438 39.40 -4.13 33.27
C ASN A 438 38.53 -5.29 32.78
N GLU A 439 37.19 -5.10 32.72
N GLU A 439 37.20 -5.10 32.71
CA GLU A 439 36.25 -6.12 32.24
CA GLU A 439 36.26 -6.13 32.24
C GLU A 439 36.41 -6.33 30.72
C GLU A 439 36.34 -6.31 30.72
N LEU A 440 36.67 -5.23 29.99
CA LEU A 440 36.86 -5.23 28.52
C LEU A 440 38.11 -6.01 28.12
N LEU A 441 39.22 -5.89 28.91
CA LEU A 441 40.47 -6.62 28.67
C LEU A 441 40.22 -8.11 28.82
N ASN A 442 39.37 -8.50 29.78
CA ASN A 442 38.98 -9.89 30.02
C ASN A 442 38.12 -10.40 28.86
N TYR A 443 37.19 -9.56 28.35
CA TYR A 443 36.31 -9.87 27.22
C TYR A 443 37.12 -10.04 25.93
N ILE A 444 38.13 -9.17 25.70
CA ILE A 444 39.04 -9.21 24.54
C ILE A 444 39.77 -10.57 24.54
N SER A 445 40.27 -10.99 25.72
CA SER A 445 40.97 -12.26 25.94
C SER A 445 40.04 -13.46 25.66
N GLU A 446 38.76 -13.36 26.08
CA GLU A 446 37.73 -14.40 25.87
C GLU A 446 37.44 -14.61 24.37
N LEU A 447 37.31 -13.50 23.60
CA LEU A 447 37.05 -13.53 22.16
C LEU A 447 38.27 -14.03 21.40
N GLU A 448 39.48 -13.65 21.85
CA GLU A 448 40.77 -14.06 21.24
C GLU A 448 40.97 -15.57 21.37
N THR A 449 40.51 -16.16 22.50
CA THR A 449 40.56 -17.60 22.78
C THR A 449 39.70 -18.35 21.75
N ILE A 450 38.50 -17.80 21.43
CA ILE A 450 37.57 -18.37 20.44
C ILE A 450 38.19 -18.36 19.03
N LEU A 451 38.79 -17.23 18.63
CA LEU A 451 39.41 -17.08 17.31
C LEU A 451 40.70 -17.87 17.13
N ALA A 452 41.39 -18.22 18.23
CA ALA A 452 42.63 -18.98 18.21
C ALA A 452 42.42 -20.50 18.05
N ASP A 453 41.20 -20.99 18.36
CA ASP A 453 40.87 -22.43 18.28
C ASP A 453 39.59 -22.66 17.49
N GLU A 454 39.67 -23.47 16.41
CA GLU A 454 38.52 -23.81 15.55
C GLU A 454 37.52 -24.69 16.32
N GLU A 455 38.02 -25.55 17.24
CA GLU A 455 37.20 -26.44 18.06
C GLU A 455 36.35 -25.68 19.08
N VAL A 456 36.90 -24.60 19.69
CA VAL A 456 36.20 -23.74 20.66
C VAL A 456 35.07 -22.98 19.94
N LEU A 457 35.34 -22.53 18.69
CA LEU A 457 34.40 -21.84 17.80
C LEU A 457 33.26 -22.79 17.43
N LEU A 458 33.60 -24.03 17.05
CA LEU A 458 32.65 -25.07 16.65
C LEU A 458 31.75 -25.46 17.83
N GLN A 459 32.32 -25.55 19.05
CA GLN A 459 31.57 -25.86 20.27
C GLN A 459 30.57 -24.74 20.59
N LEU A 460 30.96 -23.48 20.33
CA LEU A 460 30.11 -22.31 20.53
C LEU A 460 28.90 -22.37 19.59
N VAL A 461 29.13 -22.83 18.34
CA VAL A 461 28.08 -23.02 17.31
C VAL A 461 27.12 -24.11 17.82
N ARG A 462 27.68 -25.25 18.32
CA ARG A 462 26.95 -26.39 18.88
C ARG A 462 26.07 -25.96 20.04
N ASP A 463 26.65 -25.22 21.02
CA ASP A 463 25.97 -24.72 22.21
C ASP A 463 24.81 -23.79 21.89
N GLU A 464 25.02 -22.87 20.93
CA GLU A 464 24.01 -21.92 20.50
C GLU A 464 22.86 -22.60 19.76
N LEU A 465 23.16 -23.67 18.99
CA LEU A 465 22.16 -24.47 18.28
C LEU A 465 21.32 -25.27 19.26
N THR A 466 21.97 -25.82 20.32
CA THR A 466 21.33 -26.60 21.40
C THR A 466 20.31 -25.73 22.14
N GLU A 467 20.67 -24.46 22.44
N GLU A 467 20.67 -24.46 22.44
CA GLU A 467 19.82 -23.49 23.12
CA GLU A 467 19.84 -23.46 23.11
C GLU A 467 18.55 -23.21 22.30
C GLU A 467 18.56 -23.19 22.31
N ILE A 468 18.69 -23.05 20.96
CA ILE A 468 17.57 -22.81 20.05
C ILE A 468 16.67 -24.06 19.96
N ARG A 469 17.30 -25.26 19.97
CA ARG A 469 16.61 -26.55 19.94
C ARG A 469 15.75 -26.73 21.20
N ASP A 470 16.29 -26.42 22.38
CA ASP A 470 15.60 -26.54 23.67
C ASP A 470 14.45 -25.55 23.81
N ARG A 471 14.56 -24.36 23.19
CA ARG A 471 13.58 -23.28 23.26
C ARG A 471 12.48 -23.36 22.19
N PHE A 472 12.85 -23.70 20.94
CA PHE A 472 11.91 -23.74 19.82
C PHE A 472 11.56 -25.15 19.31
N GLY A 473 12.34 -26.15 19.70
CA GLY A 473 12.11 -27.53 19.29
C GLY A 473 10.80 -28.07 19.84
N ASP A 474 10.03 -28.73 18.97
CA ASP A 474 8.73 -29.29 19.33
C ASP A 474 8.60 -30.76 18.94
N ASP A 475 7.47 -31.38 19.31
CA ASP A 475 7.17 -32.78 18.98
C ASP A 475 6.90 -32.97 17.49
N ARG A 476 7.16 -34.19 17.00
CA ARG A 476 6.90 -34.58 15.62
C ARG A 476 5.38 -34.67 15.43
N ARG A 477 4.88 -34.10 14.33
CA ARG A 477 3.47 -34.09 13.98
C ARG A 477 3.12 -35.23 13.02
N THR A 478 3.86 -35.34 11.90
CA THR A 478 3.64 -36.35 10.87
C THR A 478 4.14 -37.72 11.32
N GLU A 479 3.27 -38.74 11.24
CA GLU A 479 3.65 -40.10 11.62
C GLU A 479 4.20 -40.86 10.42
N ILE A 480 5.40 -41.43 10.55
CA ILE A 480 6.02 -42.22 9.49
C ILE A 480 5.71 -43.69 9.78
N GLN A 481 4.75 -44.26 9.04
CA GLN A 481 4.32 -45.65 9.18
C GLN A 481 5.08 -46.61 8.29
N LEU A 482 5.48 -47.75 8.86
CA LEU A 482 6.22 -48.81 8.17
C LEU A 482 5.24 -49.90 7.75
N GLY A 483 4.97 -50.06 6.46
CA GLY A 483 5.55 -49.29 5.36
C GLY A 483 4.88 -49.67 4.03
N LYS B 1 -9.28 -1.87 -26.06
CA LYS B 1 -8.11 -1.28 -25.42
C LYS B 1 -7.24 -0.46 -26.38
N LEU B 2 -7.43 -0.61 -27.71
CA LEU B 2 -6.64 0.11 -28.72
C LEU B 2 -7.00 1.59 -28.82
N ALA B 3 -5.98 2.45 -28.74
CA ALA B 3 -6.11 3.90 -28.89
C ALA B 3 -5.42 4.22 -30.22
N ASP B 4 -6.19 4.15 -31.32
CA ASP B 4 -5.71 4.34 -32.69
C ASP B 4 -5.29 5.78 -33.00
N CYS B 5 -4.59 5.97 -34.13
CA CYS B 5 -4.10 7.26 -34.63
C CYS B 5 -5.05 7.86 -35.68
N SER B 6 -4.94 9.18 -35.92
CA SER B 6 -5.76 9.96 -36.87
C SER B 6 -5.58 9.53 -38.33
N SER B 7 -4.30 9.45 -38.79
CA SER B 7 -3.94 9.06 -40.16
C SER B 7 -4.34 7.62 -40.46
N LYS B 8 -4.86 7.39 -41.66
CA LYS B 8 -5.27 6.06 -42.11
C LYS B 8 -4.29 5.50 -43.16
N SER B 9 -3.16 6.22 -43.37
CA SER B 9 -2.09 5.84 -44.29
C SER B 9 -1.09 5.00 -43.49
N PRO B 10 -1.03 3.67 -43.75
CA PRO B 10 -0.14 2.79 -42.95
C PRO B 10 1.37 3.02 -43.04
N GLU B 11 1.83 3.69 -44.12
N GLU B 11 1.83 3.69 -44.11
CA GLU B 11 3.24 4.00 -44.39
CA GLU B 11 3.25 3.97 -44.38
C GLU B 11 3.88 4.88 -43.29
C GLU B 11 3.89 4.91 -43.33
N GLU B 12 3.10 5.84 -42.75
CA GLU B 12 3.54 6.79 -41.71
C GLU B 12 3.05 6.43 -40.30
N CYS B 13 2.11 5.47 -40.19
CA CYS B 13 1.55 5.04 -38.91
C CYS B 13 2.40 4.02 -38.18
N GLU B 14 2.42 4.13 -36.84
CA GLU B 14 3.19 3.27 -35.94
C GLU B 14 2.31 2.78 -34.80
N ILE B 15 2.43 1.49 -34.44
CA ILE B 15 1.69 0.93 -33.31
C ILE B 15 2.65 0.52 -32.20
N PHE B 16 2.44 1.05 -31.00
CA PHE B 16 3.27 0.74 -29.85
C PHE B 16 2.55 -0.26 -28.96
N LEU B 17 3.18 -1.42 -28.71
CA LEU B 17 2.64 -2.46 -27.85
C LEU B 17 3.32 -2.25 -26.50
N VAL B 18 2.60 -1.64 -25.56
CA VAL B 18 3.15 -1.28 -24.25
C VAL B 18 2.81 -2.29 -23.14
N GLU B 19 3.76 -2.46 -22.21
CA GLU B 19 3.64 -3.34 -21.05
C GLU B 19 2.93 -2.57 -19.94
N GLY B 20 1.78 -3.11 -19.50
CA GLY B 20 0.98 -2.53 -18.44
C GLY B 20 0.04 -1.43 -18.86
N ASP B 21 -1.11 -1.34 -18.18
CA ASP B 21 -2.14 -0.33 -18.46
C ASP B 21 -1.72 1.05 -17.94
N SER B 22 -0.86 1.08 -16.91
CA SER B 22 -0.31 2.30 -16.30
C SER B 22 0.58 3.03 -17.29
N ALA B 23 1.45 2.29 -18.00
CA ALA B 23 2.32 2.83 -19.05
C ALA B 23 1.51 3.10 -20.31
N GLY B 24 0.42 2.35 -20.49
CA GLY B 24 -0.52 2.47 -21.61
C GLY B 24 -1.18 3.83 -21.68
N GLY B 25 -1.76 4.26 -20.56
CA GLY B 25 -2.41 5.55 -20.42
C GLY B 25 -1.43 6.71 -20.50
N SER B 26 -0.20 6.48 -20.00
CA SER B 26 0.90 7.45 -20.00
C SER B 26 1.41 7.69 -21.43
N THR B 27 1.53 6.61 -22.23
CA THR B 27 1.98 6.68 -23.63
C THR B 27 0.92 7.30 -24.52
N LYS B 28 -0.37 7.11 -24.15
CA LYS B 28 -1.55 7.66 -24.83
C LYS B 28 -1.59 9.19 -24.76
N SER B 29 -1.01 9.79 -23.70
CA SER B 29 -0.95 11.24 -23.51
C SER B 29 0.26 11.86 -24.22
N GLY B 30 1.43 11.22 -24.08
CA GLY B 30 2.69 11.69 -24.66
C GLY B 30 2.87 11.54 -26.15
N ARG B 31 2.21 10.54 -26.77
CA ARG B 31 2.26 10.24 -28.20
C ARG B 31 1.82 11.37 -29.14
N ASP B 32 2.09 11.16 -30.43
CA ASP B 32 1.64 12.01 -31.52
C ASP B 32 0.44 11.24 -32.06
N SER B 33 -0.77 11.55 -31.53
CA SER B 33 -2.05 10.89 -31.84
C SER B 33 -2.42 10.88 -33.34
N ARG B 34 -1.65 11.58 -34.18
CA ARG B 34 -1.89 11.61 -35.62
C ARG B 34 -1.29 10.38 -36.30
N THR B 35 -0.07 9.99 -35.92
CA THR B 35 0.65 8.86 -36.52
C THR B 35 0.94 7.69 -35.56
N GLN B 36 0.73 7.88 -34.25
CA GLN B 36 1.05 6.84 -33.27
C GLN B 36 -0.18 6.25 -32.56
N ALA B 37 -0.26 4.91 -32.57
CA ALA B 37 -1.31 4.11 -31.94
C ALA B 37 -0.73 3.35 -30.74
N ILE B 38 -1.57 3.07 -29.73
CA ILE B 38 -1.15 2.37 -28.51
C ILE B 38 -2.06 1.17 -28.22
N LEU B 39 -1.45 0.01 -27.99
CA LEU B 39 -2.17 -1.19 -27.59
C LEU B 39 -1.55 -1.74 -26.29
N PRO B 40 -2.13 -1.40 -25.12
CA PRO B 40 -1.56 -1.90 -23.86
C PRO B 40 -1.83 -3.38 -23.64
N LEU B 41 -0.82 -4.08 -23.12
CA LEU B 41 -0.88 -5.48 -22.79
C LEU B 41 -0.81 -5.60 -21.26
N ARG B 42 -1.77 -6.32 -20.64
CA ARG B 42 -1.91 -6.50 -19.19
C ARG B 42 -0.58 -6.80 -18.48
N GLY B 43 0.17 -7.77 -19.01
CA GLY B 43 1.46 -8.18 -18.47
C GLY B 43 2.06 -9.29 -19.30
N LYS B 44 2.13 -10.50 -18.71
CA LYS B 44 2.65 -11.68 -19.39
C LYS B 44 1.66 -12.17 -20.43
N ILE B 45 2.14 -12.31 -21.66
CA ILE B 45 1.41 -12.72 -22.86
C ILE B 45 1.44 -14.24 -23.02
N LEU B 46 0.41 -14.85 -23.65
CA LEU B 46 0.37 -16.28 -23.94
C LEU B 46 1.56 -16.72 -24.81
N ASN B 47 2.25 -17.81 -24.42
CA ASN B 47 3.35 -18.38 -25.19
C ASN B 47 2.71 -19.30 -26.23
N VAL B 48 2.70 -18.85 -27.50
CA VAL B 48 2.09 -19.56 -28.63
C VAL B 48 2.79 -20.89 -28.96
N GLU B 49 4.09 -21.00 -28.61
CA GLU B 49 4.90 -22.20 -28.82
C GLU B 49 4.42 -23.37 -27.95
N LYS B 50 3.87 -23.07 -26.75
CA LYS B 50 3.35 -24.03 -25.78
C LYS B 50 1.83 -24.23 -25.88
N ALA B 51 1.11 -23.27 -26.49
CA ALA B 51 -0.35 -23.29 -26.61
C ALA B 51 -0.87 -23.88 -27.93
N ARG B 52 -2.05 -24.51 -27.90
CA ARG B 52 -2.66 -25.06 -29.11
C ARG B 52 -3.46 -23.95 -29.82
N LEU B 53 -3.65 -24.10 -31.14
CA LEU B 53 -4.30 -23.13 -32.02
C LEU B 53 -5.63 -22.57 -31.52
N ASP B 54 -6.52 -23.42 -30.96
CA ASP B 54 -7.82 -23.01 -30.42
C ASP B 54 -7.64 -22.01 -29.27
N ARG B 55 -6.66 -22.25 -28.38
CA ARG B 55 -6.36 -21.40 -27.23
C ARG B 55 -5.75 -20.07 -27.69
N ILE B 56 -4.91 -20.10 -28.74
CA ILE B 56 -4.26 -18.91 -29.30
C ILE B 56 -5.32 -17.98 -29.90
N LEU B 57 -6.21 -18.53 -30.76
CA LEU B 57 -7.27 -17.77 -31.42
C LEU B 57 -8.38 -17.29 -30.46
N ASN B 58 -8.48 -17.91 -29.27
CA ASN B 58 -9.47 -17.56 -28.25
C ASN B 58 -8.94 -16.51 -27.25
N ASN B 59 -7.61 -16.29 -27.21
CA ASN B 59 -6.95 -15.33 -26.33
C ASN B 59 -7.25 -13.90 -26.76
N ASN B 60 -7.75 -13.05 -25.82
CA ASN B 60 -8.13 -11.66 -26.05
C ASN B 60 -6.99 -10.76 -26.51
N GLU B 61 -5.82 -10.87 -25.85
CA GLU B 61 -4.62 -10.09 -26.17
C GLU B 61 -4.11 -10.38 -27.59
N ILE B 62 -4.12 -11.67 -27.98
CA ILE B 62 -3.70 -12.15 -29.30
C ILE B 62 -4.67 -11.61 -30.38
N ARG B 63 -6.00 -11.73 -30.12
CA ARG B 63 -7.07 -11.26 -31.01
C ARG B 63 -6.98 -9.76 -31.27
N GLN B 64 -6.72 -8.97 -30.21
CA GLN B 64 -6.60 -7.52 -30.27
C GLN B 64 -5.42 -7.07 -31.14
N MET B 65 -4.32 -7.84 -31.13
CA MET B 65 -3.13 -7.58 -31.95
C MET B 65 -3.41 -7.88 -33.42
N ILE B 66 -4.11 -9.00 -33.71
CA ILE B 66 -4.49 -9.44 -35.06
C ILE B 66 -5.42 -8.39 -35.71
N THR B 67 -6.47 -7.96 -34.97
CA THR B 67 -7.45 -6.96 -35.40
C THR B 67 -6.79 -5.60 -35.70
N ALA B 68 -5.87 -5.15 -34.83
CA ALA B 68 -5.14 -3.90 -34.97
C ALA B 68 -4.21 -3.90 -36.19
N PHE B 69 -3.43 -4.98 -36.39
CA PHE B 69 -2.50 -5.10 -37.51
C PHE B 69 -3.22 -5.26 -38.87
N GLY B 70 -4.40 -5.89 -38.83
CA GLY B 70 -5.28 -6.11 -39.98
C GLY B 70 -4.67 -6.86 -41.16
N THR B 71 -3.71 -7.75 -40.90
CA THR B 71 -3.02 -8.55 -41.91
C THR B 71 -3.57 -9.96 -42.04
N GLY B 72 -4.10 -10.48 -40.95
CA GLY B 72 -4.56 -11.87 -40.86
C GLY B 72 -3.43 -12.67 -40.26
N ILE B 73 -3.57 -14.01 -40.22
CA ILE B 73 -2.54 -14.86 -39.63
C ILE B 73 -2.21 -16.09 -40.48
N GLY B 74 -0.96 -16.57 -40.33
CA GLY B 74 -0.41 -17.75 -40.99
C GLY B 74 -0.48 -17.73 -42.50
N GLY B 75 -1.29 -18.63 -43.05
CA GLY B 75 -1.50 -18.78 -44.49
C GLY B 75 -2.34 -17.67 -45.10
N ASP B 76 -3.19 -17.03 -44.28
CA ASP B 76 -4.08 -15.95 -44.70
C ASP B 76 -3.46 -14.54 -44.49
N PHE B 77 -2.15 -14.48 -44.16
CA PHE B 77 -1.43 -13.23 -43.94
C PHE B 77 -1.28 -12.42 -45.22
N ASP B 78 -1.67 -11.13 -45.16
CA ASP B 78 -1.59 -10.19 -46.27
C ASP B 78 -0.79 -8.97 -45.81
N LEU B 79 0.46 -8.84 -46.28
CA LEU B 79 1.37 -7.75 -45.96
C LEU B 79 0.86 -6.38 -46.45
N ALA B 80 0.17 -6.37 -47.61
CA ALA B 80 -0.42 -5.17 -48.21
C ALA B 80 -1.59 -4.62 -47.38
N LYS B 81 -2.18 -5.46 -46.52
CA LYS B 81 -3.29 -5.11 -45.64
C LYS B 81 -2.83 -4.61 -44.25
N ALA B 82 -1.50 -4.46 -44.04
CA ALA B 82 -0.90 -3.95 -42.79
C ALA B 82 -1.38 -2.53 -42.52
N ARG B 83 -1.90 -2.29 -41.32
CA ARG B 83 -2.44 -1.00 -40.91
C ARG B 83 -1.36 -0.06 -40.38
N TYR B 84 -0.16 -0.61 -40.07
CA TYR B 84 1.00 0.11 -39.56
C TYR B 84 2.27 -0.50 -40.14
N HIS B 85 3.19 0.34 -40.64
CA HIS B 85 4.46 -0.13 -41.18
C HIS B 85 5.54 -0.22 -40.09
N LYS B 86 5.17 0.13 -38.85
CA LYS B 86 6.03 0.07 -37.67
C LYS B 86 5.25 -0.52 -36.48
N ILE B 87 5.61 -1.74 -36.07
CA ILE B 87 5.06 -2.44 -34.92
C ILE B 87 6.19 -2.37 -33.89
N VAL B 88 6.02 -1.51 -32.87
CA VAL B 88 7.06 -1.26 -31.88
C VAL B 88 6.77 -1.94 -30.54
N ILE B 89 7.71 -2.80 -30.11
CA ILE B 89 7.63 -3.53 -28.83
C ILE B 89 8.24 -2.60 -27.77
N MET B 90 7.38 -2.05 -26.89
CA MET B 90 7.76 -1.13 -25.83
C MET B 90 7.51 -1.76 -24.45
N THR B 91 8.55 -2.38 -23.88
CA THR B 91 8.49 -3.02 -22.57
C THR B 91 9.55 -2.43 -21.63
N ASP B 92 9.39 -2.62 -20.31
CA ASP B 92 10.30 -2.13 -19.26
C ASP B 92 11.72 -2.64 -19.47
N ALA B 93 12.73 -1.81 -19.13
CA ALA B 93 14.14 -2.17 -19.25
C ALA B 93 14.59 -3.09 -18.09
N ASP B 94 13.78 -4.13 -17.81
CA ASP B 94 14.02 -5.14 -16.78
C ASP B 94 13.81 -6.56 -17.36
N VAL B 95 14.09 -7.59 -16.54
CA VAL B 95 13.99 -9.01 -16.91
C VAL B 95 12.58 -9.46 -17.36
N ASP B 96 11.51 -8.93 -16.73
CA ASP B 96 10.14 -9.28 -17.10
C ASP B 96 9.73 -8.63 -18.41
N GLY B 97 10.25 -7.43 -18.67
CA GLY B 97 10.04 -6.72 -19.92
C GLY B 97 10.70 -7.46 -21.06
N ALA B 98 11.88 -8.06 -20.78
CA ALA B 98 12.63 -8.89 -21.72
C ALA B 98 11.82 -10.15 -22.06
N HIS B 99 11.13 -10.72 -21.06
CA HIS B 99 10.28 -11.91 -21.20
C HIS B 99 9.06 -11.64 -22.07
N ILE B 100 8.36 -10.50 -21.84
CA ILE B 100 7.19 -10.09 -22.63
C ILE B 100 7.63 -9.93 -24.09
N ARG B 101 8.84 -9.37 -24.30
CA ARG B 101 9.46 -9.19 -25.61
C ARG B 101 9.69 -10.54 -26.29
N THR B 102 10.19 -11.57 -25.56
CA THR B 102 10.39 -12.91 -26.12
C THR B 102 9.06 -13.52 -26.53
N LEU B 103 8.03 -13.36 -25.67
CA LEU B 103 6.67 -13.86 -25.89
C LEU B 103 6.03 -13.20 -27.11
N LEU B 104 6.23 -11.88 -27.28
CA LEU B 104 5.72 -11.12 -28.42
C LEU B 104 6.41 -11.50 -29.72
N LEU B 105 7.75 -11.71 -29.68
CA LEU B 105 8.53 -12.12 -30.84
C LEU B 105 8.19 -13.55 -31.27
N THR B 106 7.81 -14.42 -30.31
CA THR B 106 7.39 -15.81 -30.55
C THR B 106 6.09 -15.81 -31.36
N PHE B 107 5.12 -14.94 -30.98
CA PHE B 107 3.84 -14.82 -31.69
C PHE B 107 4.02 -14.29 -33.12
N PHE B 108 4.86 -13.26 -33.30
CA PHE B 108 5.13 -12.67 -34.61
C PHE B 108 5.88 -13.64 -35.52
N TYR B 109 6.84 -14.40 -34.99
CA TYR B 109 7.60 -15.36 -35.79
C TYR B 109 6.75 -16.55 -36.26
N ARG B 110 5.82 -17.03 -35.41
CA ARG B 110 5.00 -18.20 -35.72
C ARG B 110 3.67 -17.90 -36.44
N PHE B 111 3.18 -16.64 -36.38
CA PHE B 111 1.90 -16.29 -37.00
C PHE B 111 1.96 -15.16 -38.02
N MET B 112 2.95 -14.25 -37.89
CA MET B 112 3.12 -13.10 -38.77
C MET B 112 4.59 -12.98 -39.22
N ARG B 113 5.19 -14.10 -39.65
CA ARG B 113 6.60 -14.15 -40.08
C ARG B 113 6.96 -13.12 -41.18
N PRO B 114 6.18 -12.90 -42.28
CA PRO B 114 6.57 -11.90 -43.28
C PRO B 114 6.61 -10.45 -42.77
N LEU B 115 5.98 -10.18 -41.61
CA LEU B 115 5.95 -8.87 -40.96
C LEU B 115 7.35 -8.51 -40.43
N ILE B 116 8.12 -9.53 -39.98
CA ILE B 116 9.50 -9.38 -39.51
C ILE B 116 10.40 -9.22 -40.75
N GLU B 117 10.16 -10.06 -41.78
CA GLU B 117 10.87 -10.09 -43.07
C GLU B 117 10.82 -8.75 -43.81
N ALA B 118 9.68 -8.03 -43.69
CA ALA B 118 9.49 -6.71 -44.32
C ALA B 118 10.11 -5.56 -43.51
N GLY B 119 10.62 -5.88 -42.30
CA GLY B 119 11.23 -4.92 -41.40
C GLY B 119 10.23 -4.02 -40.72
N TYR B 120 9.02 -4.55 -40.46
CA TYR B 120 7.92 -3.82 -39.82
C TYR B 120 7.97 -3.95 -38.29
N VAL B 121 8.67 -4.97 -37.77
CA VAL B 121 8.79 -5.22 -36.32
C VAL B 121 10.02 -4.50 -35.77
N TYR B 122 9.81 -3.67 -34.74
CA TYR B 122 10.84 -2.87 -34.07
C TYR B 122 10.79 -3.06 -32.56
N ILE B 123 11.91 -2.75 -31.88
CA ILE B 123 12.03 -2.80 -30.42
C ILE B 123 12.37 -1.39 -29.93
N ALA B 124 11.50 -0.82 -29.08
CA ALA B 124 11.70 0.49 -28.48
C ALA B 124 12.85 0.42 -27.48
N GLN B 125 13.62 1.51 -27.35
CA GLN B 125 14.72 1.56 -26.40
C GLN B 125 14.46 2.62 -25.31
N PRO B 126 13.72 2.25 -24.26
CA PRO B 126 13.44 3.22 -23.18
C PRO B 126 14.68 3.45 -22.30
N PRO B 127 14.73 4.52 -21.47
CA PRO B 127 15.93 4.72 -20.63
C PRO B 127 16.23 3.55 -19.70
N THR B 128 17.50 3.11 -19.70
CA THR B 128 17.98 2.00 -18.88
C THR B 128 18.08 2.43 -17.41
N GLY B 129 17.78 1.50 -16.51
CA GLY B 129 17.83 1.73 -15.07
C GLY B 129 16.80 0.93 -14.30
N TYR B 130 16.57 1.36 -13.03
CA TYR B 130 15.62 0.72 -12.10
C TYR B 130 14.15 1.10 -12.38
N LYS B 131 13.93 2.24 -13.06
CA LYS B 131 12.59 2.75 -13.39
C LYS B 131 11.92 2.07 -14.57
N GLY B 132 10.67 1.67 -14.35
CA GLY B 132 9.83 1.06 -15.36
C GLY B 132 9.04 2.11 -16.11
N LEU B 133 8.37 1.70 -17.20
CA LEU B 133 7.56 2.57 -18.06
C LEU B 133 6.39 3.22 -17.31
N GLY B 134 5.76 2.45 -16.42
CA GLY B 134 4.63 2.90 -15.60
C GLY B 134 4.95 3.98 -14.60
N GLU B 135 6.25 4.15 -14.28
CA GLU B 135 6.77 5.15 -13.33
C GLU B 135 7.12 6.47 -14.02
N MET B 136 7.18 6.48 -15.35
CA MET B 136 7.57 7.63 -16.16
C MET B 136 6.42 8.58 -16.53
N ASN B 137 6.74 9.89 -16.66
CA ASN B 137 5.81 10.94 -17.08
C ASN B 137 5.55 10.76 -18.58
N ALA B 138 4.42 11.28 -19.07
CA ALA B 138 4.04 11.21 -20.48
C ALA B 138 5.03 11.94 -21.41
N ASP B 139 5.58 13.08 -20.95
CA ASP B 139 6.55 13.87 -21.73
C ASP B 139 7.93 13.20 -21.81
N GLN B 140 8.32 12.48 -20.73
CA GLN B 140 9.58 11.74 -20.61
C GLN B 140 9.58 10.56 -21.57
N LEU B 141 8.45 9.84 -21.65
CA LEU B 141 8.24 8.67 -22.51
C LEU B 141 8.27 9.07 -23.98
N TRP B 142 7.78 10.29 -24.29
CA TRP B 142 7.77 10.85 -25.64
C TRP B 142 9.20 11.19 -26.07
N GLU B 143 9.88 12.09 -25.33
CA GLU B 143 11.23 12.57 -25.63
C GLU B 143 12.30 11.48 -25.71
N THR B 144 12.21 10.42 -24.90
CA THR B 144 13.22 9.36 -24.88
C THR B 144 12.91 8.12 -25.70
N THR B 145 11.61 7.79 -25.90
CA THR B 145 11.26 6.54 -26.58
C THR B 145 10.31 6.66 -27.79
N MET B 146 9.41 7.67 -27.82
CA MET B 146 8.41 7.77 -28.88
C MET B 146 8.68 8.82 -29.99
N ASN B 147 9.38 9.91 -29.65
CA ASN B 147 9.69 11.01 -30.58
C ASN B 147 10.66 10.53 -31.69
N PRO B 148 10.26 10.56 -32.98
CA PRO B 148 11.18 10.12 -34.06
C PRO B 148 12.50 10.91 -34.17
N GLU B 149 12.54 12.13 -33.60
N GLU B 149 12.55 12.13 -33.61
CA GLU B 149 13.70 13.03 -33.61
CA GLU B 149 13.74 13.00 -33.65
C GLU B 149 14.83 12.56 -32.69
C GLU B 149 14.84 12.58 -32.67
N HIS B 150 14.49 11.97 -31.52
CA HIS B 150 15.49 11.54 -30.52
C HIS B 150 15.49 10.04 -30.17
N ARG B 151 14.43 9.28 -30.51
CA ARG B 151 14.35 7.85 -30.21
C ARG B 151 15.38 7.02 -31.00
N ALA B 152 15.71 5.83 -30.46
CA ALA B 152 16.61 4.87 -31.09
C ALA B 152 15.90 3.54 -31.18
N LEU B 153 15.30 3.24 -32.35
CA LEU B 153 14.57 1.99 -32.56
C LEU B 153 15.45 0.90 -33.14
N LEU B 154 15.29 -0.33 -32.62
CA LEU B 154 16.04 -1.50 -33.10
C LEU B 154 15.15 -2.25 -34.08
N GLN B 155 15.55 -2.31 -35.35
CA GLN B 155 14.79 -3.04 -36.36
C GLN B 155 15.09 -4.53 -36.24
N VAL B 156 14.04 -5.34 -36.02
CA VAL B 156 14.17 -6.79 -35.85
C VAL B 156 14.45 -7.43 -37.22
N LYS B 157 15.61 -8.10 -37.33
CA LYS B 157 16.06 -8.74 -38.56
C LYS B 157 16.13 -10.26 -38.43
N LEU B 158 15.76 -10.96 -39.51
CA LEU B 158 15.80 -12.41 -39.61
C LEU B 158 16.90 -12.77 -40.61
N GLU B 159 17.97 -13.41 -40.11
N GLU B 159 17.97 -13.41 -40.11
CA GLU B 159 19.11 -13.81 -40.93
CA GLU B 159 19.14 -13.80 -40.90
C GLU B 159 19.00 -15.27 -41.39
C GLU B 159 19.04 -15.25 -41.38
N ASP B 160 18.91 -16.21 -40.43
CA ASP B 160 18.81 -17.64 -40.71
C ASP B 160 17.49 -18.19 -40.15
N ALA B 161 16.60 -18.64 -41.06
CA ALA B 161 15.28 -19.18 -40.73
C ALA B 161 15.37 -20.52 -39.99
N ILE B 162 16.34 -21.37 -40.36
CA ILE B 162 16.58 -22.69 -39.75
C ILE B 162 17.03 -22.51 -38.29
N GLU B 163 17.98 -21.58 -38.07
CA GLU B 163 18.54 -21.23 -36.75
C GLU B 163 17.45 -20.66 -35.84
N ALA B 164 16.60 -19.76 -36.38
CA ALA B 164 15.50 -19.13 -35.63
C ALA B 164 14.43 -20.15 -35.21
N ASP B 165 14.04 -21.07 -36.12
CA ASP B 165 13.08 -22.15 -35.84
C ASP B 165 13.55 -22.99 -34.65
N GLN B 166 14.85 -23.35 -34.63
CA GLN B 166 15.52 -24.12 -33.58
C GLN B 166 15.58 -23.32 -32.27
N THR B 167 15.86 -22.00 -32.37
CA THR B 167 15.97 -21.07 -31.23
C THR B 167 14.60 -20.89 -30.55
N PHE B 168 13.52 -20.67 -31.34
CA PHE B 168 12.16 -20.52 -30.82
C PHE B 168 11.62 -21.83 -30.19
N GLU B 169 12.04 -22.99 -30.71
N GLU B 169 12.04 -22.99 -30.71
CA GLU B 169 11.66 -24.32 -30.24
CA GLU B 169 11.62 -24.29 -30.19
C GLU B 169 12.36 -24.68 -28.92
C GLU B 169 12.34 -24.62 -28.88
N MET B 170 13.64 -24.29 -28.79
CA MET B 170 14.47 -24.56 -27.60
C MET B 170 14.06 -23.68 -26.40
N LEU B 171 14.01 -22.36 -26.63
CA LEU B 171 13.68 -21.37 -25.60
C LEU B 171 12.22 -21.33 -25.16
N MET B 172 11.28 -21.48 -26.11
CA MET B 172 9.86 -21.34 -25.81
C MET B 172 9.02 -22.62 -25.88
N GLY B 173 9.61 -23.71 -26.38
CA GLY B 173 8.93 -25.00 -26.52
C GLY B 173 8.60 -25.72 -25.23
N ASP B 174 7.87 -26.84 -25.33
CA ASP B 174 7.46 -27.64 -24.17
C ASP B 174 8.59 -28.49 -23.56
N VAL B 175 9.67 -28.76 -24.33
CA VAL B 175 10.81 -29.53 -23.84
C VAL B 175 11.69 -28.67 -22.91
N VAL B 176 11.60 -28.96 -21.60
CA VAL B 176 12.30 -28.25 -20.53
C VAL B 176 13.82 -28.52 -20.54
N GLU B 177 14.23 -29.80 -20.72
CA GLU B 177 15.63 -30.24 -20.69
C GLU B 177 16.55 -29.47 -21.65
N ASN B 178 16.12 -29.24 -22.90
CA ASN B 178 16.91 -28.50 -23.90
C ASN B 178 17.08 -27.03 -23.49
N ARG B 179 16.04 -26.46 -22.85
CA ARG B 179 16.02 -25.10 -22.32
C ARG B 179 16.97 -25.01 -21.11
N ARG B 180 16.93 -26.03 -20.23
CA ARG B 180 17.78 -26.16 -19.03
C ARG B 180 19.24 -26.28 -19.47
N GLN B 181 19.52 -27.06 -20.53
CA GLN B 181 20.87 -27.25 -21.08
C GLN B 181 21.41 -25.94 -21.65
N PHE B 182 20.55 -25.13 -22.31
CA PHE B 182 20.92 -23.82 -22.84
C PHE B 182 21.31 -22.89 -21.70
N ILE B 183 20.52 -22.87 -20.61
CA ILE B 183 20.76 -22.03 -19.43
C ILE B 183 22.11 -22.40 -18.82
N GLU B 184 22.35 -23.70 -18.54
CA GLU B 184 23.57 -24.24 -17.96
C GLU B 184 24.83 -23.88 -18.79
N ASP B 185 24.72 -23.97 -20.13
CA ASP B 185 25.84 -23.69 -21.03
C ASP B 185 26.18 -22.21 -21.17
N ASN B 186 25.16 -21.34 -21.15
CA ASN B 186 25.35 -19.89 -21.36
C ASN B 186 25.25 -19.04 -20.07
N ALA B 187 25.05 -19.67 -18.90
CA ALA B 187 24.91 -19.00 -17.60
C ALA B 187 26.20 -18.35 -17.13
N VAL B 188 26.13 -17.03 -16.84
CA VAL B 188 27.25 -16.23 -16.34
C VAL B 188 26.84 -15.65 -14.97
N TYR B 189 27.57 -16.01 -13.90
CA TYR B 189 27.30 -15.56 -12.53
C TYR B 189 28.33 -14.55 -11.98
N ALA B 190 29.01 -13.80 -12.89
CA ALA B 190 30.02 -12.79 -12.53
C ALA B 190 29.44 -11.64 -11.71
N ASN C 2 -31.29 -6.29 24.08
CA ASN C 2 -32.25 -7.38 24.11
C ASN C 2 -33.31 -7.25 22.99
N GLU C 3 -33.89 -6.05 22.84
CA GLU C 3 -34.93 -5.73 21.84
C GLU C 3 -34.67 -4.33 21.28
N ARG C 4 -35.18 -4.05 20.06
CA ARG C 4 -34.99 -2.76 19.40
C ARG C 4 -36.12 -2.40 18.46
N ASN C 5 -36.75 -1.23 18.67
CA ASN C 5 -37.82 -0.73 17.81
C ASN C 5 -37.22 -0.23 16.49
N ILE C 6 -37.75 -0.73 15.35
CA ILE C 6 -37.29 -0.44 13.99
C ILE C 6 -37.25 1.09 13.69
N THR C 7 -38.26 1.86 14.15
CA THR C 7 -38.35 3.31 13.97
C THR C 7 -37.17 4.03 14.66
N SER C 8 -36.91 3.68 15.95
CA SER C 8 -35.82 4.24 16.74
C SER C 8 -34.46 3.85 16.16
N GLU C 9 -34.33 2.60 15.70
CA GLU C 9 -33.12 2.05 15.09
C GLU C 9 -32.80 2.78 13.79
N MET C 10 -33.81 3.00 12.94
CA MET C 10 -33.66 3.71 11.67
C MET C 10 -33.24 5.16 11.89
N ARG C 11 -33.97 5.89 12.76
CA ARG C 11 -33.71 7.30 13.09
C ARG C 11 -32.32 7.53 13.65
N GLU C 12 -31.87 6.67 14.60
CA GLU C 12 -30.54 6.79 15.21
C GLU C 12 -29.41 6.43 14.26
N SER C 13 -29.50 5.29 13.56
CA SER C 13 -28.48 4.81 12.61
C SER C 13 -28.30 5.72 11.41
N PHE C 14 -29.42 6.21 10.82
CA PHE C 14 -29.34 7.11 9.67
C PHE C 14 -28.79 8.48 10.07
N LEU C 15 -29.21 9.02 11.24
CA LEU C 15 -28.71 10.30 11.74
C LEU C 15 -27.20 10.22 11.99
N ASP C 16 -26.71 9.11 12.61
N ASP C 16 -26.71 9.11 12.61
CA ASP C 16 -25.30 8.87 12.90
CA ASP C 16 -25.30 8.88 12.89
C ASP C 16 -24.45 8.87 11.62
C ASP C 16 -24.44 8.88 11.62
N TYR C 17 -24.97 8.28 10.53
CA TYR C 17 -24.30 8.21 9.24
C TYR C 17 -24.34 9.59 8.57
N ALA C 18 -25.55 10.19 8.46
CA ALA C 18 -25.77 11.51 7.85
C ALA C 18 -24.83 12.55 8.45
N MET C 19 -24.76 12.65 9.80
N MET C 19 -24.76 12.64 9.80
CA MET C 19 -23.89 13.60 10.51
CA MET C 19 -23.90 13.58 10.53
C MET C 19 -22.42 13.39 10.22
C MET C 19 -22.42 13.39 10.25
N SER C 20 -21.97 12.13 10.13
CA SER C 20 -20.58 11.78 9.86
C SER C 20 -20.16 12.17 8.44
N VAL C 21 -21.05 12.02 7.45
CA VAL C 21 -20.76 12.39 6.05
C VAL C 21 -20.65 13.92 5.94
N ILE C 22 -21.50 14.64 6.69
CA ILE C 22 -21.57 16.09 6.74
C ILE C 22 -20.31 16.72 7.40
N VAL C 23 -19.98 16.31 8.64
CA VAL C 23 -18.87 16.93 9.40
C VAL C 23 -17.51 16.20 9.24
N ALA C 24 -17.51 14.96 8.73
CA ALA C 24 -16.26 14.20 8.62
C ALA C 24 -16.09 13.43 7.30
N ARG C 25 -16.56 13.98 6.16
CA ARG C 25 -16.37 13.30 4.87
C ARG C 25 -16.49 14.20 3.62
N ALA C 26 -17.73 14.60 3.27
CA ALA C 26 -18.09 15.31 2.03
C ALA C 26 -18.03 16.83 2.05
N LEU C 27 -18.01 17.47 3.24
CA LEU C 27 -17.99 18.93 3.29
C LEU C 27 -16.65 19.50 3.73
N PRO C 28 -16.16 20.56 3.05
CA PRO C 28 -14.87 21.15 3.46
C PRO C 28 -15.02 22.14 4.63
N ASP C 29 -13.92 22.42 5.34
CA ASP C 29 -13.93 23.39 6.43
C ASP C 29 -13.70 24.77 5.80
N VAL C 30 -14.39 25.78 6.31
CA VAL C 30 -14.30 27.16 5.80
C VAL C 30 -12.88 27.78 5.96
N ARG C 31 -12.11 27.33 6.97
CA ARG C 31 -10.79 27.84 7.33
C ARG C 31 -9.64 27.39 6.40
N ASP C 32 -9.54 26.08 6.09
CA ASP C 32 -8.46 25.57 5.23
C ASP C 32 -8.95 25.03 3.87
N GLY C 33 -10.26 24.95 3.69
CA GLY C 33 -10.90 24.48 2.46
C GLY C 33 -10.71 23.01 2.17
N LEU C 34 -10.42 22.22 3.22
CA LEU C 34 -10.16 20.79 3.08
C LEU C 34 -11.20 19.90 3.75
N LYS C 35 -11.37 18.70 3.18
CA LYS C 35 -12.23 17.64 3.69
C LYS C 35 -11.27 16.76 4.52
N PRO C 36 -11.75 15.92 5.48
CA PRO C 36 -10.81 15.11 6.28
C PRO C 36 -9.76 14.31 5.49
N VAL C 37 -10.13 13.71 4.35
CA VAL C 37 -9.21 12.91 3.53
C VAL C 37 -8.03 13.76 3.00
N HIS C 38 -8.31 14.96 2.46
CA HIS C 38 -7.29 15.87 1.90
C HIS C 38 -6.33 16.40 2.97
N ARG C 39 -6.88 16.79 4.14
CA ARG C 39 -6.12 17.28 5.29
C ARG C 39 -5.16 16.21 5.81
N ARG C 40 -5.62 14.94 5.85
CA ARG C 40 -4.85 13.80 6.31
C ARG C 40 -3.74 13.44 5.33
N ILE C 41 -3.95 13.68 4.01
CA ILE C 41 -2.94 13.43 2.97
C ILE C 41 -1.80 14.46 3.13
N LEU C 42 -2.17 15.75 3.16
CA LEU C 42 -1.23 16.87 3.30
C LEU C 42 -0.45 16.84 4.61
N TYR C 43 -1.14 16.48 5.73
CA TYR C 43 -0.48 16.34 7.04
C TYR C 43 0.46 15.12 7.01
N GLY C 44 0.00 14.05 6.36
CA GLY C 44 0.76 12.83 6.16
C GLY C 44 2.07 13.12 5.44
N LEU C 45 1.98 13.90 4.34
CA LEU C 45 3.13 14.35 3.56
C LEU C 45 4.10 15.18 4.41
N ASN C 46 3.55 16.02 5.31
CA ASN C 46 4.34 16.87 6.21
C ASN C 46 5.10 16.05 7.27
N GLU C 47 4.43 15.03 7.86
CA GLU C 47 5.04 14.15 8.87
C GLU C 47 6.08 13.23 8.25
N GLN C 48 5.84 12.81 7.00
CA GLN C 48 6.73 11.95 6.21
C GLN C 48 7.92 12.72 5.62
N GLY C 49 7.93 14.04 5.82
CA GLY C 49 8.97 14.94 5.33
C GLY C 49 9.02 15.06 3.82
N MET C 50 7.84 15.02 3.17
CA MET C 50 7.66 15.07 1.72
C MET C 50 7.59 16.48 1.14
N THR C 51 8.52 17.35 1.56
CA THR C 51 8.65 18.75 1.11
C THR C 51 9.14 18.82 -0.35
N PRO C 52 8.97 19.95 -1.09
CA PRO C 52 9.42 20.00 -2.50
C PRO C 52 10.92 19.83 -2.76
N ASP C 53 11.78 20.16 -1.79
CA ASP C 53 13.24 20.05 -1.91
C ASP C 53 13.74 18.59 -1.84
N LYS C 54 12.94 17.71 -1.23
CA LYS C 54 13.26 16.28 -1.08
C LYS C 54 12.77 15.50 -2.31
N SER C 55 13.29 14.27 -2.49
CA SER C 55 12.96 13.37 -3.61
C SER C 55 11.54 12.78 -3.48
N TYR C 56 10.90 12.45 -4.62
CA TYR C 56 9.56 11.84 -4.69
C TYR C 56 9.57 10.46 -4.00
N LYS C 57 8.43 10.08 -3.41
CA LYS C 57 8.20 8.82 -2.69
C LYS C 57 7.02 8.09 -3.33
N LYS C 58 7.07 6.74 -3.40
CA LYS C 58 6.01 5.89 -3.94
C LYS C 58 4.66 6.27 -3.32
N SER C 59 3.65 6.48 -4.17
CA SER C 59 2.30 6.86 -3.76
C SER C 59 1.70 5.83 -2.79
N ALA C 60 1.97 4.53 -3.03
CA ALA C 60 1.52 3.42 -2.19
C ALA C 60 2.01 3.52 -0.75
N ARG C 61 3.22 4.06 -0.56
CA ARG C 61 3.85 4.26 0.75
C ARG C 61 3.18 5.43 1.46
N ILE C 62 2.86 6.52 0.71
CA ILE C 62 2.19 7.70 1.22
C ILE C 62 0.76 7.33 1.67
N VAL C 63 -0.01 6.69 0.76
CA VAL C 63 -1.39 6.25 0.98
C VAL C 63 -1.50 5.31 2.18
N GLY C 64 -0.63 4.30 2.23
CA GLY C 64 -0.57 3.31 3.30
C GLY C 64 -0.33 3.92 4.66
N ASP C 65 0.55 4.93 4.71
CA ASP C 65 0.92 5.66 5.93
C ASP C 65 -0.27 6.48 6.44
N VAL C 66 -0.96 7.20 5.54
CA VAL C 66 -2.15 8.02 5.81
C VAL C 66 -3.32 7.12 6.31
N MET C 67 -3.52 5.98 5.64
CA MET C 67 -4.54 4.96 5.93
C MET C 67 -4.43 4.36 7.34
N GLY C 68 -3.22 3.94 7.71
CA GLY C 68 -2.96 3.32 8.99
C GLY C 68 -2.93 4.30 10.16
N LYS C 69 -2.39 5.50 9.92
CA LYS C 69 -2.23 6.53 10.95
C LYS C 69 -3.43 7.44 11.15
N TYR C 70 -4.16 7.82 10.07
CA TYR C 70 -5.26 8.78 10.24
C TYR C 70 -6.58 8.47 9.54
N HIS C 71 -6.53 7.82 8.35
CA HIS C 71 -7.74 7.57 7.54
C HIS C 71 -8.11 6.08 7.43
N PRO C 72 -8.97 5.53 8.34
CA PRO C 72 -9.31 4.10 8.29
C PRO C 72 -10.37 3.74 7.25
N HIS C 73 -10.11 4.07 5.98
CA HIS C 73 -11.02 3.82 4.86
C HIS C 73 -10.21 3.24 3.68
N GLY C 74 -10.89 2.91 2.58
CA GLY C 74 -10.31 2.34 1.37
C GLY C 74 -9.16 3.13 0.78
N ASP C 75 -8.12 2.42 0.28
CA ASP C 75 -6.92 3.01 -0.33
C ASP C 75 -7.23 3.80 -1.59
N SER C 76 -8.22 3.34 -2.38
CA SER C 76 -8.69 3.99 -3.60
C SER C 76 -9.23 5.39 -3.30
N SER C 77 -9.93 5.57 -2.16
CA SER C 77 -10.49 6.85 -1.71
C SER C 77 -9.37 7.86 -1.41
N ILE C 78 -8.31 7.42 -0.71
CA ILE C 78 -7.14 8.24 -0.36
C ILE C 78 -6.31 8.56 -1.61
N TYR C 79 -5.98 7.53 -2.41
CA TYR C 79 -5.17 7.70 -3.61
C TYR C 79 -5.83 8.60 -4.66
N GLU C 80 -7.11 8.37 -4.98
CA GLU C 80 -7.84 9.17 -5.97
C GLU C 80 -7.99 10.63 -5.54
N ALA C 81 -8.04 10.89 -4.22
CA ALA C 81 -8.12 12.24 -3.66
C ALA C 81 -6.75 12.93 -3.82
N MET C 82 -5.64 12.17 -3.62
CA MET C 82 -4.27 12.66 -3.77
C MET C 82 -3.98 12.94 -5.25
N VAL C 83 -4.52 12.08 -6.15
CA VAL C 83 -4.41 12.20 -7.61
C VAL C 83 -5.01 13.53 -8.09
N ARG C 84 -6.26 13.84 -7.67
N ARG C 84 -6.26 13.84 -7.68
CA ARG C 84 -6.99 15.07 -8.01
CA ARG C 84 -6.99 15.07 -8.03
C ARG C 84 -6.20 16.33 -7.65
C ARG C 84 -6.20 16.33 -7.65
N MET C 85 -5.55 16.32 -6.47
CA MET C 85 -4.72 17.42 -5.96
C MET C 85 -3.44 17.65 -6.80
N ALA C 86 -3.05 16.67 -7.64
CA ALA C 86 -1.88 16.72 -8.52
C ALA C 86 -2.21 17.10 -9.96
N GLN C 87 -3.51 17.08 -10.32
CA GLN C 87 -3.99 17.40 -11.67
C GLN C 87 -4.16 18.91 -11.84
N ASP C 88 -3.45 19.49 -12.82
CA ASP C 88 -3.51 20.93 -13.08
C ASP C 88 -4.80 21.35 -13.81
N PHE C 89 -5.64 20.37 -14.20
CA PHE C 89 -6.94 20.61 -14.85
C PHE C 89 -8.07 20.51 -13.83
N SER C 90 -7.77 19.97 -12.61
CA SER C 90 -8.72 19.81 -11.52
C SER C 90 -8.48 20.88 -10.45
N TYR C 91 -7.20 21.10 -10.10
CA TYR C 91 -6.80 22.08 -9.09
C TYR C 91 -6.18 23.31 -9.70
N ARG C 92 -6.77 24.49 -9.40
CA ARG C 92 -6.34 25.81 -9.84
C ARG C 92 -4.93 26.12 -9.31
N TYR C 93 -4.63 25.60 -8.10
CA TYR C 93 -3.34 25.68 -7.43
C TYR C 93 -3.05 24.28 -6.88
N PRO C 94 -2.41 23.40 -7.69
CA PRO C 94 -2.17 22.00 -7.25
C PRO C 94 -1.43 21.88 -5.92
N LEU C 95 -1.90 20.94 -5.08
CA LEU C 95 -1.36 20.72 -3.74
C LEU C 95 -0.38 19.54 -3.67
N VAL C 96 -0.39 18.67 -4.68
CA VAL C 96 0.47 17.50 -4.74
C VAL C 96 1.30 17.56 -6.03
N ASP C 97 2.62 17.36 -5.90
CA ASP C 97 3.55 17.30 -7.02
C ASP C 97 3.73 15.81 -7.28
N GLY C 98 3.14 15.34 -8.38
CA GLY C 98 3.18 13.93 -8.76
C GLY C 98 4.10 13.57 -9.89
N GLN C 99 4.68 12.36 -9.81
N GLN C 99 4.68 12.36 -9.81
CA GLN C 99 5.59 11.80 -10.80
CA GLN C 99 5.59 11.79 -10.81
C GLN C 99 4.96 10.53 -11.40
C GLN C 99 4.95 10.54 -11.40
N GLY C 100 4.83 10.52 -12.73
CA GLY C 100 4.22 9.43 -13.47
C GLY C 100 2.88 9.84 -14.06
N ASN C 101 2.12 8.86 -14.55
CA ASN C 101 0.81 9.11 -15.14
C ASN C 101 -0.20 9.44 -14.04
N PHE C 102 -0.60 10.71 -13.96
CA PHE C 102 -1.56 11.19 -12.97
C PHE C 102 -2.93 11.51 -13.58
N GLY C 103 -3.16 11.01 -14.79
CA GLY C 103 -4.41 11.19 -15.51
C GLY C 103 -4.40 12.31 -16.54
N SER C 104 -5.48 12.40 -17.32
CA SER C 104 -5.66 13.37 -18.39
C SER C 104 -7.06 14.01 -18.38
N MET C 105 -7.29 15.00 -19.25
CA MET C 105 -8.59 15.67 -19.40
C MET C 105 -9.65 14.76 -20.01
N ASP C 106 -9.23 13.61 -20.62
CA ASP C 106 -10.09 12.63 -21.27
C ASP C 106 -10.78 11.65 -20.30
N GLY C 107 -10.52 11.80 -19.01
CA GLY C 107 -11.09 10.94 -17.98
C GLY C 107 -10.26 9.70 -17.71
N ASP C 108 -9.07 9.61 -18.36
CA ASP C 108 -8.13 8.52 -18.16
C ASP C 108 -7.60 8.71 -16.75
N GLY C 109 -7.66 7.66 -15.95
CA GLY C 109 -7.21 7.70 -14.58
C GLY C 109 -5.70 7.70 -14.46
N ALA C 110 -5.22 7.85 -13.23
CA ALA C 110 -3.79 7.81 -12.95
C ALA C 110 -3.31 6.35 -12.99
N ALA C 111 -1.99 6.14 -13.08
CA ALA C 111 -1.38 4.81 -13.03
C ALA C 111 -1.61 4.23 -11.62
N ALA C 112 -1.45 2.92 -11.43
CA ALA C 112 -1.63 2.31 -10.11
C ALA C 112 -0.66 2.91 -9.08
N MET C 113 -1.09 2.92 -7.80
CA MET C 113 -0.37 3.39 -6.60
C MET C 113 1.10 2.93 -6.58
N ARG C 114 1.35 1.68 -7.03
CA ARG C 114 2.65 1.02 -7.14
C ARG C 114 3.64 1.78 -8.01
N PHE C 115 3.14 2.40 -9.11
CA PHE C 115 3.97 3.02 -10.14
C PHE C 115 4.22 4.49 -9.96
N THR C 116 3.22 5.25 -9.49
CA THR C 116 3.36 6.69 -9.30
C THR C 116 4.12 7.05 -8.02
N GLU C 117 4.65 8.27 -7.99
CA GLU C 117 5.38 8.85 -6.87
C GLU C 117 4.83 10.24 -6.61
N ALA C 118 4.97 10.76 -5.38
CA ALA C 118 4.45 12.08 -5.04
C ALA C 118 5.23 12.80 -3.93
N ARG C 119 4.97 14.12 -3.80
CA ARG C 119 5.52 15.03 -2.79
C ARG C 119 4.65 16.32 -2.76
N MET C 120 4.97 17.26 -1.85
CA MET C 120 4.27 18.53 -1.73
C MET C 120 4.67 19.46 -2.86
N THR C 121 3.78 20.41 -3.20
CA THR C 121 4.07 21.49 -4.13
C THR C 121 4.55 22.63 -3.24
N LYS C 122 5.20 23.66 -3.81
CA LYS C 122 5.68 24.81 -3.03
C LYS C 122 4.55 25.58 -2.33
N ILE C 123 3.35 25.63 -2.94
CA ILE C 123 2.18 26.31 -2.37
C ILE C 123 1.61 25.55 -1.14
N THR C 124 1.78 24.21 -1.07
CA THR C 124 1.33 23.38 0.04
C THR C 124 2.10 23.68 1.32
N LEU C 125 3.37 24.15 1.19
CA LEU C 125 4.18 24.56 2.32
C LEU C 125 3.48 25.69 3.06
N GLU C 126 2.72 26.53 2.31
CA GLU C 126 1.95 27.64 2.87
C GLU C 126 0.70 27.14 3.59
N LEU C 127 0.19 25.94 3.23
CA LEU C 127 -0.96 25.37 3.93
C LEU C 127 -0.54 24.78 5.28
N LEU C 128 0.69 24.24 5.34
CA LEU C 128 1.27 23.60 6.53
C LEU C 128 2.21 24.48 7.33
N ARG C 129 2.46 25.72 6.86
CA ARG C 129 3.35 26.68 7.50
C ARG C 129 2.91 26.95 8.94
N ASP C 130 3.84 26.76 9.89
CA ASP C 130 3.69 26.98 11.34
C ASP C 130 2.75 25.98 12.05
N ILE C 131 2.53 24.79 11.45
CA ILE C 131 1.68 23.74 12.03
C ILE C 131 2.22 23.25 13.39
N ASN C 132 3.56 23.19 13.55
CA ASN C 132 4.22 22.74 14.78
C ASN C 132 4.64 23.90 15.67
N LYS C 133 3.89 25.01 15.59
CA LYS C 133 4.10 26.22 16.37
C LYS C 133 2.83 26.62 17.14
N ASP C 134 2.06 25.60 17.60
CA ASP C 134 0.82 25.73 18.37
C ASP C 134 -0.18 26.75 17.76
N THR C 135 -0.33 26.72 16.43
CA THR C 135 -1.22 27.63 15.70
C THR C 135 -2.63 27.05 15.56
N ILE C 136 -2.71 25.71 15.51
CA ILE C 136 -3.96 24.97 15.34
C ILE C 136 -4.08 23.90 16.41
N ASP C 137 -5.32 23.51 16.74
CA ASP C 137 -5.55 22.47 17.75
C ASP C 137 -5.40 21.08 17.16
N PHE C 138 -4.65 20.23 17.85
CA PHE C 138 -4.45 18.83 17.47
C PHE C 138 -5.46 17.97 18.22
N ILE C 139 -5.92 16.90 17.56
CA ILE C 139 -6.88 15.97 18.12
C ILE C 139 -6.35 14.55 18.04
N ASP C 140 -6.88 13.65 18.88
CA ASP C 140 -6.52 12.23 18.88
C ASP C 140 -7.03 11.60 17.59
N ASN C 141 -6.28 10.63 17.03
CA ASN C 141 -6.70 9.94 15.80
C ASN C 141 -7.81 8.91 16.13
N TYR C 142 -8.28 8.16 15.11
CA TYR C 142 -9.35 7.16 15.23
C TYR C 142 -9.10 6.06 16.29
N ASP C 143 -7.82 5.66 16.50
CA ASP C 143 -7.49 4.60 17.46
C ASP C 143 -6.77 5.11 18.74
N GLY C 144 -6.45 6.41 18.78
CA GLY C 144 -5.78 7.03 19.91
C GLY C 144 -4.28 6.81 19.98
N ASN C 145 -3.68 6.27 18.90
CA ASN C 145 -2.24 5.99 18.83
C ASN C 145 -1.46 7.11 18.15
N GLU C 146 -2.17 8.06 17.52
CA GLU C 146 -1.58 9.20 16.80
C GLU C 146 -2.32 10.50 17.11
N ARG C 147 -1.70 11.62 16.73
CA ARG C 147 -2.28 12.97 16.85
C ARG C 147 -2.41 13.54 15.44
N GLU C 148 -3.56 14.16 15.15
CA GLU C 148 -3.82 14.75 13.84
C GLU C 148 -4.37 16.20 13.93
N PRO C 149 -4.19 17.06 12.90
CA PRO C 149 -4.72 18.42 12.99
C PRO C 149 -6.23 18.50 12.72
N SER C 150 -6.94 19.33 13.50
CA SER C 150 -8.37 19.54 13.33
C SER C 150 -8.61 20.46 12.12
N VAL C 151 -7.59 21.28 11.79
CA VAL C 151 -7.56 22.26 10.69
C VAL C 151 -6.09 22.63 10.40
N LEU C 152 -5.76 22.94 9.14
CA LEU C 152 -4.40 23.35 8.77
C LEU C 152 -4.28 24.88 8.90
N PRO C 153 -3.08 25.45 9.19
CA PRO C 153 -2.97 26.92 9.30
C PRO C 153 -3.45 27.71 8.06
N ALA C 154 -3.29 27.12 6.84
CA ALA C 154 -3.72 27.66 5.55
C ALA C 154 -3.41 29.14 5.35
N ARG C 155 -2.14 29.46 5.05
CA ARG C 155 -1.67 30.84 4.90
C ARG C 155 -2.15 31.54 3.61
N PHE C 156 -2.94 30.85 2.76
CA PHE C 156 -3.60 31.39 1.57
C PHE C 156 -5.08 30.91 1.56
N PRO C 157 -6.07 31.71 1.07
CA PRO C 157 -7.48 31.25 1.13
C PRO C 157 -7.80 30.10 0.15
N ASN C 158 -7.48 28.87 0.58
CA ASN C 158 -7.61 27.62 -0.17
C ASN C 158 -9.05 27.20 -0.52
N LEU C 159 -10.04 27.50 0.35
CA LEU C 159 -11.44 27.14 0.07
C LEU C 159 -11.91 27.73 -1.24
N LEU C 160 -11.73 29.04 -1.40
CA LEU C 160 -12.13 29.73 -2.62
C LEU C 160 -11.13 29.52 -3.77
N ALA C 161 -9.82 29.45 -3.47
CA ALA C 161 -8.77 29.26 -4.47
C ALA C 161 -8.90 27.98 -5.30
N ASN C 162 -9.00 26.83 -4.63
CA ASN C 162 -9.11 25.53 -5.30
C ASN C 162 -10.55 25.02 -5.44
N GLY C 163 -11.49 25.68 -4.75
CA GLY C 163 -12.89 25.31 -4.79
C GLY C 163 -13.18 24.01 -4.06
N ALA C 164 -14.43 23.51 -4.21
CA ALA C 164 -14.87 22.26 -3.58
C ALA C 164 -16.13 21.71 -4.24
N SER C 165 -16.28 20.38 -4.21
CA SER C 165 -17.46 19.66 -4.69
C SER C 165 -17.61 18.38 -3.88
N GLY C 166 -18.70 18.29 -3.14
CA GLY C 166 -18.97 17.14 -2.30
C GLY C 166 -20.44 16.85 -2.15
N ILE C 167 -20.81 15.56 -2.29
CA ILE C 167 -22.18 15.08 -2.14
C ILE C 167 -22.28 14.46 -0.74
N ALA C 168 -23.03 15.12 0.16
CA ALA C 168 -23.22 14.63 1.53
C ALA C 168 -24.60 13.96 1.67
N VAL C 169 -25.24 14.07 2.84
CA VAL C 169 -26.57 13.55 3.11
C VAL C 169 -27.44 14.76 3.48
N GLY C 170 -28.57 14.92 2.79
CA GLY C 170 -29.50 16.03 2.97
C GLY C 170 -29.05 17.33 2.33
N MET C 171 -27.77 17.38 1.90
CA MET C 171 -27.15 18.56 1.29
C MET C 171 -25.93 18.19 0.45
N ALA C 172 -25.43 19.16 -0.33
CA ALA C 172 -24.25 19.01 -1.18
C ALA C 172 -23.51 20.34 -1.22
N THR C 173 -22.31 20.37 -1.82
CA THR C 173 -21.53 21.59 -1.95
C THR C 173 -20.91 21.71 -3.34
N ASN C 174 -20.87 22.94 -3.86
CA ASN C 174 -20.28 23.23 -5.16
C ASN C 174 -19.75 24.66 -5.16
N ILE C 175 -18.47 24.79 -4.76
CA ILE C 175 -17.72 26.04 -4.68
C ILE C 175 -16.72 26.05 -5.85
N PRO C 176 -16.75 27.07 -6.73
CA PRO C 176 -15.81 27.07 -7.85
C PRO C 176 -14.42 27.60 -7.49
N PRO C 177 -13.36 27.26 -8.27
CA PRO C 177 -12.02 27.81 -7.96
C PRO C 177 -11.93 29.31 -8.29
N HIS C 178 -10.97 30.02 -7.68
CA HIS C 178 -10.77 31.46 -7.86
C HIS C 178 -9.30 31.83 -8.06
N ASN C 179 -9.04 33.06 -8.53
CA ASN C 179 -7.69 33.58 -8.73
C ASN C 179 -7.12 34.05 -7.38
N LEU C 180 -5.88 33.61 -7.08
CA LEU C 180 -5.18 33.91 -5.82
C LEU C 180 -4.86 35.39 -5.62
N THR C 181 -4.45 36.10 -6.67
CA THR C 181 -4.14 37.53 -6.59
C THR C 181 -5.42 38.29 -6.19
N GLU C 182 -6.54 37.95 -6.84
CA GLU C 182 -7.86 38.53 -6.61
C GLU C 182 -8.36 38.25 -5.18
N LEU C 183 -8.23 37.00 -4.71
CA LEU C 183 -8.66 36.59 -3.37
C LEU C 183 -7.92 37.29 -2.26
N ILE C 184 -6.56 37.28 -2.30
CA ILE C 184 -5.72 37.93 -1.28
C ILE C 184 -6.03 39.44 -1.25
N ASN C 185 -6.18 40.08 -2.43
CA ASN C 185 -6.56 41.50 -2.54
C ASN C 185 -7.92 41.75 -1.89
N GLY C 186 -8.84 40.79 -2.02
CA GLY C 186 -10.17 40.82 -1.41
C GLY C 186 -10.10 40.74 0.11
N VAL C 187 -9.22 39.85 0.62
CA VAL C 187 -8.96 39.66 2.07
C VAL C 187 -8.33 40.94 2.64
N LEU C 188 -7.36 41.53 1.92
CA LEU C 188 -6.68 42.78 2.28
C LEU C 188 -7.64 43.97 2.37
N SER C 189 -8.63 44.03 1.44
CA SER C 189 -9.66 45.06 1.40
C SER C 189 -10.61 44.89 2.60
N LEU C 190 -10.98 43.64 2.91
CA LEU C 190 -11.83 43.27 4.05
C LEU C 190 -11.13 43.60 5.38
N SER C 191 -9.80 43.35 5.48
CA SER C 191 -9.01 43.63 6.70
C SER C 191 -8.95 45.13 7.03
N LYS C 192 -9.11 45.98 6.00
CA LYS C 192 -9.10 47.44 6.13
C LYS C 192 -10.51 48.02 6.33
N ASN C 193 -11.55 47.24 6.02
CA ASN C 193 -12.95 47.64 6.16
C ASN C 193 -13.84 46.44 6.51
N PRO C 194 -14.21 46.23 7.80
CA PRO C 194 -15.08 45.10 8.14
C PRO C 194 -16.50 45.22 7.59
N ASP C 195 -16.92 46.44 7.22
CA ASP C 195 -18.24 46.75 6.69
C ASP C 195 -18.29 46.78 5.14
N ILE C 196 -17.28 46.18 4.48
CA ILE C 196 -17.17 46.09 3.02
C ILE C 196 -18.34 45.29 2.42
N SER C 197 -18.93 45.78 1.31
CA SER C 197 -20.04 45.09 0.65
C SER C 197 -19.54 44.06 -0.36
N ILE C 198 -20.43 43.13 -0.78
CA ILE C 198 -20.15 42.10 -1.80
C ILE C 198 -19.73 42.80 -3.10
N ALA C 199 -20.45 43.87 -3.48
CA ALA C 199 -20.18 44.69 -4.66
C ALA C 199 -18.76 45.27 -4.64
N GLU C 200 -18.32 45.79 -3.46
N GLU C 200 -18.30 45.78 -3.46
CA GLU C 200 -16.98 46.35 -3.23
CA GLU C 200 -16.96 46.34 -3.32
C GLU C 200 -15.90 45.27 -3.28
C GLU C 200 -15.89 45.23 -3.33
N LEU C 201 -16.23 44.05 -2.77
CA LEU C 201 -15.32 42.89 -2.76
C LEU C 201 -15.14 42.36 -4.18
N MET C 202 -16.18 42.50 -5.01
CA MET C 202 -16.22 42.08 -6.41
C MET C 202 -15.33 42.93 -7.32
N GLU C 203 -14.83 44.08 -6.81
CA GLU C 203 -13.90 44.95 -7.54
C GLU C 203 -12.52 44.28 -7.54
N ASP C 204 -12.27 43.40 -6.55
CA ASP C 204 -11.06 42.60 -6.41
C ASP C 204 -11.29 41.21 -7.02
N ILE C 205 -12.34 40.50 -6.56
CA ILE C 205 -12.73 39.17 -7.02
C ILE C 205 -13.80 39.32 -8.12
N GLU C 206 -13.36 39.30 -9.40
N GLU C 206 -13.36 39.29 -9.40
CA GLU C 206 -14.26 39.45 -10.56
CA GLU C 206 -14.20 39.41 -10.59
C GLU C 206 -15.25 38.29 -10.67
C GLU C 206 -15.22 38.28 -10.74
N GLY C 207 -14.79 37.08 -10.37
CA GLY C 207 -15.59 35.86 -10.44
C GLY C 207 -14.72 34.63 -10.32
N PRO C 208 -15.26 33.42 -10.63
CA PRO C 208 -14.42 32.21 -10.56
C PRO C 208 -13.31 32.20 -11.60
N ASP C 209 -12.22 31.49 -11.32
CA ASP C 209 -11.10 31.34 -12.23
C ASP C 209 -10.75 29.87 -12.30
N PHE C 210 -11.23 29.20 -13.35
CA PHE C 210 -11.05 27.76 -13.56
C PHE C 210 -9.65 27.41 -14.07
N PRO C 211 -9.06 26.27 -13.64
CA PRO C 211 -7.72 25.89 -14.13
C PRO C 211 -7.70 25.58 -15.63
N THR C 212 -8.86 25.19 -16.16
CA THR C 212 -9.12 24.85 -17.56
C THR C 212 -9.42 26.10 -18.41
N ALA C 213 -9.35 27.30 -17.78
CA ALA C 213 -9.61 28.63 -18.36
C ALA C 213 -11.05 28.76 -18.91
N GLY C 214 -11.21 28.90 -20.22
CA GLY C 214 -12.50 29.05 -20.85
C GLY C 214 -13.12 30.43 -20.68
N LEU C 215 -14.44 30.50 -20.88
CA LEU C 215 -15.22 31.73 -20.79
C LEU C 215 -16.39 31.63 -19.82
N ILE C 216 -16.82 32.78 -19.26
CA ILE C 216 -17.99 32.89 -18.40
C ILE C 216 -18.92 33.91 -19.05
N LEU C 217 -20.21 33.54 -19.24
CA LEU C 217 -21.20 34.41 -19.85
C LEU C 217 -21.95 35.23 -18.81
N GLY C 218 -21.68 36.53 -18.78
CA GLY C 218 -22.32 37.46 -17.87
C GLY C 218 -21.84 37.46 -16.43
N LYS C 219 -22.31 38.45 -15.65
CA LYS C 219 -21.96 38.65 -14.25
C LYS C 219 -23.14 38.45 -13.28
N SER C 220 -24.37 38.30 -13.81
CA SER C 220 -25.58 38.11 -12.99
C SER C 220 -25.54 36.83 -12.13
N GLY C 221 -25.05 35.74 -12.72
CA GLY C 221 -24.90 34.45 -12.07
C GLY C 221 -23.84 34.49 -11.00
N ILE C 222 -22.69 35.15 -11.30
CA ILE C 222 -21.57 35.37 -10.38
C ILE C 222 -22.06 36.19 -9.17
N ARG C 223 -22.79 37.29 -9.42
CA ARG C 223 -23.34 38.20 -8.40
C ARG C 223 -24.32 37.49 -7.44
N ARG C 224 -25.26 36.71 -7.98
CA ARG C 224 -26.26 35.96 -7.24
C ARG C 224 -25.57 34.96 -6.30
N ALA C 225 -24.53 34.26 -6.80
CA ALA C 225 -23.73 33.29 -6.06
C ALA C 225 -22.92 33.94 -4.92
N TYR C 226 -22.34 35.13 -5.17
CA TYR C 226 -21.55 35.84 -4.16
C TYR C 226 -22.39 36.50 -3.08
N GLU C 227 -23.64 36.85 -3.41
CA GLU C 227 -24.54 37.51 -2.48
C GLU C 227 -25.37 36.54 -1.64
N THR C 228 -25.77 35.40 -2.21
CA THR C 228 -26.61 34.40 -1.53
C THR C 228 -25.94 33.05 -1.26
N GLY C 229 -24.85 32.76 -1.96
CA GLY C 229 -24.14 31.49 -1.86
C GLY C 229 -24.61 30.49 -2.90
N ARG C 230 -25.67 30.85 -3.67
CA ARG C 230 -26.27 30.03 -4.73
C ARG C 230 -26.45 30.84 -6.01
N GLY C 231 -26.13 30.22 -7.15
CA GLY C 231 -26.25 30.85 -8.47
C GLY C 231 -25.78 29.97 -9.62
N SER C 232 -26.31 30.23 -10.84
CA SER C 232 -25.94 29.48 -12.04
C SER C 232 -24.96 30.28 -12.91
N ILE C 233 -23.77 29.72 -13.15
CA ILE C 233 -22.72 30.36 -13.96
C ILE C 233 -22.53 29.61 -15.27
N GLN C 234 -22.79 30.27 -16.40
CA GLN C 234 -22.65 29.68 -17.73
C GLN C 234 -21.20 29.69 -18.17
N MET C 235 -20.61 28.50 -18.35
CA MET C 235 -19.23 28.36 -18.80
C MET C 235 -19.24 28.01 -20.28
N ARG C 236 -18.33 28.63 -21.04
CA ARG C 236 -18.21 28.36 -22.47
C ARG C 236 -16.78 28.00 -22.83
N SER C 237 -16.64 27.15 -23.86
CA SER C 237 -15.37 26.72 -24.40
C SER C 237 -14.75 27.87 -25.18
N ARG C 238 -13.41 27.94 -25.26
CA ARG C 238 -12.78 28.96 -26.08
C ARG C 238 -12.71 28.40 -27.49
N ALA C 239 -13.60 28.89 -28.37
CA ALA C 239 -13.68 28.43 -29.75
C ALA C 239 -13.59 29.61 -30.72
N VAL C 240 -12.89 29.38 -31.84
CA VAL C 240 -12.73 30.35 -32.92
C VAL C 240 -13.06 29.71 -34.27
N ILE C 241 -13.45 30.53 -35.24
CA ILE C 241 -13.75 30.09 -36.60
C ILE C 241 -12.60 30.57 -37.48
N GLU C 242 -11.96 29.64 -38.21
CA GLU C 242 -10.84 29.96 -39.10
C GLU C 242 -10.88 29.18 -40.39
N GLU C 243 -10.22 29.71 -41.43
CA GLU C 243 -10.11 29.10 -42.75
C GLU C 243 -9.17 27.89 -42.73
N ARG C 244 -9.46 26.89 -43.57
CA ARG C 244 -8.65 25.67 -43.69
C ARG C 244 -8.19 25.41 -45.13
N GLY C 245 -8.46 26.37 -46.01
CA GLY C 245 -8.09 26.30 -47.42
C GLY C 245 -9.23 25.91 -48.34
N GLY C 246 -9.19 26.43 -49.57
CA GLY C 246 -10.17 26.16 -50.61
C GLY C 246 -11.55 26.70 -50.32
N GLY C 247 -11.61 27.84 -49.64
CA GLY C 247 -12.85 28.50 -49.26
C GLY C 247 -13.62 27.79 -48.16
N ARG C 248 -12.97 26.83 -47.48
CA ARG C 248 -13.54 26.03 -46.40
C ARG C 248 -13.12 26.57 -45.03
N GLN C 249 -13.95 26.32 -44.01
CA GLN C 249 -13.72 26.78 -42.63
C GLN C 249 -13.75 25.64 -41.61
N ARG C 250 -13.32 25.94 -40.37
CA ARG C 250 -13.30 25.01 -39.25
C ARG C 250 -13.48 25.73 -37.92
N ILE C 251 -14.02 25.01 -36.91
CA ILE C 251 -14.16 25.51 -35.54
C ILE C 251 -13.03 24.88 -34.73
N VAL C 252 -12.20 25.73 -34.09
CA VAL C 252 -11.06 25.27 -33.29
C VAL C 252 -11.32 25.60 -31.82
N VAL C 253 -11.48 24.56 -30.99
CA VAL C 253 -11.70 24.67 -29.54
C VAL C 253 -10.34 24.46 -28.85
N THR C 254 -9.89 25.47 -28.07
CA THR C 254 -8.59 25.40 -27.39
C THR C 254 -8.71 25.30 -25.87
N GLU C 255 -9.88 25.63 -25.32
CA GLU C 255 -10.19 25.55 -23.90
C GLU C 255 -11.60 25.01 -23.76
N ILE C 256 -11.82 24.10 -22.81
CA ILE C 256 -13.14 23.49 -22.57
C ILE C 256 -13.66 23.85 -21.16
N PRO C 257 -14.98 23.74 -20.83
CA PRO C 257 -15.42 24.12 -19.47
C PRO C 257 -14.86 23.21 -18.38
N PHE C 258 -14.81 23.76 -17.14
CA PHE C 258 -14.31 23.06 -15.95
C PHE C 258 -15.10 21.79 -15.65
N GLN C 259 -14.39 20.69 -15.35
CA GLN C 259 -14.91 19.36 -15.01
C GLN C 259 -15.58 18.61 -16.20
N VAL C 260 -15.46 19.16 -17.42
CA VAL C 260 -16.00 18.54 -18.64
C VAL C 260 -14.95 17.57 -19.19
N ASN C 261 -15.35 16.31 -19.43
CA ASN C 261 -14.49 15.28 -19.99
C ASN C 261 -14.36 15.55 -21.49
N LYS C 262 -13.14 15.83 -21.97
CA LYS C 262 -12.83 16.13 -23.37
C LYS C 262 -13.26 15.01 -24.33
N ALA C 263 -12.89 13.75 -24.04
CA ALA C 263 -13.22 12.58 -24.84
C ALA C 263 -14.73 12.35 -24.92
N ARG C 264 -15.45 12.50 -23.79
CA ARG C 264 -16.90 12.36 -23.67
C ARG C 264 -17.62 13.46 -24.46
N MET C 265 -17.06 14.69 -24.46
CA MET C 265 -17.60 15.83 -25.18
C MET C 265 -17.47 15.59 -26.69
N ILE C 266 -16.30 15.06 -27.14
CA ILE C 266 -16.01 14.71 -28.54
C ILE C 266 -16.98 13.60 -29.02
N GLU C 267 -17.23 12.58 -28.16
N GLU C 267 -17.23 12.59 -28.16
CA GLU C 267 -18.15 11.48 -28.48
CA GLU C 267 -18.14 11.48 -28.39
C GLU C 267 -19.59 11.98 -28.66
C GLU C 267 -19.58 11.97 -28.64
N LYS C 268 -20.02 12.96 -27.85
CA LYS C 268 -21.35 13.57 -27.93
C LYS C 268 -21.51 14.37 -29.24
N ILE C 269 -20.43 15.02 -29.73
CA ILE C 269 -20.43 15.75 -31.01
C ILE C 269 -20.54 14.71 -32.14
N ALA C 270 -19.74 13.61 -32.05
CA ALA C 270 -19.73 12.49 -33.00
C ALA C 270 -21.09 11.80 -33.08
N GLU C 271 -21.78 11.64 -31.94
CA GLU C 271 -23.10 11.03 -31.81
C GLU C 271 -24.14 11.88 -32.55
N LEU C 272 -24.10 13.22 -32.37
CA LEU C 272 -25.02 14.17 -33.00
C LEU C 272 -24.92 14.15 -34.52
N VAL C 273 -23.68 14.05 -35.04
CA VAL C 273 -23.37 14.00 -36.47
C VAL C 273 -23.94 12.70 -37.05
N ARG C 274 -23.64 11.57 -36.39
CA ARG C 274 -24.08 10.22 -36.75
C ARG C 274 -25.61 10.11 -36.77
N ASP C 275 -26.29 10.61 -35.71
CA ASP C 275 -27.75 10.60 -35.59
C ASP C 275 -28.43 11.74 -36.37
N LYS C 276 -27.62 12.55 -37.10
CA LYS C 276 -28.02 13.67 -37.96
C LYS C 276 -28.86 14.74 -37.23
N LYS C 277 -28.53 14.99 -35.95
CA LYS C 277 -29.19 15.98 -35.10
C LYS C 277 -28.52 17.37 -35.24
N ILE C 278 -27.39 17.42 -35.97
CA ILE C 278 -26.62 18.63 -36.28
C ILE C 278 -26.16 18.57 -37.77
N ASP C 279 -26.26 19.70 -38.48
N ASP C 279 -26.27 19.69 -38.49
CA ASP C 279 -25.90 19.81 -39.90
CA ASP C 279 -25.88 19.76 -39.90
C ASP C 279 -24.66 20.68 -40.11
C ASP C 279 -24.67 20.67 -40.13
N GLY C 280 -23.85 20.31 -41.11
CA GLY C 280 -22.66 21.08 -41.50
C GLY C 280 -21.30 20.59 -41.08
N ILE C 281 -21.22 19.45 -40.37
CA ILE C 281 -19.93 18.92 -39.92
C ILE C 281 -19.41 17.83 -40.84
N THR C 282 -18.20 18.03 -41.40
CA THR C 282 -17.53 17.09 -42.31
C THR C 282 -16.48 16.23 -41.61
N ASP C 283 -15.83 16.77 -40.56
CA ASP C 283 -14.82 16.04 -39.78
C ASP C 283 -14.74 16.52 -38.32
N LEU C 284 -14.27 15.64 -37.43
CA LEU C 284 -14.10 15.88 -36.00
C LEU C 284 -12.84 15.14 -35.55
N ARG C 285 -11.80 15.92 -35.20
CA ARG C 285 -10.50 15.37 -34.77
C ARG C 285 -10.03 16.00 -33.47
N ASP C 286 -9.33 15.21 -32.64
CA ASP C 286 -8.74 15.69 -31.41
C ASP C 286 -7.24 15.83 -31.68
N GLU C 287 -6.82 17.06 -32.01
CA GLU C 287 -5.43 17.40 -32.34
C GLU C 287 -4.63 17.84 -31.09
N THR C 288 -5.18 17.54 -29.90
CA THR C 288 -4.56 17.84 -28.59
C THR C 288 -3.27 17.06 -28.44
N SER C 289 -2.22 17.74 -27.96
CA SER C 289 -0.91 17.18 -27.69
C SER C 289 -0.29 17.93 -26.51
N LEU C 290 0.69 17.33 -25.83
CA LEU C 290 1.41 17.94 -24.71
C LEU C 290 2.22 19.17 -25.18
N ARG C 291 2.56 19.22 -26.48
CA ARG C 291 3.33 20.29 -27.11
C ARG C 291 2.47 21.48 -27.58
N THR C 292 1.34 21.20 -28.24
CA THR C 292 0.44 22.24 -28.79
C THR C 292 -0.70 22.65 -27.84
N GLY C 293 -0.97 21.82 -26.83
CA GLY C 293 -2.05 22.05 -25.88
C GLY C 293 -3.36 21.47 -26.40
N VAL C 294 -4.49 21.85 -25.79
CA VAL C 294 -5.82 21.40 -26.18
C VAL C 294 -6.19 22.00 -27.54
N ARG C 295 -6.58 21.14 -28.50
CA ARG C 295 -6.99 21.54 -29.84
C ARG C 295 -8.00 20.55 -30.42
N VAL C 296 -9.28 20.94 -30.41
CA VAL C 296 -10.37 20.13 -30.95
C VAL C 296 -10.82 20.83 -32.23
N VAL C 297 -10.72 20.12 -33.35
CA VAL C 297 -11.07 20.66 -34.68
C VAL C 297 -12.37 20.05 -35.20
N ILE C 298 -13.32 20.93 -35.57
CA ILE C 298 -14.62 20.56 -36.14
C ILE C 298 -14.66 21.17 -37.55
N ASP C 299 -14.40 20.35 -38.58
CA ASP C 299 -14.42 20.81 -39.98
C ASP C 299 -15.83 21.09 -40.46
N VAL C 300 -16.03 22.30 -41.00
CA VAL C 300 -17.32 22.79 -41.49
C VAL C 300 -17.45 22.60 -43.01
N ARG C 301 -18.62 22.11 -43.46
CA ARG C 301 -18.96 21.90 -44.88
C ARG C 301 -18.89 23.24 -45.63
N LYS C 302 -18.32 23.23 -46.85
CA LYS C 302 -18.16 24.42 -47.69
C LYS C 302 -19.48 25.16 -47.88
N ASP C 303 -19.45 26.50 -47.68
CA ASP C 303 -20.57 27.45 -47.79
C ASP C 303 -21.59 27.40 -46.62
N ALA C 304 -21.42 26.46 -45.67
CA ALA C 304 -22.28 26.37 -44.47
C ALA C 304 -21.81 27.39 -43.45
N ASN C 305 -22.75 27.98 -42.68
CA ASN C 305 -22.44 28.97 -41.65
C ASN C 305 -21.86 28.28 -40.41
N ALA C 306 -20.55 28.51 -40.16
CA ALA C 306 -19.80 27.94 -39.04
C ALA C 306 -20.24 28.50 -37.69
N SER C 307 -20.66 29.78 -37.65
CA SER C 307 -21.13 30.46 -36.44
C SER C 307 -22.46 29.86 -35.97
N VAL C 308 -23.30 29.40 -36.91
CA VAL C 308 -24.58 28.74 -36.64
C VAL C 308 -24.30 27.35 -36.03
N ILE C 309 -23.35 26.59 -36.63
CA ILE C 309 -22.94 25.26 -36.17
C ILE C 309 -22.36 25.36 -34.74
N LEU C 310 -21.51 26.37 -34.49
CA LEU C 310 -20.91 26.62 -33.17
C LEU C 310 -21.99 26.90 -32.13
N ASN C 311 -22.96 27.77 -32.47
CA ASN C 311 -24.09 28.14 -31.62
C ASN C 311 -24.95 26.93 -31.28
N ASN C 312 -25.15 26.01 -32.25
CA ASN C 312 -25.91 24.77 -32.06
C ASN C 312 -25.13 23.80 -31.18
N LEU C 313 -23.79 23.75 -31.34
CA LEU C 313 -22.89 22.91 -30.53
C LEU C 313 -22.94 23.33 -29.06
N TYR C 314 -23.05 24.66 -28.79
CA TYR C 314 -23.17 25.22 -27.44
C TYR C 314 -24.47 24.77 -26.77
N LYS C 315 -25.57 24.68 -27.55
CA LYS C 315 -26.91 24.28 -27.10
C LYS C 315 -27.04 22.77 -26.88
N GLN C 316 -26.45 21.97 -27.80
CA GLN C 316 -26.61 20.52 -27.80
C GLN C 316 -25.48 19.70 -27.15
N THR C 317 -24.28 20.25 -26.97
CA THR C 317 -23.15 19.49 -26.38
C THR C 317 -22.60 20.17 -25.10
N PRO C 318 -21.73 19.50 -24.30
CA PRO C 318 -21.14 20.17 -23.12
C PRO C 318 -20.11 21.26 -23.46
N LEU C 319 -20.08 21.75 -24.73
CA LEU C 319 -19.21 22.84 -25.19
C LEU C 319 -19.57 24.10 -24.39
N GLN C 320 -20.82 24.15 -23.92
CA GLN C 320 -21.34 25.13 -22.98
C GLN C 320 -21.93 24.30 -21.83
N THR C 321 -21.41 24.50 -20.62
CA THR C 321 -21.84 23.79 -19.41
C THR C 321 -22.04 24.81 -18.30
N SER C 322 -23.06 24.64 -17.46
CA SER C 322 -23.27 25.55 -16.35
C SER C 322 -22.62 24.99 -15.08
N PHE C 323 -22.25 25.90 -14.16
CA PHE C 323 -21.70 25.55 -12.85
C PHE C 323 -22.73 26.01 -11.82
N GLY C 324 -23.36 25.03 -11.18
CA GLY C 324 -24.36 25.29 -10.15
C GLY C 324 -23.71 25.56 -8.81
N VAL C 325 -23.50 26.84 -8.49
CA VAL C 325 -22.88 27.27 -7.23
C VAL C 325 -23.83 27.02 -6.04
N ASN C 326 -23.30 26.37 -5.00
CA ASN C 326 -23.98 26.04 -3.75
C ASN C 326 -22.86 25.98 -2.69
N MET C 327 -22.51 27.16 -2.14
CA MET C 327 -21.40 27.31 -1.21
C MET C 327 -21.71 26.87 0.23
N ILE C 328 -21.64 25.55 0.48
CA ILE C 328 -21.85 24.96 1.80
C ILE C 328 -20.51 24.50 2.36
N ALA C 329 -20.10 25.06 3.50
CA ALA C 329 -18.84 24.72 4.16
C ALA C 329 -19.09 24.55 5.66
N LEU C 330 -18.17 23.84 6.35
CA LEU C 330 -18.28 23.62 7.79
C LEU C 330 -17.82 24.86 8.53
N VAL C 331 -18.77 25.58 9.14
CA VAL C 331 -18.54 26.78 9.92
C VAL C 331 -18.79 26.38 11.36
N ASN C 332 -17.74 26.45 12.21
N ASN C 332 -17.75 26.46 12.21
CA ASN C 332 -17.77 26.08 13.63
CA ASN C 332 -17.76 26.08 13.63
C ASN C 332 -18.25 24.62 13.84
C ASN C 332 -18.26 24.63 13.83
N GLY C 333 -17.81 23.74 12.94
CA GLY C 333 -18.15 22.31 12.93
C GLY C 333 -19.53 21.95 12.43
N ARG C 334 -20.28 22.92 11.89
CA ARG C 334 -21.65 22.72 11.41
C ARG C 334 -21.84 23.24 9.96
N PRO C 335 -22.67 22.56 9.12
CA PRO C 335 -22.82 23.02 7.72
C PRO C 335 -23.57 24.34 7.60
N LYS C 336 -23.09 25.20 6.70
CA LYS C 336 -23.72 26.51 6.50
C LYS C 336 -23.57 26.99 5.07
N LEU C 337 -24.67 27.50 4.50
CA LEU C 337 -24.67 28.11 3.17
C LEU C 337 -24.09 29.50 3.41
N ILE C 338 -22.94 29.78 2.79
CA ILE C 338 -22.20 31.03 3.00
C ILE C 338 -22.04 31.84 1.72
N ASN C 339 -22.06 33.17 1.85
CA ASN C 339 -21.84 34.09 0.74
C ASN C 339 -20.33 34.40 0.65
N LEU C 340 -19.90 35.16 -0.38
CA LEU C 340 -18.48 35.51 -0.58
C LEU C 340 -17.86 36.21 0.64
N LYS C 341 -18.56 37.18 1.25
CA LYS C 341 -18.06 37.91 2.42
C LYS C 341 -17.86 37.00 3.62
N GLU C 342 -18.84 36.11 3.93
N GLU C 342 -18.83 36.12 3.93
CA GLU C 342 -18.75 35.18 5.06
CA GLU C 342 -18.77 35.18 5.05
C GLU C 342 -17.54 34.25 4.93
C GLU C 342 -17.56 34.25 4.93
N ALA C 343 -17.27 33.78 3.71
CA ALA C 343 -16.13 32.89 3.40
C ALA C 343 -14.80 33.60 3.70
N LEU C 344 -14.71 34.89 3.34
CA LEU C 344 -13.52 35.71 3.55
C LEU C 344 -13.37 36.14 5.02
N VAL C 345 -14.51 36.41 5.70
CA VAL C 345 -14.57 36.83 7.11
C VAL C 345 -14.04 35.71 8.01
N HIS C 346 -14.55 34.47 7.83
CA HIS C 346 -14.13 33.29 8.59
C HIS C 346 -12.67 32.96 8.33
N TYR C 347 -12.20 33.15 7.09
CA TYR C 347 -10.81 32.91 6.73
C TYR C 347 -9.86 33.90 7.40
N LEU C 348 -10.17 35.21 7.34
CA LEU C 348 -9.36 36.27 7.96
C LEU C 348 -9.22 36.09 9.49
N GLU C 349 -10.30 35.63 10.15
N GLU C 349 -10.29 35.62 10.15
CA GLU C 349 -10.32 35.36 11.59
CA GLU C 349 -10.31 35.35 11.60
C GLU C 349 -9.39 34.19 11.94
C GLU C 349 -9.40 34.17 11.95
N HIS C 350 -9.30 33.18 11.05
CA HIS C 350 -8.45 32.00 11.20
C HIS C 350 -6.98 32.44 11.13
N GLN C 351 -6.66 33.37 10.19
CA GLN C 351 -5.31 33.90 10.00
C GLN C 351 -4.82 34.72 11.17
N LYS C 352 -5.71 35.57 11.75
CA LYS C 352 -5.42 36.41 12.91
C LYS C 352 -5.06 35.51 14.11
N THR C 353 -5.84 34.41 14.28
CA THR C 353 -5.66 33.41 15.33
C THR C 353 -4.31 32.67 15.15
N VAL C 354 -4.02 32.21 13.92
CA VAL C 354 -2.79 31.50 13.56
C VAL C 354 -1.54 32.35 13.89
N VAL C 355 -1.48 33.60 13.38
CA VAL C 355 -0.37 34.53 13.60
C VAL C 355 -0.19 34.88 15.08
N ARG C 356 -1.31 35.09 15.81
CA ARG C 356 -1.31 35.39 17.25
C ARG C 356 -0.71 34.22 18.03
N ARG C 357 -1.25 33.00 17.81
CA ARG C 357 -0.83 31.76 18.44
C ARG C 357 0.64 31.40 18.11
N ARG C 358 1.12 31.78 16.91
CA ARG C 358 2.49 31.55 16.46
C ARG C 358 3.45 32.46 17.23
N THR C 359 3.07 33.75 17.38
CA THR C 359 3.84 34.79 18.09
C THR C 359 3.93 34.43 19.57
N GLN C 360 2.83 33.91 20.15
CA GLN C 360 2.74 33.48 21.55
C GLN C 360 3.67 32.28 21.80
N TYR C 361 3.69 31.32 20.85
CA TYR C 361 4.53 30.11 20.91
C TYR C 361 6.00 30.51 20.83
N ASN C 362 6.37 31.33 19.81
CA ASN C 362 7.73 31.82 19.59
C ASN C 362 8.27 32.59 20.77
N LEU C 363 7.39 33.28 21.53
CA LEU C 363 7.77 34.02 22.72
C LEU C 363 8.08 33.04 23.86
N ARG C 364 7.22 32.03 24.10
CA ARG C 364 7.42 30.99 25.13
C ARG C 364 8.73 30.23 24.89
N LYS C 365 9.00 29.81 23.63
N LYS C 365 8.99 29.81 23.63
CA LYS C 365 10.21 29.05 23.29
CA LYS C 365 10.18 29.07 23.21
C LYS C 365 11.48 29.90 23.37
C LYS C 365 11.45 29.90 23.39
N ALA C 366 11.38 31.21 23.01
CA ALA C 366 12.49 32.15 23.10
C ALA C 366 12.84 32.41 24.56
N LYS C 367 11.81 32.64 25.41
CA LYS C 367 11.96 32.88 26.86
C LYS C 367 12.57 31.67 27.55
N ASP C 368 12.20 30.44 27.14
CA ASP C 368 12.74 29.20 27.69
C ASP C 368 14.22 29.04 27.31
N ARG C 369 14.55 29.29 26.03
CA ARG C 369 15.91 29.21 25.50
C ARG C 369 16.81 30.29 26.11
N ALA C 370 16.26 31.50 26.35
CA ALA C 370 16.97 32.62 26.97
C ALA C 370 17.32 32.26 28.40
N HIS C 371 16.41 31.55 29.11
CA HIS C 371 16.59 31.06 30.48
C HIS C 371 17.73 30.05 30.53
N ILE C 372 17.80 29.15 29.52
CA ILE C 372 18.86 28.13 29.41
C ILE C 372 20.22 28.80 29.14
N LEU C 373 20.24 29.78 28.22
CA LEU C 373 21.46 30.53 27.87
C LEU C 373 21.99 31.37 29.05
N GLU C 374 21.07 31.86 29.92
CA GLU C 374 21.40 32.60 31.15
C GLU C 374 22.16 31.70 32.11
N GLY C 375 21.75 30.43 32.20
CA GLY C 375 22.39 29.42 33.03
C GLY C 375 23.77 29.08 32.50
N LEU C 376 23.88 28.92 31.16
CA LEU C 376 25.15 28.61 30.50
C LEU C 376 26.13 29.78 30.63
N ARG C 377 25.64 31.03 30.63
CA ARG C 377 26.48 32.24 30.80
C ARG C 377 27.05 32.32 32.22
N ILE C 378 26.25 31.93 33.26
CA ILE C 378 26.70 31.85 34.65
C ILE C 378 27.80 30.79 34.72
N ALA C 379 27.56 29.62 34.08
CA ALA C 379 28.49 28.49 34.03
C ALA C 379 29.85 28.86 33.43
N LEU C 380 29.88 29.66 32.35
CA LEU C 380 31.14 30.06 31.72
C LEU C 380 31.89 31.13 32.52
N ASP C 381 31.15 32.03 33.19
CA ASP C 381 31.70 33.10 34.03
C ASP C 381 32.33 32.57 35.32
N HIS C 382 31.90 31.37 35.77
CA HIS C 382 32.38 30.72 36.99
C HIS C 382 32.74 29.25 36.71
N ILE C 383 33.28 28.96 35.50
CA ILE C 383 33.61 27.60 35.05
C ILE C 383 34.53 26.83 36.02
N ASP C 384 35.57 27.47 36.60
CA ASP C 384 36.46 26.83 37.56
C ASP C 384 35.70 26.33 38.80
N GLU C 385 34.73 27.14 39.27
CA GLU C 385 33.86 26.82 40.39
C GLU C 385 32.84 25.76 40.01
N ILE C 386 32.32 25.82 38.76
CA ILE C 386 31.34 24.88 38.20
C ILE C 386 31.96 23.47 38.15
N ILE C 387 33.18 23.34 37.56
CA ILE C 387 33.94 22.09 37.42
C ILE C 387 34.17 21.43 38.79
N SER C 388 34.70 22.20 39.76
CA SER C 388 34.97 21.73 41.13
C SER C 388 33.71 21.26 41.86
N THR C 389 32.56 21.94 41.65
CA THR C 389 31.26 21.59 42.25
C THR C 389 30.78 20.23 41.70
N ILE C 390 31.00 19.98 40.40
CA ILE C 390 30.64 18.72 39.74
C ILE C 390 31.58 17.59 40.21
N ARG C 391 32.90 17.86 40.21
CA ARG C 391 33.95 16.92 40.64
C ARG C 391 33.82 16.45 42.09
N GLU C 392 33.42 17.35 43.01
N GLU C 392 33.41 17.36 43.00
CA GLU C 392 33.24 17.00 44.42
CA GLU C 392 33.20 17.10 44.42
C GLU C 392 31.99 16.14 44.66
C GLU C 392 31.87 16.38 44.73
N SER C 393 31.06 16.13 43.69
CA SER C 393 29.78 15.41 43.76
C SER C 393 29.92 13.97 43.30
N ASP C 394 29.39 13.02 44.09
CA ASP C 394 29.43 11.59 43.81
C ASP C 394 28.45 11.19 42.69
N THR C 395 27.22 11.74 42.72
CA THR C 395 26.18 11.45 41.74
C THR C 395 25.74 12.70 40.96
N ASP C 396 24.96 12.50 39.88
CA ASP C 396 24.42 13.58 39.05
C ASP C 396 23.39 14.40 39.82
N LYS C 397 22.57 13.73 40.67
CA LYS C 397 21.55 14.34 41.53
C LYS C 397 22.19 15.30 42.54
N VAL C 398 23.33 14.90 43.15
CA VAL C 398 24.09 15.71 44.12
C VAL C 398 24.68 16.94 43.39
N ALA C 399 25.23 16.73 42.18
CA ALA C 399 25.79 17.79 41.33
C ALA C 399 24.71 18.81 40.97
N MET C 400 23.49 18.32 40.63
N MET C 400 23.50 18.32 40.64
CA MET C 400 22.31 19.11 40.28
CA MET C 400 22.33 19.14 40.28
C MET C 400 21.92 20.07 41.42
C MET C 400 21.92 20.08 41.41
N GLU C 401 21.75 19.53 42.64
CA GLU C 401 21.37 20.26 43.85
C GLU C 401 22.41 21.29 44.29
N SER C 402 23.70 20.92 44.22
CA SER C 402 24.83 21.79 44.57
C SER C 402 24.97 23.00 43.62
N LEU C 403 24.78 22.77 42.30
CA LEU C 403 24.83 23.82 41.27
C LEU C 403 23.69 24.83 41.45
N GLN C 404 22.47 24.32 41.75
CA GLN C 404 21.26 25.11 41.99
C GLN C 404 21.41 26.04 43.19
N GLN C 405 21.99 25.52 44.28
CA GLN C 405 22.23 26.17 45.55
C GLN C 405 23.28 27.29 45.44
N ARG C 406 24.48 26.93 44.97
CA ARG C 406 25.65 27.80 44.85
C ARG C 406 25.52 28.92 43.82
N PHE C 407 25.00 28.63 42.64
CA PHE C 407 24.93 29.60 41.55
C PHE C 407 23.52 30.14 41.23
N LYS C 408 22.56 29.95 42.16
CA LYS C 408 21.16 30.41 42.04
C LYS C 408 20.53 30.00 40.69
N LEU C 409 20.67 28.70 40.35
CA LEU C 409 20.17 28.14 39.09
C LEU C 409 18.91 27.32 39.29
N SER C 410 18.11 27.18 38.23
CA SER C 410 16.89 26.37 38.21
C SER C 410 17.28 24.92 37.87
N GLU C 411 16.33 23.97 38.01
CA GLU C 411 16.55 22.57 37.68
C GLU C 411 16.98 22.43 36.20
N LYS C 412 16.26 23.14 35.30
CA LYS C 412 16.53 23.16 33.85
C LYS C 412 17.91 23.73 33.52
N GLN C 413 18.31 24.83 34.21
CA GLN C 413 19.62 25.48 34.03
C GLN C 413 20.77 24.56 34.44
N ALA C 414 20.67 23.94 35.65
CA ALA C 414 21.67 23.02 36.18
C ALA C 414 21.84 21.78 35.30
N GLN C 415 20.71 21.24 34.79
CA GLN C 415 20.64 20.08 33.89
C GLN C 415 21.38 20.40 32.57
N ALA C 416 21.17 21.61 32.02
CA ALA C 416 21.77 22.09 30.78
C ALA C 416 23.29 22.22 30.90
N ILE C 417 23.77 22.62 32.11
CA ILE C 417 25.20 22.77 32.41
C ILE C 417 25.86 21.38 32.49
N LEU C 418 25.18 20.41 33.11
CA LEU C 418 25.70 19.04 33.21
C LEU C 418 25.72 18.33 31.85
N ASP C 419 24.81 18.72 30.94
CA ASP C 419 24.68 18.17 29.58
C ASP C 419 25.67 18.83 28.60
N MET C 420 26.27 19.97 28.99
CA MET C 420 27.24 20.72 28.21
C MET C 420 28.48 19.87 27.92
N ARG C 421 28.86 19.77 26.64
CA ARG C 421 30.04 19.01 26.22
C ARG C 421 31.28 19.88 26.42
N LEU C 422 32.47 19.26 26.57
CA LEU C 422 33.74 19.98 26.77
C LEU C 422 34.08 20.92 25.62
N ARG C 423 33.67 20.58 24.38
CA ARG C 423 33.91 21.39 23.17
C ARG C 423 33.22 22.77 23.21
N ARG C 424 32.21 22.95 24.08
CA ARG C 424 31.48 24.22 24.24
C ARG C 424 32.35 25.27 24.95
N LEU C 425 33.49 24.83 25.54
CA LEU C 425 34.43 25.69 26.27
C LEU C 425 35.44 26.41 25.37
N THR C 426 35.46 26.10 24.06
CA THR C 426 36.35 26.76 23.09
C THR C 426 35.86 28.19 22.86
N GLY C 427 36.79 29.07 22.48
CA GLY C 427 36.54 30.49 22.21
C GLY C 427 35.36 30.78 21.31
N LEU C 428 35.27 30.05 20.18
CA LEU C 428 34.20 30.19 19.18
C LEU C 428 32.83 29.77 19.71
N GLU C 429 32.79 28.69 20.51
CA GLU C 429 31.57 28.14 21.11
C GLU C 429 31.07 28.98 22.28
N ARG C 430 31.99 29.66 22.98
CA ARG C 430 31.72 30.55 24.13
C ARG C 430 31.00 31.81 23.65
N ASP C 431 31.53 32.42 22.58
CA ASP C 431 31.02 33.61 21.88
C ASP C 431 29.68 33.30 21.22
N LYS C 432 29.48 32.04 20.80
CA LYS C 432 28.25 31.55 20.18
C LYS C 432 27.06 31.63 21.14
N ILE C 433 27.28 31.32 22.44
CA ILE C 433 26.26 31.40 23.48
C ILE C 433 25.88 32.88 23.72
N GLU C 434 26.89 33.76 23.76
CA GLU C 434 26.71 35.20 23.95
C GLU C 434 25.96 35.81 22.76
N ALA C 435 26.34 35.42 21.52
CA ALA C 435 25.72 35.92 20.29
C ALA C 435 24.25 35.51 20.17
N GLU C 436 23.92 34.24 20.53
CA GLU C 436 22.57 33.70 20.48
C GLU C 436 21.64 34.40 21.48
N TYR C 437 22.16 34.65 22.70
CA TYR C 437 21.42 35.29 23.77
C TYR C 437 21.04 36.73 23.43
N ASN C 438 21.99 37.53 22.91
CA ASN C 438 21.75 38.92 22.51
C ASN C 438 20.70 39.05 21.41
N GLU C 439 20.75 38.12 20.43
CA GLU C 439 19.81 38.01 19.31
C GLU C 439 18.42 37.69 19.85
N LEU C 440 18.33 36.75 20.81
CA LEU C 440 17.10 36.27 21.45
C LEU C 440 16.37 37.35 22.23
N LEU C 441 17.11 38.21 22.96
CA LEU C 441 16.54 39.33 23.73
C LEU C 441 15.86 40.33 22.79
N ASN C 442 16.49 40.58 21.62
N ASN C 442 16.49 40.58 21.62
CA ASN C 442 15.98 41.47 20.59
CA ASN C 442 15.99 41.47 20.56
C ASN C 442 14.71 40.86 19.96
C ASN C 442 14.71 40.86 19.96
N TYR C 443 14.73 39.53 19.73
CA TYR C 443 13.61 38.76 19.17
C TYR C 443 12.42 38.73 20.13
N ILE C 444 12.67 38.56 21.46
CA ILE C 444 11.64 38.57 22.51
C ILE C 444 10.90 39.92 22.48
N SER C 445 11.68 41.02 22.39
CA SER C 445 11.17 42.40 22.31
C SER C 445 10.30 42.61 21.05
N GLU C 446 10.72 42.04 19.90
CA GLU C 446 10.02 42.11 18.62
C GLU C 446 8.66 41.42 18.69
N LEU C 447 8.60 40.22 19.29
CA LEU C 447 7.37 39.43 19.46
C LEU C 447 6.42 40.09 20.46
N GLU C 448 6.98 40.69 21.53
CA GLU C 448 6.21 41.40 22.57
C GLU C 448 5.50 42.62 22.00
N THR C 449 6.15 43.31 21.03
CA THR C 449 5.62 44.48 20.33
C THR C 449 4.37 44.07 19.54
N ILE C 450 4.42 42.88 18.88
CA ILE C 450 3.31 42.33 18.08
C ILE C 450 2.11 42.00 18.99
N LEU C 451 2.35 41.33 20.13
CA LEU C 451 1.30 40.94 21.07
C LEU C 451 0.69 42.12 21.84
N ALA C 452 1.42 43.24 21.96
CA ALA C 452 0.96 44.44 22.66
C ALA C 452 0.01 45.30 21.82
N ASP C 453 0.03 45.14 20.49
CA ASP C 453 -0.81 45.91 19.57
C ASP C 453 -1.57 45.01 18.58
N GLU C 454 -2.91 45.13 18.54
N GLU C 454 -2.91 45.15 18.55
CA GLU C 454 -3.75 44.32 17.63
CA GLU C 454 -3.80 44.39 17.65
C GLU C 454 -3.60 44.77 16.15
C GLU C 454 -3.59 44.80 16.19
N GLU C 455 -3.29 46.06 15.92
N GLU C 455 -3.31 46.10 15.94
CA GLU C 455 -3.08 46.62 14.58
CA GLU C 455 -3.07 46.65 14.60
C GLU C 455 -1.75 46.12 13.98
C GLU C 455 -1.75 46.18 13.98
N VAL C 456 -0.71 45.97 14.82
CA VAL C 456 0.62 45.47 14.40
C VAL C 456 0.46 44.00 13.98
N LEU C 457 -0.36 43.24 14.73
CA LEU C 457 -0.67 41.84 14.46
C LEU C 457 -1.42 41.70 13.12
N LEU C 458 -2.44 42.56 12.90
CA LEU C 458 -3.24 42.58 11.68
C LEU C 458 -2.40 42.96 10.46
N GLN C 459 -1.47 43.92 10.63
CA GLN C 459 -0.56 44.36 9.58
C GLN C 459 0.41 43.22 9.21
N LEU C 460 0.84 42.41 10.20
CA LEU C 460 1.71 41.26 9.99
C LEU C 460 0.99 40.20 9.16
N VAL C 461 -0.33 40.02 9.39
CA VAL C 461 -1.20 39.09 8.63
C VAL C 461 -1.26 39.60 7.18
N ARG C 462 -1.50 40.93 7.00
CA ARG C 462 -1.57 41.61 5.72
C ARG C 462 -0.27 41.44 4.92
N ASP C 463 0.88 41.72 5.57
CA ASP C 463 2.23 41.61 4.99
C ASP C 463 2.57 40.21 4.54
N GLU C 464 2.22 39.19 5.36
CA GLU C 464 2.46 37.78 5.05
C GLU C 464 1.59 37.30 3.92
N LEU C 465 0.34 37.82 3.81
CA LEU C 465 -0.58 37.49 2.72
C LEU C 465 -0.09 38.11 1.41
N THR C 466 0.44 39.35 1.46
CA THR C 466 1.00 40.10 0.33
C THR C 466 2.20 39.34 -0.26
N GLU C 467 3.07 38.79 0.62
CA GLU C 467 4.25 38.01 0.25
C GLU C 467 3.85 36.75 -0.53
N ILE C 468 2.79 36.04 -0.07
CA ILE C 468 2.26 34.83 -0.71
C ILE C 468 1.64 35.21 -2.06
N ARG C 469 0.94 36.36 -2.13
CA ARG C 469 0.30 36.88 -3.34
C ARG C 469 1.35 37.19 -4.42
N ASP C 470 2.47 37.85 -4.02
CA ASP C 470 3.55 38.20 -4.93
C ASP C 470 4.32 37.00 -5.45
N ARG C 471 4.41 35.92 -4.64
CA ARG C 471 5.15 34.70 -4.96
C ARG C 471 4.32 33.65 -5.72
N PHE C 472 3.06 33.45 -5.33
CA PHE C 472 2.19 32.43 -5.91
C PHE C 472 1.05 32.96 -6.77
N GLY C 473 0.76 34.26 -6.69
CA GLY C 473 -0.28 34.90 -7.47
C GLY C 473 0.03 34.86 -8.95
N ASP C 474 -0.97 34.47 -9.75
CA ASP C 474 -0.81 34.37 -11.20
C ASP C 474 -1.92 35.12 -11.95
N ASP C 475 -1.82 35.15 -13.29
CA ASP C 475 -2.79 35.80 -14.15
C ASP C 475 -4.11 35.05 -14.18
N ARG C 476 -5.20 35.76 -14.46
CA ARG C 476 -6.54 35.20 -14.59
C ARG C 476 -6.58 34.38 -15.88
N ARG C 477 -7.14 33.17 -15.80
CA ARG C 477 -7.27 32.24 -16.94
C ARG C 477 -8.64 32.37 -17.60
N THR C 478 -9.72 32.26 -16.80
CA THR C 478 -11.10 32.33 -17.29
C THR C 478 -11.50 33.76 -17.64
N GLU C 479 -12.00 33.98 -18.86
CA GLU C 479 -12.45 35.30 -19.29
C GLU C 479 -13.93 35.49 -18.97
N ILE C 480 -14.27 36.57 -18.25
CA ILE C 480 -15.65 36.89 -17.92
C ILE C 480 -16.14 37.90 -18.96
N GLN C 481 -16.96 37.42 -19.91
CA GLN C 481 -17.53 38.22 -20.99
C GLN C 481 -18.87 38.82 -20.62
N LEU C 482 -19.05 40.11 -20.96
CA LEU C 482 -20.27 40.88 -20.71
C LEU C 482 -21.14 40.91 -21.95
N LYS D 1 -22.40 -16.76 -3.57
CA LYS D 1 -21.66 -16.23 -2.43
C LYS D 1 -22.11 -16.83 -1.08
N LEU D 2 -23.28 -17.50 -1.04
CA LEU D 2 -23.82 -18.10 0.18
C LEU D 2 -23.07 -19.35 0.64
N ALA D 3 -22.67 -19.37 1.93
CA ALA D 3 -22.03 -20.49 2.59
C ALA D 3 -23.06 -21.02 3.60
N ASP D 4 -23.92 -21.93 3.13
CA ASP D 4 -25.02 -22.49 3.91
C ASP D 4 -24.57 -23.41 5.06
N CYS D 5 -25.51 -23.74 5.98
CA CYS D 5 -25.29 -24.60 7.14
C CYS D 5 -25.74 -26.05 6.87
N SER D 6 -25.25 -27.01 7.68
CA SER D 6 -25.53 -28.44 7.57
C SER D 6 -27.01 -28.80 7.80
N SER D 7 -27.60 -28.29 8.91
CA SER D 7 -28.99 -28.53 9.29
C SER D 7 -29.95 -27.92 8.28
N LYS D 8 -31.03 -28.66 7.97
CA LYS D 8 -32.06 -28.21 7.04
C LYS D 8 -33.36 -27.85 7.78
N SER D 9 -33.29 -27.83 9.14
CA SER D 9 -34.39 -27.46 10.04
C SER D 9 -34.28 -25.94 10.27
N PRO D 10 -35.21 -25.14 9.70
CA PRO D 10 -35.10 -23.67 9.83
C PRO D 10 -35.24 -23.06 11.23
N GLU D 11 -35.84 -23.80 12.17
N GLU D 11 -35.86 -23.78 12.18
CA GLU D 11 -36.10 -23.41 13.56
CA GLU D 11 -36.07 -23.31 13.54
C GLU D 11 -34.81 -23.16 14.37
C GLU D 11 -34.75 -23.05 14.28
N GLU D 12 -33.74 -23.90 14.05
CA GLU D 12 -32.42 -23.78 14.70
C GLU D 12 -31.36 -23.08 13.83
N CYS D 13 -31.65 -22.89 12.53
CA CYS D 13 -30.73 -22.25 11.58
C CYS D 13 -30.77 -20.74 11.63
N GLU D 14 -29.58 -20.12 11.44
CA GLU D 14 -29.38 -18.67 11.47
C GLU D 14 -28.57 -18.23 10.26
N ILE D 15 -28.97 -17.12 9.62
CA ILE D 15 -28.22 -16.55 8.48
C ILE D 15 -27.63 -15.19 8.88
N PHE D 16 -26.31 -15.06 8.73
CA PHE D 16 -25.61 -13.83 9.04
C PHE D 16 -25.30 -13.08 7.75
N LEU D 17 -25.79 -11.83 7.63
CA LEU D 17 -25.55 -10.97 6.47
C LEU D 17 -24.40 -10.06 6.89
N VAL D 18 -23.19 -10.39 6.40
CA VAL D 18 -21.96 -9.70 6.79
C VAL D 18 -21.51 -8.63 5.77
N GLU D 19 -20.94 -7.53 6.30
CA GLU D 19 -20.43 -6.41 5.53
C GLU D 19 -19.00 -6.75 5.09
N GLY D 20 -18.78 -6.77 3.77
CA GLY D 20 -17.48 -7.04 3.18
C GLY D 20 -17.14 -8.51 3.02
N ASP D 21 -16.39 -8.83 1.96
CA ASP D 21 -15.95 -10.20 1.69
C ASP D 21 -14.84 -10.65 2.64
N SER D 22 -14.06 -9.68 3.17
CA SER D 22 -12.98 -9.92 4.13
C SER D 22 -13.54 -10.47 5.44
N ALA D 23 -14.63 -9.87 5.94
CA ALA D 23 -15.31 -10.33 7.16
C ALA D 23 -16.11 -11.59 6.84
N GLY D 24 -16.58 -11.71 5.58
CA GLY D 24 -17.32 -12.85 5.07
C GLY D 24 -16.57 -14.16 5.23
N GLY D 25 -15.33 -14.19 4.73
CA GLY D 25 -14.44 -15.35 4.82
C GLY D 25 -14.03 -15.66 6.24
N SER D 26 -13.87 -14.60 7.06
CA SER D 26 -13.50 -14.68 8.47
C SER D 26 -14.64 -15.29 9.31
N THR D 27 -15.89 -14.90 9.03
CA THR D 27 -17.08 -15.41 9.71
C THR D 27 -17.37 -16.86 9.31
N LYS D 28 -17.02 -17.27 8.07
CA LYS D 28 -17.21 -18.63 7.57
C LYS D 28 -16.30 -19.63 8.31
N SER D 29 -15.15 -19.16 8.82
CA SER D 29 -14.23 -20.02 9.56
C SER D 29 -14.63 -20.13 11.03
N GLY D 30 -15.01 -19.01 11.65
CA GLY D 30 -15.39 -18.91 13.05
C GLY D 30 -16.73 -19.50 13.44
N ARG D 31 -17.70 -19.50 12.51
CA ARG D 31 -19.07 -19.99 12.69
C ARG D 31 -19.21 -21.46 13.08
N ASP D 32 -20.43 -21.83 13.46
CA ASP D 32 -20.84 -23.20 13.74
C ASP D 32 -21.56 -23.59 12.44
N SER D 33 -20.80 -24.17 11.48
CA SER D 33 -21.28 -24.56 10.14
C SER D 33 -22.49 -25.52 10.13
N ARG D 34 -22.90 -25.99 11.30
CA ARG D 34 -24.05 -26.88 11.47
C ARG D 34 -25.36 -26.09 11.45
N THR D 35 -25.41 -24.95 12.17
CA THR D 35 -26.60 -24.10 12.31
C THR D 35 -26.44 -22.67 11.76
N GLN D 36 -25.22 -22.26 11.43
CA GLN D 36 -24.98 -20.89 10.96
C GLN D 36 -24.56 -20.78 9.49
N ALA D 37 -25.27 -19.92 8.74
CA ALA D 37 -25.03 -19.61 7.33
C ALA D 37 -24.51 -18.18 7.17
N ILE D 38 -23.68 -17.93 6.15
CA ILE D 38 -23.09 -16.61 5.89
C ILE D 38 -23.38 -16.14 4.46
N LEU D 39 -23.86 -14.89 4.33
CA LEU D 39 -24.09 -14.26 3.05
C LEU D 39 -23.36 -12.90 3.03
N PRO D 40 -22.13 -12.85 2.47
CA PRO D 40 -21.41 -11.57 2.43
C PRO D 40 -21.97 -10.58 1.42
N LEU D 41 -22.02 -9.31 1.82
CA LEU D 41 -22.49 -8.22 0.99
C LEU D 41 -21.29 -7.33 0.69
N ARG D 42 -21.04 -7.02 -0.60
CA ARG D 42 -19.90 -6.23 -1.08
C ARG D 42 -19.63 -4.97 -0.24
N GLY D 43 -20.67 -4.18 -0.01
CA GLY D 43 -20.60 -2.95 0.76
C GLY D 43 -21.96 -2.31 0.85
N LYS D 44 -22.10 -1.14 0.20
CA LYS D 44 -23.37 -0.41 0.17
C LYS D 44 -24.35 -1.13 -0.74
N ILE D 45 -25.51 -1.51 -0.19
CA ILE D 45 -26.55 -2.20 -0.96
C ILE D 45 -27.59 -1.19 -1.44
N LEU D 46 -28.35 -1.56 -2.49
CA LEU D 46 -29.37 -0.75 -3.15
C LEU D 46 -30.47 -0.27 -2.21
N ASN D 47 -30.81 1.04 -2.26
CA ASN D 47 -31.89 1.63 -1.47
C ASN D 47 -33.17 1.40 -2.28
N VAL D 48 -34.00 0.45 -1.81
CA VAL D 48 -35.25 0.04 -2.47
C VAL D 48 -36.31 1.16 -2.48
N GLU D 49 -36.23 2.10 -1.51
CA GLU D 49 -37.13 3.24 -1.37
C GLU D 49 -36.96 4.23 -2.54
N LYS D 50 -35.73 4.33 -3.09
CA LYS D 50 -35.37 5.22 -4.19
C LYS D 50 -35.37 4.50 -5.56
N ALA D 51 -35.27 3.16 -5.56
CA ALA D 51 -35.19 2.34 -6.77
C ALA D 51 -36.52 1.80 -7.27
N ARG D 52 -36.61 1.60 -8.60
N ARG D 52 -36.64 1.62 -8.60
CA ARG D 52 -37.78 1.05 -9.31
CA ARG D 52 -37.83 1.04 -9.24
C ARG D 52 -37.79 -0.48 -9.14
C ARG D 52 -37.81 -0.48 -9.11
N LEU D 53 -39.00 -1.10 -9.14
CA LEU D 53 -39.17 -2.56 -8.98
C LEU D 53 -38.30 -3.40 -9.91
N ASP D 54 -38.19 -3.01 -11.21
N ASP D 54 -38.18 -3.00 -11.20
CA ASP D 54 -37.37 -3.70 -12.21
CA ASP D 54 -37.36 -3.72 -12.19
C ASP D 54 -35.88 -3.72 -11.83
C ASP D 54 -35.88 -3.73 -11.81
N ARG D 55 -35.37 -2.61 -11.25
CA ARG D 55 -33.98 -2.45 -10.79
C ARG D 55 -33.74 -3.26 -9.52
N ILE D 56 -34.74 -3.33 -8.61
CA ILE D 56 -34.69 -4.09 -7.35
C ILE D 56 -34.57 -5.58 -7.65
N LEU D 57 -35.45 -6.11 -8.51
CA LEU D 57 -35.50 -7.51 -8.91
C LEU D 57 -34.30 -7.95 -9.77
N ASN D 58 -33.60 -6.98 -10.40
CA ASN D 58 -32.43 -7.24 -11.24
C ASN D 58 -31.11 -7.18 -10.45
N ASN D 59 -31.13 -6.59 -9.24
CA ASN D 59 -29.95 -6.45 -8.37
C ASN D 59 -29.54 -7.81 -7.81
N ASN D 60 -28.25 -8.18 -8.01
N ASN D 60 -28.26 -8.19 -8.02
CA ASN D 60 -27.65 -9.45 -7.59
CA ASN D 60 -27.68 -9.47 -7.59
C ASN D 60 -27.70 -9.69 -6.08
C ASN D 60 -27.71 -9.69 -6.07
N GLU D 61 -27.35 -8.66 -5.27
CA GLU D 61 -27.34 -8.72 -3.80
C GLU D 61 -28.74 -8.97 -3.23
N ILE D 62 -29.77 -8.30 -3.81
CA ILE D 62 -31.18 -8.43 -3.45
C ILE D 62 -31.67 -9.86 -3.78
N ARG D 63 -31.37 -10.36 -5.00
N ARG D 63 -31.37 -10.35 -5.00
CA ARG D 63 -31.75 -11.70 -5.47
CA ARG D 63 -31.71 -11.69 -5.50
C ARG D 63 -31.14 -12.80 -4.59
C ARG D 63 -31.13 -12.80 -4.63
N GLN D 64 -29.86 -12.65 -4.20
CA GLN D 64 -29.12 -13.60 -3.35
C GLN D 64 -29.77 -13.74 -1.97
N MET D 65 -30.32 -12.62 -1.44
CA MET D 65 -31.01 -12.59 -0.15
C MET D 65 -32.37 -13.28 -0.23
N ILE D 66 -33.12 -13.04 -1.34
CA ILE D 66 -34.44 -13.64 -1.61
C ILE D 66 -34.30 -15.17 -1.73
N THR D 67 -33.31 -15.64 -2.53
CA THR D 67 -33.02 -17.07 -2.78
C THR D 67 -32.64 -17.78 -1.46
N ALA D 68 -31.78 -17.15 -0.63
CA ALA D 68 -31.33 -17.70 0.64
C ALA D 68 -32.47 -17.83 1.66
N PHE D 69 -33.31 -16.79 1.80
CA PHE D 69 -34.44 -16.78 2.74
C PHE D 69 -35.55 -17.74 2.32
N GLY D 70 -35.72 -17.92 1.00
CA GLY D 70 -36.69 -18.81 0.38
C GLY D 70 -38.14 -18.59 0.73
N THR D 71 -38.51 -17.34 1.05
CA THR D 71 -39.88 -16.96 1.43
C THR D 71 -40.66 -16.35 0.27
N GLY D 72 -39.96 -15.72 -0.66
CA GLY D 72 -40.55 -14.96 -1.75
C GLY D 72 -40.63 -13.50 -1.33
N ILE D 73 -41.29 -12.65 -2.14
CA ILE D 73 -41.38 -11.22 -1.81
C ILE D 73 -42.79 -10.65 -1.97
N GLY D 74 -43.08 -9.60 -1.20
CA GLY D 74 -44.34 -8.86 -1.18
C GLY D 74 -45.57 -9.68 -0.94
N GLY D 75 -46.43 -9.76 -1.95
CA GLY D 75 -47.67 -10.51 -1.91
C GLY D 75 -47.48 -12.02 -1.97
N ASP D 76 -46.35 -12.48 -2.53
CA ASP D 76 -46.00 -13.89 -2.66
C ASP D 76 -45.16 -14.42 -1.48
N PHE D 77 -45.01 -13.61 -0.41
CA PHE D 77 -44.25 -13.96 0.79
C PHE D 77 -44.91 -15.09 1.58
N ASP D 78 -44.12 -16.13 1.89
CA ASP D 78 -44.56 -17.30 2.67
C ASP D 78 -43.62 -17.48 3.86
N LEU D 79 -44.10 -17.15 5.06
CA LEU D 79 -43.35 -17.24 6.33
C LEU D 79 -42.99 -18.67 6.70
N ALA D 80 -43.86 -19.64 6.34
CA ALA D 80 -43.66 -21.07 6.59
C ALA D 80 -42.52 -21.64 5.72
N LYS D 81 -42.18 -20.95 4.62
CA LYS D 81 -41.12 -21.33 3.68
C LYS D 81 -39.75 -20.72 4.04
N ALA D 82 -39.66 -20.01 5.20
CA ALA D 82 -38.41 -19.41 5.69
C ALA D 82 -37.38 -20.49 5.96
N ARG D 83 -36.16 -20.33 5.41
CA ARG D 83 -35.07 -21.31 5.57
C ARG D 83 -34.28 -21.08 6.86
N TYR D 84 -34.48 -19.90 7.49
CA TYR D 84 -33.81 -19.52 8.74
C TYR D 84 -34.78 -18.71 9.60
N HIS D 85 -34.87 -19.06 10.90
CA HIS D 85 -35.74 -18.33 11.84
C HIS D 85 -35.01 -17.15 12.48
N LYS D 86 -33.73 -16.96 12.11
CA LYS D 86 -32.87 -15.86 12.56
C LYS D 86 -32.09 -15.27 11.39
N ILE D 87 -32.43 -14.05 10.98
CA ILE D 87 -31.76 -13.28 9.93
C ILE D 87 -31.00 -12.21 10.70
N VAL D 88 -29.68 -12.37 10.81
CA VAL D 88 -28.83 -11.49 11.61
C VAL D 88 -28.04 -10.49 10.74
N ILE D 89 -28.24 -9.19 11.00
CA ILE D 89 -27.55 -8.10 10.33
C ILE D 89 -26.24 -7.87 11.10
N MET D 90 -25.11 -8.25 10.47
CA MET D 90 -23.77 -8.14 11.06
C MET D 90 -22.91 -7.15 10.25
N THR D 91 -22.90 -5.89 10.70
CA THR D 91 -22.12 -4.81 10.06
C THR D 91 -21.15 -4.18 11.08
N ASP D 92 -20.11 -3.47 10.59
CA ASP D 92 -19.10 -2.80 11.40
C ASP D 92 -19.72 -1.80 12.38
N ALA D 93 -19.11 -1.67 13.57
CA ALA D 93 -19.57 -0.73 14.60
C ALA D 93 -19.14 0.73 14.28
N ASP D 94 -19.40 1.15 13.02
CA ASP D 94 -19.12 2.47 12.49
C ASP D 94 -20.31 3.03 11.71
N VAL D 95 -20.19 4.29 11.26
CA VAL D 95 -21.22 5.04 10.53
C VAL D 95 -21.66 4.38 9.21
N ASP D 96 -20.72 3.76 8.46
CA ASP D 96 -21.06 3.08 7.21
C ASP D 96 -21.77 1.76 7.45
N GLY D 97 -21.40 1.09 8.56
CA GLY D 97 -22.03 -0.13 9.03
C GLY D 97 -23.46 0.13 9.42
N ALA D 98 -23.71 1.32 10.01
CA ALA D 98 -25.04 1.81 10.40
C ALA D 98 -25.89 2.06 9.16
N HIS D 99 -25.26 2.58 8.08
CA HIS D 99 -25.91 2.88 6.81
C HIS D 99 -26.35 1.61 6.09
N ILE D 100 -25.46 0.58 6.02
CA ILE D 100 -25.77 -0.72 5.41
C ILE D 100 -26.96 -1.35 6.14
N ARG D 101 -26.99 -1.19 7.49
CA ARG D 101 -28.07 -1.65 8.35
C ARG D 101 -29.40 -0.95 8.00
N THR D 102 -29.37 0.39 7.76
CA THR D 102 -30.58 1.13 7.37
C THR D 102 -31.09 0.63 6.02
N LEU D 103 -30.15 0.43 5.06
CA LEU D 103 -30.44 -0.07 3.71
C LEU D 103 -31.06 -1.48 3.75
N LEU D 104 -30.51 -2.36 4.62
CA LEU D 104 -31.01 -3.72 4.79
C LEU D 104 -32.39 -3.75 5.44
N LEU D 105 -32.63 -2.88 6.44
CA LEU D 105 -33.91 -2.78 7.13
C LEU D 105 -34.98 -2.21 6.20
N THR D 106 -34.59 -1.32 5.26
CA THR D 106 -35.49 -0.73 4.26
C THR D 106 -36.01 -1.81 3.32
N PHE D 107 -35.13 -2.73 2.87
CA PHE D 107 -35.49 -3.84 2.00
C PHE D 107 -36.44 -4.83 2.70
N PHE D 108 -36.14 -5.19 3.96
CA PHE D 108 -36.96 -6.10 4.74
C PHE D 108 -38.32 -5.51 5.06
N TYR D 109 -38.40 -4.21 5.39
CA TYR D 109 -39.67 -3.56 5.69
C TYR D 109 -40.60 -3.43 4.48
N ARG D 110 -40.03 -3.18 3.29
CA ARG D 110 -40.81 -2.97 2.07
C ARG D 110 -41.09 -4.24 1.25
N PHE D 111 -40.31 -5.33 1.45
CA PHE D 111 -40.49 -6.55 0.67
C PHE D 111 -40.74 -7.82 1.50
N MET D 112 -40.28 -7.84 2.76
CA MET D 112 -40.42 -8.98 3.65
C MET D 112 -40.92 -8.53 5.04
N ARG D 113 -41.95 -7.65 5.07
CA ARG D 113 -42.50 -7.09 6.30
C ARG D 113 -42.93 -8.16 7.35
N PRO D 114 -43.63 -9.29 7.00
CA PRO D 114 -43.98 -10.27 8.05
C PRO D 114 -42.80 -10.98 8.72
N LEU D 115 -41.60 -10.91 8.08
CA LEU D 115 -40.35 -11.48 8.60
C LEU D 115 -39.90 -10.71 9.86
N ILE D 116 -40.15 -9.39 9.90
CA ILE D 116 -39.84 -8.52 11.04
C ILE D 116 -40.91 -8.79 12.12
N GLU D 117 -42.20 -8.88 11.69
CA GLU D 117 -43.38 -9.12 12.53
C GLU D 117 -43.28 -10.44 13.31
N ALA D 118 -42.66 -11.47 12.71
CA ALA D 118 -42.46 -12.79 13.32
C ALA D 118 -41.25 -12.82 14.27
N GLY D 119 -40.47 -11.74 14.28
CA GLY D 119 -39.29 -11.59 15.13
C GLY D 119 -38.11 -12.40 14.60
N TYR D 120 -38.03 -12.56 13.27
CA TYR D 120 -36.97 -13.30 12.60
C TYR D 120 -35.76 -12.42 12.26
N VAL D 121 -35.95 -11.09 12.23
CA VAL D 121 -34.88 -10.12 11.92
C VAL D 121 -34.18 -9.67 13.22
N TYR D 122 -32.85 -9.84 13.25
CA TYR D 122 -31.99 -9.50 14.39
C TYR D 122 -30.82 -8.62 13.96
N ILE D 123 -30.22 -7.90 14.91
CA ILE D 123 -29.03 -7.06 14.70
C ILE D 123 -27.92 -7.59 15.60
N ALA D 124 -26.79 -8.00 14.98
CA ALA D 124 -25.62 -8.49 15.70
C ALA D 124 -24.96 -7.33 16.43
N GLN D 125 -24.36 -7.61 17.59
CA GLN D 125 -23.67 -6.58 18.37
C GLN D 125 -22.17 -6.89 18.47
N PRO D 126 -21.37 -6.49 17.45
CA PRO D 126 -19.92 -6.75 17.50
C PRO D 126 -19.23 -5.80 18.48
N PRO D 127 -17.96 -6.08 18.91
CA PRO D 127 -17.30 -5.18 19.86
C PRO D 127 -17.18 -3.75 19.35
N THR D 128 -17.57 -2.78 20.20
CA THR D 128 -17.53 -1.35 19.88
C THR D 128 -16.08 -0.84 19.89
N GLY D 129 -15.78 0.08 18.99
CA GLY D 129 -14.45 0.67 18.86
C GLY D 129 -14.08 1.05 17.44
N TYR D 130 -12.77 1.25 17.23
CA TYR D 130 -12.17 1.64 15.94
C TYR D 130 -12.03 0.47 14.96
N LYS D 131 -11.98 -0.78 15.48
CA LYS D 131 -11.81 -1.99 14.69
C LYS D 131 -13.10 -2.47 14.01
N GLY D 132 -13.00 -2.72 12.71
CA GLY D 132 -14.07 -3.25 11.88
C GLY D 132 -14.06 -4.76 11.88
N LEU D 133 -15.13 -5.37 11.34
CA LEU D 133 -15.26 -6.84 11.29
C LEU D 133 -14.14 -7.49 10.46
N GLY D 134 -13.76 -6.86 9.34
CA GLY D 134 -12.71 -7.33 8.44
C GLY D 134 -11.33 -7.40 9.06
N GLU D 135 -11.12 -6.68 10.16
CA GLU D 135 -9.86 -6.62 10.91
C GLU D 135 -9.78 -7.70 12.00
N MET D 136 -10.90 -8.34 12.32
CA MET D 136 -10.99 -9.32 13.40
C MET D 136 -10.66 -10.76 12.97
N ASN D 137 -10.11 -11.55 13.93
CA ASN D 137 -9.80 -12.97 13.77
C ASN D 137 -11.11 -13.75 13.78
N ALA D 138 -11.12 -14.96 13.18
CA ALA D 138 -12.30 -15.82 13.11
C ALA D 138 -12.80 -16.26 14.50
N ASP D 139 -11.87 -16.49 15.47
CA ASP D 139 -12.22 -16.91 16.84
C ASP D 139 -12.81 -15.77 17.66
N GLN D 140 -12.34 -14.52 17.47
CA GLN D 140 -12.90 -13.39 18.23
C GLN D 140 -14.27 -12.97 17.69
N LEU D 141 -14.53 -13.15 16.38
CA LEU D 141 -15.84 -12.88 15.77
C LEU D 141 -16.87 -13.87 16.28
N TRP D 142 -16.42 -15.12 16.57
CA TRP D 142 -17.25 -16.19 17.11
C TRP D 142 -17.61 -15.88 18.56
N GLU D 143 -16.60 -15.75 19.44
CA GLU D 143 -16.75 -15.50 20.87
C GLU D 143 -17.53 -14.23 21.25
N THR D 144 -17.41 -13.16 20.46
CA THR D 144 -18.07 -11.89 20.77
C THR D 144 -19.39 -11.63 20.03
N THR D 145 -19.57 -12.20 18.82
CA THR D 145 -20.76 -11.88 18.02
C THR D 145 -21.59 -13.08 17.53
N MET D 146 -20.98 -14.25 17.30
CA MET D 146 -21.69 -15.40 16.73
C MET D 146 -22.09 -16.52 17.70
N ASN D 147 -21.32 -16.73 18.78
CA ASN D 147 -21.56 -17.77 19.79
C ASN D 147 -22.85 -17.49 20.59
N PRO D 148 -23.88 -18.37 20.52
CA PRO D 148 -25.13 -18.12 21.28
C PRO D 148 -24.97 -18.02 22.80
N GLU D 149 -23.84 -18.53 23.33
CA GLU D 149 -23.48 -18.52 24.75
C GLU D 149 -23.14 -17.12 25.27
N HIS D 150 -22.40 -16.32 24.48
CA HIS D 150 -21.93 -14.99 24.90
C HIS D 150 -22.44 -13.80 24.07
N ARG D 151 -22.99 -14.04 22.86
CA ARG D 151 -23.49 -12.96 22.00
C ARG D 151 -24.72 -12.25 22.60
N ALA D 152 -24.94 -11.00 22.17
CA ALA D 152 -26.08 -10.19 22.57
C ALA D 152 -26.78 -9.70 21.30
N LEU D 153 -27.85 -10.40 20.89
CA LEU D 153 -28.60 -10.07 19.68
C LEU D 153 -29.76 -9.13 19.99
N LEU D 154 -29.97 -8.12 19.13
CA LEU D 154 -31.08 -7.17 19.25
C LEU D 154 -32.19 -7.63 18.32
N GLN D 155 -33.34 -8.02 18.88
CA GLN D 155 -34.48 -8.45 18.08
C GLN D 155 -35.19 -7.21 17.55
N VAL D 156 -35.32 -7.11 16.22
CA VAL D 156 -35.97 -5.97 15.55
C VAL D 156 -37.48 -6.08 15.74
N LYS D 157 -38.07 -5.08 16.40
CA LYS D 157 -39.50 -5.02 16.71
C LYS D 157 -40.22 -3.89 15.98
N LEU D 158 -41.44 -4.15 15.52
CA LEU D 158 -42.30 -3.19 14.84
C LEU D 158 -43.46 -2.84 15.80
N GLU D 159 -43.48 -1.59 16.29
CA GLU D 159 -44.48 -1.10 17.24
C GLU D 159 -45.64 -0.36 16.58
N ASP D 160 -45.34 0.64 15.73
CA ASP D 160 -46.33 1.42 14.99
C ASP D 160 -46.00 1.37 13.49
N ALA D 161 -46.90 0.75 12.70
CA ALA D 161 -46.75 0.60 11.25
C ALA D 161 -46.85 1.92 10.49
N ILE D 162 -47.73 2.85 10.98
CA ILE D 162 -47.93 4.18 10.39
C ILE D 162 -46.66 5.02 10.58
N GLU D 163 -46.10 5.00 11.81
CA GLU D 163 -44.87 5.72 12.19
C GLU D 163 -43.68 5.22 11.38
N ALA D 164 -43.55 3.87 11.22
CA ALA D 164 -42.47 3.25 10.46
C ALA D 164 -42.52 3.61 8.97
N ASP D 165 -43.74 3.58 8.35
CA ASP D 165 -43.95 3.95 6.95
C ASP D 165 -43.44 5.37 6.70
N GLN D 166 -43.77 6.30 7.62
CA GLN D 166 -43.37 7.71 7.58
C GLN D 166 -41.87 7.87 7.78
N THR D 167 -41.27 7.05 8.69
CA THR D 167 -39.85 7.04 9.02
C THR D 167 -39.02 6.54 7.81
N PHE D 168 -39.44 5.43 7.17
CA PHE D 168 -38.76 4.89 5.99
C PHE D 168 -38.86 5.80 4.77
N GLU D 169 -39.97 6.57 4.66
CA GLU D 169 -40.20 7.51 3.57
C GLU D 169 -39.38 8.79 3.73
N MET D 170 -39.23 9.27 4.98
CA MET D 170 -38.48 10.48 5.30
C MET D 170 -36.96 10.27 5.15
N LEU D 171 -36.43 9.23 5.81
CA LEU D 171 -35.00 8.90 5.83
C LEU D 171 -34.45 8.32 4.54
N MET D 172 -35.22 7.46 3.85
CA MET D 172 -34.72 6.77 2.65
C MET D 172 -35.37 7.17 1.32
N GLY D 173 -36.44 7.97 1.38
CA GLY D 173 -37.17 8.42 0.19
C GLY D 173 -36.44 9.42 -0.69
N ASP D 174 -37.05 9.74 -1.83
N ASP D 174 -37.06 9.75 -1.84
CA ASP D 174 -36.53 10.67 -2.84
CA ASP D 174 -36.53 10.68 -2.84
C ASP D 174 -36.55 12.15 -2.40
C ASP D 174 -36.52 12.14 -2.36
N VAL D 175 -37.45 12.52 -1.47
CA VAL D 175 -37.58 13.90 -0.95
C VAL D 175 -36.43 14.24 0.01
N VAL D 176 -35.48 15.05 -0.47
CA VAL D 176 -34.27 15.48 0.25
C VAL D 176 -34.59 16.45 1.39
N GLU D 177 -35.46 17.45 1.15
CA GLU D 177 -35.83 18.50 2.12
C GLU D 177 -36.32 17.96 3.48
N ASN D 178 -37.20 16.94 3.47
CA ASN D 178 -37.73 16.34 4.70
C ASN D 178 -36.63 15.63 5.49
N ARG D 179 -35.67 15.02 4.76
CA ARG D 179 -34.50 14.34 5.31
C ARG D 179 -33.55 15.39 5.91
N ARG D 180 -33.34 16.51 5.20
CA ARG D 180 -32.50 17.65 5.62
C ARG D 180 -33.09 18.28 6.89
N GLN D 181 -34.43 18.41 6.95
CA GLN D 181 -35.15 18.97 8.10
C GLN D 181 -34.98 18.06 9.33
N PHE D 182 -35.02 16.73 9.13
CA PHE D 182 -34.81 15.75 10.19
C PHE D 182 -33.40 15.89 10.77
N ILE D 183 -32.38 16.02 9.88
CA ILE D 183 -30.98 16.16 10.27
C ILE D 183 -30.81 17.43 11.12
N GLU D 184 -31.30 18.60 10.61
CA GLU D 184 -31.25 19.90 11.27
C GLU D 184 -31.90 19.88 12.67
N ASP D 185 -33.06 19.21 12.80
CA ASP D 185 -33.79 19.14 14.06
C ASP D 185 -33.17 18.23 15.11
N ASN D 186 -32.57 17.11 14.69
CA ASN D 186 -32.00 16.11 15.60
C ASN D 186 -30.46 16.13 15.69
N ALA D 187 -29.79 17.04 14.97
CA ALA D 187 -28.33 17.18 14.96
C ALA D 187 -27.75 17.64 16.28
N VAL D 188 -26.81 16.87 16.85
CA VAL D 188 -26.11 17.16 18.11
C VAL D 188 -24.60 17.28 17.82
N TYR D 189 -24.15 18.51 17.51
CA TYR D 189 -22.74 18.80 17.20
C TYR D 189 -21.90 18.90 18.48
MN MN H . -4.94 -40.05 -3.96
C1 GOL I . 2.01 -4.67 22.42
O1 GOL I . 2.88 -4.12 23.42
C2 GOL I . 1.75 -6.13 22.67
O2 GOL I . 0.83 -6.62 21.68
C3 GOL I . 3.02 -6.95 22.64
O3 GOL I . 2.73 -8.33 22.82
C1 GOL J . -3.18 -25.81 11.32
O1 GOL J . -4.55 -25.92 10.90
C2 GOL J . -2.75 -27.09 12.02
O2 GOL J . -2.64 -28.14 11.06
C3 GOL J . -1.41 -26.87 12.70
O3 GOL J . -1.59 -26.68 14.10
MN MN K . 8.89 -3.86 -14.68
C1 GOL L . -11.77 15.00 11.82
O1 GOL L . -12.67 14.34 10.93
C2 GOL L . -10.87 15.97 11.09
O2 GOL L . -11.66 16.85 10.28
C3 GOL L . -9.85 15.25 10.24
O3 GOL L . -8.99 16.19 9.59
C1 GOL M . -14.24 31.52 -45.92
O1 GOL M . -15.16 31.64 -46.99
C2 GOL M . -12.83 31.38 -46.42
O2 GOL M . -12.27 30.16 -45.94
C3 GOL M . -11.95 32.53 -46.01
O3 GOL M . -11.83 32.63 -44.60
MN MN N . -16.06 -0.15 8.33
C1 GOL O . -3.81 -24.40 -0.41
O1 GOL O . -2.83 -25.35 -0.83
C2 GOL O . -3.80 -24.25 1.09
O2 GOL O . -4.61 -23.11 1.45
C3 GOL O . -4.33 -25.48 1.78
O3 GOL O . -3.64 -25.70 3.01
C1 GOL P . -1.40 -11.79 -9.50
O1 GOL P . -0.26 -11.47 -8.70
C2 GOL P . -2.67 -11.23 -8.91
O2 GOL P . -3.79 -11.70 -9.67
C3 GOL P . -2.66 -9.73 -8.90
O3 GOL P . -3.73 -9.22 -8.10
#